data_9O4U
#
_entry.id   9O4U
#
_cell.length_a   53.525
_cell.length_b   161.369
_cell.length_c   88.610
_cell.angle_alpha   90.000
_cell.angle_beta   95.699
_cell.angle_gamma   90.000
#
_symmetry.space_group_name_H-M   'P 1 21 1'
#
loop_
_entity.id
_entity.type
_entity.pdbx_description
1 polymer 'Beta-D-glucuronic acid dehydratase'
2 water water
#
_entity_poly.entity_id   1
_entity_poly.type   'polypeptide(L)'
_entity_poly.pdbx_seq_one_letter_code
;KDKKKGKKNIPMTEIQTTGTQDRAIWVKLLWKISYPVIHNLAEGTLHQNMPIETRSGETAGYKDMTHLEAVGRTLAGVAP
WLALPDDDTEEGKLRKQMREEVLKGLKNAVDPASPDLLNFTKHAQPIVDAAYLVHAFLRAPKALWEPLDEVTKERYIKSF
QSLRDRTGAYNNWLLFTGLTESFLLGKGVQYDQFRIRVSKNKVKEWYVGDGWYSDGPSFSMDNYNAYVMHSMMVAMLENL
LPKRWASQKELDEAMNRMIRHSEFCERMIAPDGTYPAFGRSVTYRTAAFQSLADVALRKKLPSHVSPAQVRCALTAVHRN
MYEGNQNFDKDGWLVLGFNGHQPECADGYTSTGSLYMATLSFLPLGLPADDPFWTDAYADWTSKKAWKGGHLHKDYKVEY
;
_entity_poly.pdbx_strand_id   A,B,C,D
#
# COMPACT_ATOMS: atom_id res chain seq x y z
N GLN A 16 33.98 -4.36 -37.47
CA GLN A 16 33.67 -4.66 -36.08
C GLN A 16 34.78 -5.46 -35.43
N THR A 17 35.00 -5.23 -34.15
CA THR A 17 35.95 -6.00 -33.39
C THR A 17 35.41 -7.42 -33.14
N THR A 18 36.33 -8.35 -32.85
CA THR A 18 35.93 -9.68 -32.41
C THR A 18 35.65 -9.69 -30.92
N GLY A 19 34.99 -10.75 -30.45
CA GLY A 19 34.81 -10.92 -29.02
C GLY A 19 36.13 -11.04 -28.28
N THR A 20 37.14 -11.64 -28.91
CA THR A 20 38.47 -11.68 -28.30
C THR A 20 39.02 -10.28 -28.10
N GLN A 21 38.89 -9.43 -29.13
CA GLN A 21 39.35 -8.04 -29.00
C GLN A 21 38.55 -7.28 -27.97
N ASP A 22 37.23 -7.53 -27.92
CA ASP A 22 36.41 -6.90 -26.91
C ASP A 22 36.94 -7.21 -25.51
N ARG A 23 37.27 -8.48 -25.25
CA ARG A 23 37.77 -8.85 -23.93
C ARG A 23 39.06 -8.11 -23.59
N ALA A 24 39.96 -7.96 -24.56
CA ALA A 24 41.21 -7.25 -24.29
C ALA A 24 40.95 -5.78 -23.98
N ILE A 25 39.92 -5.19 -24.60
CA ILE A 25 39.56 -3.82 -24.27
C ILE A 25 39.02 -3.73 -22.85
N TRP A 26 38.12 -4.66 -22.46
CA TRP A 26 37.58 -4.60 -21.10
C TRP A 26 38.67 -4.80 -20.07
N VAL A 27 39.56 -5.76 -20.32
CA VAL A 27 40.72 -5.92 -19.46
C VAL A 27 41.47 -4.61 -19.33
N LYS A 28 41.84 -4.02 -20.47
CA LYS A 28 42.61 -2.79 -20.44
C LYS A 28 41.90 -1.70 -19.63
N LEU A 29 40.60 -1.51 -19.87
CA LEU A 29 39.91 -0.39 -19.25
C LEU A 29 39.57 -0.66 -17.79
N LEU A 30 39.24 -1.92 -17.45
CA LEU A 30 39.03 -2.26 -16.04
C LEU A 30 40.32 -2.08 -15.25
N TRP A 31 41.45 -2.44 -15.87
CA TRP A 31 42.76 -2.20 -15.24
C TRP A 31 43.02 -0.72 -15.10
N LYS A 32 42.70 0.05 -16.14
CA LYS A 32 42.90 1.49 -16.08
C LYS A 32 42.15 2.11 -14.91
N ILE A 33 40.95 1.62 -14.63
CA ILE A 33 40.16 2.14 -13.54
C ILE A 33 40.71 1.66 -12.20
N SER A 34 40.85 0.35 -12.04
CA SER A 34 41.04 -0.22 -10.71
C SER A 34 42.49 -0.14 -10.24
N TYR A 35 43.46 -0.20 -11.14
CA TYR A 35 44.84 -0.38 -10.69
C TYR A 35 45.35 0.73 -9.77
N PRO A 36 45.02 2.01 -9.99
CA PRO A 36 45.49 3.02 -9.02
C PRO A 36 45.01 2.80 -7.60
N VAL A 37 43.77 2.33 -7.42
CA VAL A 37 43.29 2.01 -6.08
C VAL A 37 44.01 0.79 -5.54
N ILE A 38 44.06 -0.27 -6.33
CA ILE A 38 44.60 -1.53 -5.82
C ILE A 38 46.09 -1.40 -5.52
N HIS A 39 46.86 -0.84 -6.46
CA HIS A 39 48.31 -0.75 -6.26
C HIS A 39 48.65 0.17 -5.10
N ASN A 40 47.93 1.27 -4.96
CA ASN A 40 48.25 2.20 -3.87
C ASN A 40 47.92 1.57 -2.52
N LEU A 41 46.79 0.87 -2.41
CA LEU A 41 46.49 0.16 -1.17
C LEU A 41 47.51 -0.94 -0.92
N ALA A 42 47.92 -1.64 -1.99
CA ALA A 42 48.98 -2.63 -1.85
C ALA A 42 50.24 -2.00 -1.30
N GLU A 43 50.60 -0.81 -1.79
CA GLU A 43 51.83 -0.15 -1.37
C GLU A 43 51.66 0.65 -0.09
N GLY A 44 50.48 0.63 0.51
CA GLY A 44 50.21 1.46 1.67
C GLY A 44 50.21 2.94 1.40
N THR A 45 50.00 3.36 0.16
CA THR A 45 50.05 4.78 -0.19
C THR A 45 48.72 5.31 -0.72
N LEU A 46 47.61 4.60 -0.49
CA LEU A 46 46.32 5.06 -1.01
C LEU A 46 45.88 6.36 -0.33
N HIS A 47 46.07 6.48 1.00
CA HIS A 47 45.77 7.74 1.67
C HIS A 47 46.68 8.86 1.20
N GLN A 48 47.97 8.57 1.07
CA GLN A 48 48.94 9.56 0.63
C GLN A 48 48.67 10.02 -0.81
N ASN A 49 48.16 9.12 -1.67
CA ASN A 49 48.14 9.39 -3.11
C ASN A 49 46.77 9.64 -3.73
N MET A 50 45.69 9.19 -3.13
CA MET A 50 44.40 9.32 -3.82
C MET A 50 43.84 10.72 -3.65
N PRO A 51 43.36 11.36 -4.72
CA PRO A 51 42.66 12.64 -4.55
C PRO A 51 41.43 12.50 -3.65
N ILE A 52 40.99 13.64 -3.12
CA ILE A 52 39.73 13.70 -2.41
C ILE A 52 38.94 14.83 -3.05
N GLU A 53 38.65 14.67 -4.35
CA GLU A 53 37.89 15.67 -5.08
C GLU A 53 36.43 15.66 -4.65
N THR A 54 35.90 16.85 -4.37
CA THR A 54 34.49 17.07 -4.09
C THR A 54 34.03 18.27 -4.88
N ARG A 55 32.71 18.37 -5.09
CA ARG A 55 32.17 19.50 -5.82
C ARG A 55 32.56 20.82 -5.14
N SER A 56 32.45 20.87 -3.81
CA SER A 56 32.78 22.09 -3.09
C SER A 56 34.29 22.30 -3.00
N GLY A 57 35.07 21.23 -2.96
CA GLY A 57 36.49 21.31 -2.68
C GLY A 57 36.87 20.93 -1.27
N GLU A 58 35.92 21.00 -0.33
CA GLU A 58 36.20 20.57 1.03
C GLU A 58 36.63 19.11 1.05
N THR A 59 37.57 18.79 1.93
CA THR A 59 37.96 17.41 2.12
C THR A 59 37.70 16.88 3.52
N ALA A 60 37.40 17.76 4.49
CA ALA A 60 37.08 17.28 5.83
C ALA A 60 35.82 16.43 5.82
N GLY A 61 35.82 15.37 6.63
CA GLY A 61 34.74 14.42 6.65
C GLY A 61 34.88 13.40 5.54
N TYR A 62 34.86 13.90 4.30
CA TYR A 62 35.16 13.07 3.13
C TYR A 62 36.43 12.26 3.36
N LYS A 63 37.47 12.90 3.91
CA LYS A 63 38.74 12.22 4.09
C LYS A 63 38.63 11.03 5.04
N ASP A 64 37.61 10.99 5.89
CA ASP A 64 37.43 9.85 6.79
C ASP A 64 36.80 8.65 6.11
N MET A 65 36.15 8.85 4.96
CA MET A 65 35.34 7.79 4.37
C MET A 65 35.73 7.41 2.95
N THR A 66 36.46 8.25 2.24
CA THR A 66 36.57 8.11 0.79
C THR A 66 37.47 6.94 0.41
N HIS A 67 38.44 6.59 1.25
CA HIS A 67 39.35 5.52 0.87
C HIS A 67 38.70 4.15 0.97
N LEU A 68 37.80 3.96 1.94
CA LEU A 68 37.04 2.71 1.95
C LEU A 68 36.05 2.65 0.79
N GLU A 69 35.50 3.80 0.40
CA GLU A 69 34.65 3.84 -0.78
C GLU A 69 35.39 3.32 -2.00
N ALA A 70 36.58 3.86 -2.26
CA ALA A 70 37.34 3.42 -3.42
C ALA A 70 37.60 1.91 -3.37
N VAL A 71 38.01 1.40 -2.20
CA VAL A 71 38.43 0.01 -2.10
C VAL A 71 37.24 -0.92 -2.26
N GLY A 72 36.18 -0.69 -1.47
CA GLY A 72 35.03 -1.56 -1.55
C GLY A 72 34.43 -1.57 -2.95
N ARG A 73 34.25 -0.37 -3.54
CA ARG A 73 33.60 -0.30 -4.84
C ARG A 73 34.49 -0.88 -5.94
N THR A 74 35.79 -0.59 -5.90
CA THR A 74 36.71 -1.20 -6.88
C THR A 74 36.65 -2.72 -6.82
N LEU A 75 36.72 -3.27 -5.61
CA LEU A 75 36.86 -4.72 -5.47
C LEU A 75 35.58 -5.44 -5.84
N ALA A 76 34.42 -4.87 -5.48
CA ALA A 76 33.14 -5.45 -5.87
C ALA A 76 33.05 -5.67 -7.37
N GLY A 77 33.73 -4.83 -8.15
CA GLY A 77 33.65 -4.91 -9.60
C GLY A 77 34.70 -5.80 -10.22
N VAL A 78 35.93 -5.79 -9.69
CA VAL A 78 36.96 -6.68 -10.24
C VAL A 78 36.87 -8.09 -9.69
N ALA A 79 36.14 -8.30 -8.59
CA ALA A 79 36.14 -9.62 -7.96
C ALA A 79 35.83 -10.77 -8.93
N PRO A 80 34.80 -10.70 -9.79
CA PRO A 80 34.56 -11.85 -10.69
C PRO A 80 35.74 -12.16 -11.60
N TRP A 81 36.36 -11.15 -12.19
CA TRP A 81 37.53 -11.36 -13.04
C TRP A 81 38.61 -12.13 -12.29
N LEU A 82 38.93 -11.66 -11.08
CA LEU A 82 39.96 -12.24 -10.23
C LEU A 82 39.56 -13.60 -9.69
N ALA A 83 38.29 -13.99 -9.84
CA ALA A 83 37.86 -15.32 -9.43
C ALA A 83 38.24 -16.41 -10.43
N LEU A 84 38.63 -16.06 -11.65
CA LEU A 84 38.91 -17.07 -12.66
C LEU A 84 40.04 -17.99 -12.22
N PRO A 85 40.05 -19.24 -12.70
CA PRO A 85 41.21 -20.11 -12.46
C PRO A 85 42.44 -19.56 -13.16
N ASP A 86 43.59 -19.77 -12.53
CA ASP A 86 44.84 -19.29 -13.12
C ASP A 86 45.17 -20.07 -14.39
N ASP A 87 45.86 -19.39 -15.31
CA ASP A 87 46.42 -20.04 -16.47
C ASP A 87 47.67 -19.28 -16.89
N ASP A 88 48.27 -19.73 -17.99
CA ASP A 88 49.55 -19.20 -18.43
C ASP A 88 49.43 -18.07 -19.44
N THR A 89 48.22 -17.70 -19.87
CA THR A 89 48.08 -16.64 -20.86
C THR A 89 48.56 -15.30 -20.31
N GLU A 90 48.72 -14.32 -21.20
CA GLU A 90 49.09 -12.98 -20.76
C GLU A 90 48.04 -12.41 -19.83
N GLU A 91 46.76 -12.59 -20.14
CA GLU A 91 45.71 -12.16 -19.23
C GLU A 91 45.84 -12.85 -17.88
N GLY A 92 46.16 -14.15 -17.90
CA GLY A 92 46.31 -14.88 -16.64
C GLY A 92 47.38 -14.27 -15.75
N LYS A 93 48.48 -13.80 -16.36
CA LYS A 93 49.51 -13.10 -15.58
C LYS A 93 48.97 -11.82 -14.97
N LEU A 94 48.17 -11.07 -15.73
CA LEU A 94 47.59 -9.85 -15.19
C LEU A 94 46.67 -10.15 -14.01
N ARG A 95 45.80 -11.16 -14.16
CA ARG A 95 44.97 -11.62 -13.05
C ARG A 95 45.84 -11.96 -11.84
N LYS A 96 46.89 -12.77 -12.06
CA LYS A 96 47.76 -13.17 -10.96
C LYS A 96 48.36 -11.96 -10.27
N GLN A 97 48.91 -11.02 -11.05
CA GLN A 97 49.50 -9.82 -10.47
C GLN A 97 48.47 -9.04 -9.65
N MET A 98 47.28 -8.81 -10.22
CA MET A 98 46.32 -7.98 -9.53
C MET A 98 45.83 -8.64 -8.26
N ARG A 99 45.52 -9.94 -8.32
CA ARG A 99 45.01 -10.64 -7.15
C ARG A 99 46.00 -10.55 -5.99
N GLU A 100 47.29 -10.72 -6.29
CA GLU A 100 48.31 -10.62 -5.26
C GLU A 100 48.36 -9.23 -4.63
N GLU A 101 48.21 -8.18 -5.45
CA GLU A 101 48.19 -6.83 -4.89
C GLU A 101 46.91 -6.57 -4.09
N VAL A 102 45.78 -7.13 -4.53
CA VAL A 102 44.53 -7.02 -3.75
C VAL A 102 44.73 -7.64 -2.38
N LEU A 103 45.23 -8.89 -2.35
CA LEU A 103 45.48 -9.57 -1.08
C LEU A 103 46.44 -8.80 -0.21
N LYS A 104 47.43 -8.12 -0.81
CA LYS A 104 48.33 -7.30 -0.02
C LYS A 104 47.61 -6.09 0.54
N GLY A 105 46.80 -5.43 -0.29
CA GLY A 105 46.06 -4.27 0.19
C GLY A 105 45.06 -4.61 1.27
N LEU A 106 44.39 -5.76 1.16
CA LEU A 106 43.39 -6.15 2.15
C LEU A 106 44.03 -6.39 3.52
N LYS A 107 45.25 -6.93 3.53
CA LYS A 107 45.97 -7.05 4.79
C LYS A 107 46.28 -5.68 5.36
N ASN A 108 46.83 -4.80 4.53
CA ASN A 108 47.16 -3.45 5.00
C ASN A 108 45.90 -2.74 5.51
N ALA A 109 44.76 -2.99 4.88
CA ALA A 109 43.58 -2.16 5.12
C ALA A 109 43.05 -2.30 6.54
N VAL A 110 43.30 -3.44 7.20
CA VAL A 110 42.90 -3.64 8.59
C VAL A 110 44.09 -3.77 9.53
N ASP A 111 45.31 -3.52 9.03
CA ASP A 111 46.51 -3.50 9.89
C ASP A 111 46.51 -2.24 10.73
N PRO A 112 46.42 -2.34 12.07
CA PRO A 112 46.43 -1.13 12.91
C PRO A 112 47.64 -0.22 12.70
N ALA A 113 48.76 -0.76 12.24
CA ALA A 113 49.97 0.05 12.06
C ALA A 113 50.22 0.43 10.59
N SER A 114 49.35 0.06 9.68
CA SER A 114 49.53 0.51 8.31
C SER A 114 48.98 1.93 8.14
N PRO A 115 49.68 2.79 7.40
CA PRO A 115 49.12 4.10 7.09
C PRO A 115 47.87 4.03 6.25
N ASP A 116 47.54 2.85 5.70
CA ASP A 116 46.34 2.67 4.89
C ASP A 116 45.22 1.93 5.64
N LEU A 117 45.30 1.84 6.97
CA LEU A 117 44.20 1.33 7.75
C LEU A 117 42.92 2.07 7.40
N LEU A 118 41.86 1.32 7.12
CA LEU A 118 40.61 1.95 6.68
C LEU A 118 39.68 2.23 7.86
N ASN A 119 38.81 3.21 7.67
CA ASN A 119 37.87 3.62 8.70
C ASN A 119 36.61 2.77 8.64
N PHE A 120 36.30 2.09 9.74
CA PHE A 120 35.03 1.41 9.89
C PHE A 120 34.16 1.96 11.02
N THR A 121 34.75 2.71 11.96
CA THR A 121 34.05 3.09 13.18
C THR A 121 33.44 4.49 13.14
N LYS A 122 33.93 5.38 12.30
CA LYS A 122 33.45 6.75 12.27
C LYS A 122 32.51 6.94 11.09
N HIS A 123 31.41 7.67 11.33
CA HIS A 123 30.42 8.07 10.32
C HIS A 123 29.54 6.89 9.92
N ALA A 124 28.40 7.18 9.29
CA ALA A 124 27.54 6.11 8.78
C ALA A 124 28.05 5.53 7.48
N GLN A 125 28.79 6.33 6.69
CA GLN A 125 29.22 5.91 5.36
C GLN A 125 29.90 4.55 5.30
N PRO A 126 30.72 4.12 6.27
CA PRO A 126 31.34 2.80 6.14
C PRO A 126 30.35 1.66 5.99
N ILE A 127 29.08 1.85 6.41
CA ILE A 127 28.07 0.80 6.22
C ILE A 127 27.93 0.46 4.74
N VAL A 128 28.04 1.46 3.87
CA VAL A 128 27.83 1.25 2.44
C VAL A 128 29.00 0.48 1.85
N ASP A 129 30.21 0.92 2.18
CA ASP A 129 31.36 0.48 1.45
C ASP A 129 31.94 -0.81 2.01
N ALA A 130 31.64 -1.12 3.26
CA ALA A 130 31.85 -2.46 3.77
C ALA A 130 30.97 -3.47 3.03
N ALA A 131 29.76 -3.06 2.65
CA ALA A 131 28.89 -3.97 1.93
C ALA A 131 29.41 -4.23 0.52
N TYR A 132 29.98 -3.21 -0.14
CA TYR A 132 30.58 -3.47 -1.44
C TYR A 132 31.81 -4.39 -1.31
N LEU A 133 32.64 -4.15 -0.28
CA LEU A 133 33.76 -5.05 -0.02
C LEU A 133 33.27 -6.47 0.26
N VAL A 134 32.24 -6.60 1.11
CA VAL A 134 31.63 -7.90 1.33
C VAL A 134 31.18 -8.51 0.02
N HIS A 135 30.59 -7.69 -0.86
CA HIS A 135 30.18 -8.19 -2.16
C HIS A 135 31.38 -8.66 -2.96
N ALA A 136 32.54 -8.01 -2.81
CA ALA A 136 33.77 -8.51 -3.43
C ALA A 136 34.12 -9.88 -2.89
N PHE A 137 34.05 -10.05 -1.57
CA PHE A 137 34.34 -11.34 -0.95
C PHE A 137 33.36 -12.41 -1.43
N LEU A 138 32.11 -12.02 -1.67
CA LEU A 138 31.09 -12.98 -2.09
C LEU A 138 31.24 -13.36 -3.56
N ARG A 139 31.70 -12.42 -4.39
CA ARG A 139 31.93 -12.73 -5.80
C ARG A 139 33.20 -13.52 -6.05
N ALA A 140 34.13 -13.51 -5.11
CA ALA A 140 35.39 -14.23 -5.29
C ALA A 140 35.86 -14.77 -3.96
N PRO A 141 35.12 -15.71 -3.35
CA PRO A 141 35.53 -16.18 -2.01
C PRO A 141 36.88 -16.90 -2.02
N LYS A 142 37.09 -17.82 -2.95
CA LYS A 142 38.34 -18.58 -2.93
C LYS A 142 39.54 -17.72 -3.31
N ALA A 143 39.32 -16.63 -4.06
CA ALA A 143 40.41 -15.81 -4.56
C ALA A 143 40.75 -14.63 -3.65
N LEU A 144 39.76 -14.02 -3.00
CA LEU A 144 39.99 -12.80 -2.26
C LEU A 144 39.74 -12.90 -0.77
N TRP A 145 38.95 -13.87 -0.30
CA TRP A 145 38.73 -14.04 1.13
C TRP A 145 39.61 -15.15 1.72
N GLU A 146 39.45 -16.37 1.20
CA GLU A 146 40.16 -17.52 1.77
C GLU A 146 41.68 -17.35 1.84
N PRO A 147 42.37 -16.76 0.85
CA PRO A 147 43.84 -16.62 0.99
C PRO A 147 44.28 -15.61 2.03
N LEU A 148 43.38 -14.82 2.63
CA LEU A 148 43.81 -13.92 3.70
C LEU A 148 44.22 -14.74 4.91
N ASP A 149 45.19 -14.23 5.68
CA ASP A 149 45.49 -15.01 6.88
C ASP A 149 44.41 -14.80 7.93
N GLU A 150 44.42 -15.66 8.94
CA GLU A 150 43.28 -15.71 9.85
C GLU A 150 43.20 -14.45 10.71
N VAL A 151 44.35 -13.84 11.02
CA VAL A 151 44.33 -12.58 11.77
C VAL A 151 43.62 -11.49 10.98
N THR A 152 43.86 -11.44 9.67
CA THR A 152 43.20 -10.42 8.87
C THR A 152 41.71 -10.73 8.72
N LYS A 153 41.37 -12.00 8.53
CA LYS A 153 39.97 -12.41 8.47
C LYS A 153 39.23 -11.98 9.72
N GLU A 154 39.83 -12.24 10.88
CA GLU A 154 39.19 -11.88 12.14
C GLU A 154 39.01 -10.37 12.25
N ARG A 155 40.00 -9.61 11.78
CA ARG A 155 39.88 -8.15 11.80
C ARG A 155 38.72 -7.68 10.92
N TYR A 156 38.54 -8.31 9.76
CA TYR A 156 37.41 -7.93 8.92
C TYR A 156 36.09 -8.33 9.58
N ILE A 157 36.03 -9.53 10.18
CA ILE A 157 34.84 -9.93 10.95
C ILE A 157 34.50 -8.86 11.97
N LYS A 158 35.47 -8.46 12.78
CA LYS A 158 35.20 -7.48 13.83
C LYS A 158 34.87 -6.12 13.23
N SER A 159 35.54 -5.74 12.13
CA SER A 159 35.21 -4.48 11.49
C SER A 159 33.76 -4.43 11.04
N PHE A 160 33.27 -5.52 10.44
CA PHE A 160 31.88 -5.54 9.98
C PHE A 160 30.89 -5.53 11.14
N GLN A 161 31.23 -6.22 12.22
CA GLN A 161 30.37 -6.24 13.40
C GLN A 161 30.29 -4.87 14.07
N SER A 162 31.37 -4.08 14.01
CA SER A 162 31.40 -2.77 14.67
C SER A 162 30.51 -1.74 13.98
N LEU A 163 29.98 -2.07 12.79
CA LEU A 163 29.09 -1.19 12.06
C LEU A 163 27.72 -1.05 12.70
N ARG A 164 27.37 -1.93 13.65
CA ARG A 164 26.00 -2.09 14.16
C ARG A 164 25.54 -0.96 15.06
N ASP A 165 26.41 -0.03 15.43
CA ASP A 165 25.96 1.11 16.22
C ASP A 165 25.34 2.21 15.36
N ARG A 166 25.62 2.21 14.06
CA ARG A 166 25.15 3.29 13.21
C ARG A 166 24.16 2.74 12.18
N THR A 167 23.54 3.66 11.45
CA THR A 167 22.63 3.35 10.35
C THR A 167 22.54 4.57 9.46
N GLY A 168 21.94 4.39 8.29
CA GLY A 168 21.76 5.48 7.35
C GLY A 168 20.31 5.60 6.93
N ALA A 169 20.10 5.91 5.65
CA ALA A 169 18.78 6.25 5.16
C ALA A 169 17.87 5.03 5.16
N TYR A 170 16.57 5.30 5.22
CA TYR A 170 15.54 4.25 5.20
C TYR A 170 15.17 3.97 3.74
N ASN A 171 16.09 3.29 3.04
CA ASN A 171 15.98 3.01 1.62
C ASN A 171 16.88 1.83 1.24
N ASN A 172 17.51 1.87 0.07
CA ASN A 172 18.41 0.78 -0.33
C ASN A 172 19.51 0.49 0.69
N TRP A 173 19.79 1.43 1.59
CA TRP A 173 20.80 1.22 2.63
C TRP A 173 20.54 -0.03 3.44
N LEU A 174 19.27 -0.41 3.62
CA LEU A 174 18.97 -1.61 4.39
C LEU A 174 19.64 -2.84 3.78
N LEU A 175 19.82 -2.86 2.45
CA LEU A 175 20.52 -3.95 1.82
C LEU A 175 21.99 -4.00 2.21
N PHE A 176 22.61 -2.84 2.45
CA PHE A 176 24.01 -2.83 2.84
C PHE A 176 24.21 -3.61 4.13
N THR A 177 23.35 -3.38 5.12
CA THR A 177 23.57 -4.04 6.40
C THR A 177 23.04 -5.48 6.37
N GLY A 178 21.97 -5.72 5.61
CA GLY A 178 21.51 -7.07 5.42
C GLY A 178 22.54 -7.94 4.72
N LEU A 179 23.19 -7.42 3.67
CA LEU A 179 24.18 -8.21 2.96
C LEU A 179 25.38 -8.50 3.84
N THR A 180 25.88 -7.48 4.55
CA THR A 180 27.00 -7.69 5.46
C THR A 180 26.66 -8.76 6.50
N GLU A 181 25.50 -8.64 7.13
CA GLU A 181 25.09 -9.62 8.13
C GLU A 181 24.91 -11.00 7.53
N SER A 182 24.45 -11.08 6.28
CA SER A 182 24.33 -12.38 5.62
C SER A 182 25.70 -12.98 5.33
N PHE A 183 26.71 -12.13 5.14
CA PHE A 183 28.09 -12.59 5.02
C PHE A 183 28.57 -13.19 6.34
N LEU A 184 28.36 -12.48 7.45
CA LEU A 184 28.79 -13.00 8.74
C LEU A 184 28.11 -14.32 9.06
N LEU A 185 26.78 -14.38 8.86
CA LEU A 185 26.05 -15.64 8.86
C LEU A 185 26.76 -16.72 8.05
N GLY A 186 27.05 -16.43 6.79
CA GLY A 186 27.73 -17.41 5.95
C GLY A 186 29.09 -17.83 6.46
N LYS A 187 29.76 -16.98 7.25
CA LYS A 187 31.06 -17.30 7.81
C LYS A 187 30.99 -18.05 9.14
N GLY A 188 29.81 -18.23 9.71
CA GLY A 188 29.70 -18.98 10.95
C GLY A 188 29.94 -18.17 12.20
N VAL A 189 30.04 -16.84 12.10
CA VAL A 189 30.24 -15.99 13.27
C VAL A 189 28.92 -15.33 13.64
N GLN A 190 28.92 -14.57 14.75
CA GLN A 190 27.69 -14.00 15.26
C GLN A 190 27.18 -12.89 14.34
N TYR A 191 25.90 -12.97 14.00
CA TYR A 191 25.28 -12.07 13.04
C TYR A 191 23.98 -11.55 13.65
N ASP A 192 23.46 -10.49 13.03
CA ASP A 192 22.29 -9.76 13.52
C ASP A 192 21.06 -10.25 12.78
N GLN A 193 20.24 -11.06 13.46
CA GLN A 193 19.06 -11.64 12.82
C GLN A 193 18.03 -10.57 12.46
N PHE A 194 17.90 -9.54 13.31
CA PHE A 194 16.96 -8.45 13.06
C PHE A 194 17.32 -7.68 11.78
N ARG A 195 18.61 -7.40 11.56
CA ARG A 195 19.01 -6.74 10.33
C ARG A 195 18.62 -7.57 9.12
N ILE A 196 18.77 -8.88 9.21
CA ILE A 196 18.44 -9.73 8.07
C ILE A 196 16.93 -9.82 7.87
N ARG A 197 16.18 -9.99 8.96
CA ARG A 197 14.74 -10.15 8.80
C ARG A 197 14.09 -8.89 8.25
N VAL A 198 14.46 -7.72 8.75
CA VAL A 198 13.73 -6.53 8.31
C VAL A 198 14.22 -6.06 6.95
N SER A 199 15.51 -6.21 6.67
CA SER A 199 16.01 -5.76 5.37
C SER A 199 15.37 -6.55 4.24
N LYS A 200 15.37 -7.88 4.36
CA LYS A 200 14.74 -8.72 3.35
C LYS A 200 13.28 -8.34 3.15
N ASN A 201 12.53 -8.19 4.25
CA ASN A 201 11.10 -7.97 4.12
C ASN A 201 10.81 -6.60 3.52
N LYS A 202 11.57 -5.57 3.93
CA LYS A 202 11.33 -4.22 3.44
C LYS A 202 11.64 -4.10 1.96
N VAL A 203 12.75 -4.70 1.51
CA VAL A 203 13.08 -4.60 0.09
C VAL A 203 12.00 -5.28 -0.74
N LYS A 204 11.51 -6.43 -0.28
CA LYS A 204 10.39 -7.08 -0.96
C LYS A 204 9.17 -6.17 -1.02
N GLU A 205 8.84 -5.50 0.08
CA GLU A 205 7.70 -4.59 0.07
C GLU A 205 7.90 -3.43 -0.89
N TRP A 206 9.15 -3.04 -1.14
CA TRP A 206 9.43 -1.92 -2.04
C TRP A 206 9.36 -2.28 -3.52
N TYR A 207 9.17 -3.55 -3.88
CA TYR A 207 8.98 -3.91 -5.28
C TYR A 207 7.69 -3.28 -5.82
N VAL A 208 7.81 -2.45 -6.85
CA VAL A 208 6.63 -1.78 -7.41
C VAL A 208 6.14 -2.49 -8.67
N GLY A 209 7.02 -3.12 -9.42
CA GLY A 209 6.60 -3.96 -10.53
C GLY A 209 7.54 -3.87 -11.71
N ASP A 210 7.41 -4.86 -12.62
CA ASP A 210 8.11 -4.88 -13.91
C ASP A 210 9.62 -4.77 -13.75
N GLY A 211 10.16 -5.35 -12.69
CA GLY A 211 11.59 -5.37 -12.44
C GLY A 211 12.13 -4.21 -11.61
N TRP A 212 11.26 -3.38 -11.06
CA TRP A 212 11.70 -2.18 -10.35
C TRP A 212 11.27 -2.23 -8.89
N TYR A 213 12.19 -1.87 -8.01
CA TYR A 213 11.93 -1.53 -6.62
C TYR A 213 11.89 -0.02 -6.47
N SER A 214 11.14 0.45 -5.47
CA SER A 214 11.27 1.82 -5.01
C SER A 214 12.48 1.91 -4.10
N ASP A 215 13.30 2.94 -4.30
CA ASP A 215 14.47 3.14 -3.44
C ASP A 215 14.00 3.81 -2.15
N GLY A 216 13.53 2.96 -1.22
CA GLY A 216 12.81 3.43 -0.06
C GLY A 216 11.33 3.56 -0.36
N PRO A 217 10.60 4.28 0.48
CA PRO A 217 9.13 4.31 0.36
C PRO A 217 8.62 4.90 -0.95
N SER A 218 9.35 5.84 -1.57
CA SER A 218 8.88 6.51 -2.77
C SER A 218 9.69 6.06 -3.99
N PHE A 219 8.98 5.72 -5.07
CA PHE A 219 9.66 5.31 -6.30
C PHE A 219 10.56 6.41 -6.81
N SER A 220 11.73 6.00 -7.30
CA SER A 220 12.80 6.93 -7.69
C SER A 220 13.34 6.48 -9.04
N MET A 221 13.00 7.20 -10.11
CA MET A 221 13.45 6.78 -11.43
C MET A 221 14.92 7.11 -11.56
N ASP A 222 15.80 6.17 -11.16
CA ASP A 222 17.24 6.41 -11.26
C ASP A 222 17.94 5.07 -11.38
N ASN A 223 19.27 5.08 -11.27
CA ASN A 223 20.06 3.88 -11.46
C ASN A 223 20.29 3.07 -10.18
N TYR A 224 19.67 3.45 -9.06
CA TYR A 224 19.92 2.74 -7.80
C TYR A 224 19.38 1.30 -7.80
N ASN A 225 18.39 0.98 -8.63
CA ASN A 225 18.02 -0.42 -8.80
C ASN A 225 19.22 -1.24 -9.30
N ALA A 226 20.05 -0.64 -10.15
CA ALA A 226 21.28 -1.28 -10.63
C ALA A 226 22.43 -1.13 -9.62
N TYR A 227 22.64 0.10 -9.12
CA TYR A 227 23.75 0.36 -8.19
C TYR A 227 23.72 -0.58 -6.99
N VAL A 228 22.52 -0.88 -6.47
CA VAL A 228 22.39 -1.50 -5.17
C VAL A 228 21.40 -2.66 -5.23
N MET A 229 20.16 -2.35 -5.59
CA MET A 229 19.05 -3.14 -5.09
C MET A 229 19.05 -4.57 -5.65
N HIS A 230 19.14 -4.73 -6.97
CA HIS A 230 19.02 -6.07 -7.55
C HIS A 230 20.19 -6.94 -7.14
N SER A 231 21.42 -6.55 -7.50
CA SER A 231 22.60 -7.36 -7.21
C SER A 231 22.70 -7.71 -5.72
N MET A 232 22.45 -6.74 -4.85
CA MET A 232 22.65 -7.05 -3.43
C MET A 232 21.48 -7.85 -2.85
N MET A 233 20.24 -7.61 -3.30
CA MET A 233 19.14 -8.46 -2.83
C MET A 233 19.36 -9.91 -3.26
N VAL A 234 19.74 -10.14 -4.51
CA VAL A 234 20.02 -11.49 -4.98
C VAL A 234 21.17 -12.11 -4.18
N ALA A 235 22.28 -11.36 -4.06
CA ALA A 235 23.43 -11.89 -3.35
C ALA A 235 23.12 -12.16 -1.88
N MET A 236 22.32 -11.29 -1.25
CA MET A 236 21.95 -11.54 0.14
C MET A 236 21.12 -12.82 0.26
N LEU A 237 20.06 -12.94 -0.56
CA LEU A 237 19.21 -14.12 -0.49
C LEU A 237 20.01 -15.40 -0.73
N GLU A 238 21.06 -15.33 -1.57
CA GLU A 238 21.93 -16.48 -1.79
C GLU A 238 22.58 -16.93 -0.50
N ASN A 239 22.99 -15.99 0.35
CA ASN A 239 23.53 -16.36 1.66
C ASN A 239 22.43 -16.85 2.60
N LEU A 240 21.24 -16.26 2.50
CA LEU A 240 20.20 -16.63 3.47
C LEU A 240 19.65 -18.02 3.21
N LEU A 241 19.61 -18.44 1.94
CA LEU A 241 18.87 -19.64 1.54
C LEU A 241 19.35 -20.91 2.22
N PRO A 242 20.63 -21.30 2.16
CA PRO A 242 21.04 -22.52 2.87
C PRO A 242 20.84 -22.45 4.39
N LYS A 243 20.82 -21.26 4.97
CA LYS A 243 20.64 -21.12 6.41
C LYS A 243 19.18 -20.98 6.80
N ARG A 244 18.26 -21.12 5.85
CA ARG A 244 16.82 -21.09 6.06
C ARG A 244 16.32 -19.71 6.44
N TRP A 245 17.07 -18.65 6.14
CA TRP A 245 16.57 -17.28 6.31
C TRP A 245 15.91 -16.73 5.05
N ALA A 246 15.82 -17.54 3.99
CA ALA A 246 15.07 -17.20 2.79
C ALA A 246 14.76 -18.49 2.07
N SER A 247 13.70 -18.47 1.28
CA SER A 247 13.30 -19.65 0.52
C SER A 247 13.86 -19.60 -0.90
N GLN A 248 13.86 -20.76 -1.55
CA GLN A 248 14.31 -20.83 -2.94
C GLN A 248 13.42 -19.98 -3.85
N LYS A 249 12.12 -19.96 -3.56
CA LYS A 249 11.22 -19.13 -4.33
C LYS A 249 11.52 -17.65 -4.16
N GLU A 250 11.93 -17.26 -2.95
CA GLU A 250 12.31 -15.87 -2.74
C GLU A 250 13.53 -15.50 -3.56
N LEU A 251 14.52 -16.40 -3.61
CA LEU A 251 15.70 -16.17 -4.44
C LEU A 251 15.32 -16.07 -5.92
N ASP A 252 14.57 -17.06 -6.42
CA ASP A 252 14.19 -17.05 -7.82
C ASP A 252 13.43 -15.78 -8.18
N GLU A 253 12.54 -15.34 -7.28
CA GLU A 253 11.77 -14.13 -7.51
C GLU A 253 12.69 -12.90 -7.64
N ALA A 254 13.62 -12.73 -6.70
CA ALA A 254 14.56 -11.62 -6.84
C ALA A 254 15.41 -11.78 -8.10
N MET A 255 15.81 -13.03 -8.41
CA MET A 255 16.62 -13.27 -9.61
C MET A 255 15.87 -12.87 -10.86
N ASN A 256 14.63 -13.33 -11.02
CA ASN A 256 13.84 -13.01 -12.21
C ASN A 256 13.56 -11.51 -12.30
N ARG A 257 13.45 -10.82 -11.15
CA ARG A 257 13.23 -9.38 -11.18
C ARG A 257 14.46 -8.65 -11.66
N MET A 258 15.63 -9.10 -11.23
CA MET A 258 16.89 -8.56 -11.74
C MET A 258 17.03 -8.82 -13.25
N ILE A 259 16.66 -10.01 -13.71
CA ILE A 259 16.77 -10.33 -15.12
C ILE A 259 15.87 -9.41 -15.94
N ARG A 260 14.65 -9.19 -15.48
CA ARG A 260 13.75 -8.28 -16.17
C ARG A 260 14.32 -6.86 -16.18
N HIS A 261 14.89 -6.43 -15.07
CA HIS A 261 15.50 -5.10 -15.01
C HIS A 261 16.62 -4.96 -16.04
N SER A 262 17.45 -5.99 -16.21
CA SER A 262 18.53 -5.88 -17.18
C SER A 262 18.03 -5.69 -18.60
N GLU A 263 16.77 -6.05 -18.87
CA GLU A 263 16.21 -5.79 -20.19
C GLU A 263 16.12 -4.29 -20.48
N PHE A 264 15.52 -3.54 -19.56
CA PHE A 264 15.48 -2.08 -19.72
C PHE A 264 16.89 -1.53 -19.88
N CYS A 265 17.85 -2.01 -19.09
CA CYS A 265 19.18 -1.41 -19.12
C CYS A 265 19.87 -1.68 -20.45
N GLU A 266 19.76 -2.90 -20.99
CA GLU A 266 20.31 -3.14 -22.33
C GLU A 266 19.62 -2.27 -23.38
N ARG A 267 18.31 -2.03 -23.22
CA ARG A 267 17.56 -1.23 -24.17
C ARG A 267 17.89 0.25 -24.08
N MET A 268 18.42 0.73 -22.97
CA MET A 268 18.69 2.17 -22.90
C MET A 268 20.05 2.54 -23.47
N ILE A 269 20.87 1.56 -23.86
CA ILE A 269 22.09 1.85 -24.59
C ILE A 269 21.74 2.23 -26.03
N ALA A 270 22.06 3.46 -26.40
CA ALA A 270 21.66 4.05 -27.67
C ALA A 270 22.50 3.50 -28.81
N PRO A 271 22.09 3.76 -30.07
CA PRO A 271 22.89 3.29 -31.20
C PRO A 271 24.32 3.82 -31.21
N ASP A 272 24.57 4.96 -30.60
CA ASP A 272 25.93 5.51 -30.63
C ASP A 272 26.77 5.07 -29.44
N GLY A 273 26.32 4.09 -28.66
CA GLY A 273 27.07 3.67 -27.50
C GLY A 273 26.87 4.51 -26.24
N THR A 274 26.01 5.54 -26.28
CA THR A 274 25.73 6.33 -25.09
C THR A 274 24.53 5.76 -24.35
N TYR A 275 24.23 6.34 -23.19
CA TYR A 275 23.02 6.02 -22.45
C TYR A 275 22.60 7.29 -21.71
N PRO A 276 21.33 7.39 -21.32
CA PRO A 276 20.86 8.65 -20.72
C PRO A 276 21.46 8.89 -19.34
N ALA A 277 21.73 10.17 -19.08
CA ALA A 277 22.14 10.65 -17.76
C ALA A 277 20.89 11.10 -17.01
N PHE A 278 20.52 10.36 -15.99
CA PHE A 278 19.32 10.71 -15.25
C PHE A 278 19.46 10.21 -13.81
N GLY A 279 18.67 10.81 -12.92
CA GLY A 279 18.63 10.40 -11.52
C GLY A 279 19.85 10.84 -10.74
N ARG A 280 19.82 10.56 -9.43
CA ARG A 280 20.90 10.96 -8.55
C ARG A 280 22.10 10.03 -8.72
N SER A 281 23.25 10.47 -8.20
CA SER A 281 24.50 9.72 -8.31
C SER A 281 24.82 9.34 -9.75
N VAL A 282 24.58 10.25 -10.69
CA VAL A 282 24.90 9.95 -12.08
C VAL A 282 26.42 9.81 -12.26
N THR A 283 27.21 10.29 -11.30
CA THR A 283 28.66 10.16 -11.33
C THR A 283 29.12 8.73 -11.20
N TYR A 284 28.23 7.80 -10.90
CA TYR A 284 28.61 6.39 -10.85
C TYR A 284 28.81 5.80 -12.23
N ARG A 285 28.54 6.58 -13.29
CA ARG A 285 28.74 6.18 -14.67
C ARG A 285 28.22 4.77 -14.93
N THR A 286 29.06 3.88 -15.48
CA THR A 286 28.57 2.61 -15.99
C THR A 286 28.09 1.65 -14.92
N ALA A 287 28.20 1.98 -13.63
CA ALA A 287 27.52 1.19 -12.62
C ALA A 287 26.02 1.11 -12.88
N ALA A 288 25.50 2.01 -13.70
CA ALA A 288 24.13 1.91 -14.18
C ALA A 288 23.84 0.55 -14.80
N PHE A 289 24.88 -0.18 -15.24
CA PHE A 289 24.70 -1.46 -15.92
C PHE A 289 25.07 -2.66 -15.04
N GLN A 290 25.14 -2.50 -13.72
CA GLN A 290 25.49 -3.63 -12.86
C GLN A 290 24.44 -4.75 -12.95
N SER A 291 23.15 -4.42 -13.09
CA SER A 291 22.18 -5.51 -13.17
C SER A 291 22.30 -6.25 -14.49
N LEU A 292 22.55 -5.54 -15.59
CA LEU A 292 22.83 -6.21 -16.87
C LEU A 292 24.10 -7.05 -16.78
N ALA A 293 25.14 -6.48 -16.16
CA ALA A 293 26.43 -7.17 -16.03
C ALA A 293 26.33 -8.38 -15.12
N ASP A 294 25.56 -8.27 -14.03
CA ASP A 294 25.35 -9.38 -13.12
C ASP A 294 24.59 -10.50 -13.81
N VAL A 295 23.56 -10.15 -14.58
CA VAL A 295 22.78 -11.15 -15.30
C VAL A 295 23.65 -11.85 -16.35
N ALA A 296 24.46 -11.09 -17.07
CA ALA A 296 25.30 -11.69 -18.11
C ALA A 296 26.33 -12.63 -17.50
N LEU A 297 26.99 -12.19 -16.40
CA LEU A 297 27.92 -13.06 -15.68
C LEU A 297 27.23 -14.34 -15.23
N ARG A 298 26.02 -14.19 -14.66
CA ARG A 298 25.24 -15.35 -14.25
C ARG A 298 24.72 -16.15 -15.44
N LYS A 299 24.91 -15.67 -16.66
CA LYS A 299 24.46 -16.34 -17.87
C LYS A 299 22.95 -16.59 -17.79
N LYS A 300 22.23 -15.57 -17.35
CA LYS A 300 20.78 -15.63 -17.19
C LYS A 300 20.06 -14.69 -18.16
N LEU A 301 20.72 -14.26 -19.24
CA LEU A 301 20.10 -13.34 -20.17
C LEU A 301 18.89 -14.00 -20.83
N PRO A 302 17.77 -13.28 -20.97
CA PRO A 302 16.62 -13.86 -21.67
C PRO A 302 16.98 -14.21 -23.11
N SER A 303 16.26 -15.20 -23.66
CA SER A 303 16.72 -15.89 -24.87
C SER A 303 16.76 -14.97 -26.08
N HIS A 304 16.01 -13.87 -26.06
CA HIS A 304 15.97 -12.92 -27.16
C HIS A 304 17.00 -11.81 -27.03
N VAL A 305 17.83 -11.83 -25.99
CA VAL A 305 18.93 -10.88 -25.80
C VAL A 305 20.20 -11.71 -25.83
N SER A 306 20.94 -11.65 -26.94
CA SER A 306 22.07 -12.53 -27.08
C SER A 306 23.21 -12.11 -26.14
N PRO A 307 23.96 -13.08 -25.61
CA PRO A 307 25.20 -12.72 -24.91
C PRO A 307 26.09 -11.79 -25.72
N ALA A 308 26.15 -11.97 -27.04
CA ALA A 308 27.04 -11.15 -27.85
C ALA A 308 26.56 -9.70 -27.93
N GLN A 309 25.24 -9.46 -28.01
CA GLN A 309 24.78 -8.09 -28.09
C GLN A 309 25.04 -7.34 -26.79
N VAL A 310 25.02 -8.05 -25.65
CA VAL A 310 25.37 -7.42 -24.38
C VAL A 310 26.86 -7.09 -24.35
N ARG A 311 27.70 -8.01 -24.81
CA ARG A 311 29.13 -7.72 -24.88
C ARG A 311 29.38 -6.49 -25.73
N CYS A 312 28.77 -6.43 -26.91
CA CYS A 312 29.07 -5.36 -27.85
C CYS A 312 28.50 -4.03 -27.38
N ALA A 313 27.30 -4.05 -26.78
CA ALA A 313 26.71 -2.83 -26.24
C ALA A 313 27.59 -2.22 -25.15
N LEU A 314 27.96 -3.04 -24.16
CA LEU A 314 28.77 -2.54 -23.07
C LEU A 314 30.19 -2.19 -23.51
N THR A 315 30.71 -2.87 -24.53
CA THR A 315 32.02 -2.48 -25.06
C THR A 315 31.98 -1.06 -25.57
N ALA A 316 30.94 -0.75 -26.37
CA ALA A 316 30.80 0.60 -26.89
C ALA A 316 30.65 1.62 -25.77
N VAL A 317 29.91 1.28 -24.71
CA VAL A 317 29.78 2.18 -23.56
C VAL A 317 31.11 2.33 -22.84
N HIS A 318 31.79 1.20 -22.58
CA HIS A 318 33.06 1.21 -21.88
C HIS A 318 34.09 2.06 -22.62
N ARG A 319 34.20 1.88 -23.94
CA ARG A 319 35.14 2.70 -24.69
C ARG A 319 34.69 4.17 -24.69
N ASN A 320 33.38 4.42 -24.84
CA ASN A 320 32.91 5.80 -24.86
C ASN A 320 33.19 6.52 -23.54
N MET A 321 33.23 5.80 -22.42
CA MET A 321 33.47 6.45 -21.14
C MET A 321 34.90 6.34 -20.64
N TYR A 322 35.64 5.30 -21.01
CA TYR A 322 36.89 5.01 -20.34
C TYR A 322 38.12 4.94 -21.24
N GLU A 323 37.96 4.81 -22.57
CA GLU A 323 39.11 4.64 -23.45
C GLU A 323 39.93 5.92 -23.52
N GLY A 324 39.30 7.04 -23.90
CA GLY A 324 39.91 8.35 -23.75
C GLY A 324 40.13 8.72 -22.28
N ASN A 325 40.62 9.95 -22.05
CA ASN A 325 41.02 10.35 -20.70
C ASN A 325 40.13 11.44 -20.10
N GLN A 326 38.98 11.73 -20.72
CA GLN A 326 38.09 12.78 -20.25
C GLN A 326 37.61 12.54 -18.82
N ASN A 327 37.52 11.28 -18.38
CA ASN A 327 37.05 10.95 -17.04
C ASN A 327 38.18 10.64 -16.07
N PHE A 328 39.42 11.00 -16.40
CA PHE A 328 40.58 10.65 -15.58
C PHE A 328 41.46 11.86 -15.39
N ASP A 329 42.15 11.94 -14.24
CA ASP A 329 43.05 13.07 -14.06
C ASP A 329 44.44 12.63 -14.50
N LYS A 330 45.44 13.51 -14.32
CA LYS A 330 46.79 13.25 -14.81
C LYS A 330 47.42 12.01 -14.20
N ASP A 331 46.96 11.59 -13.02
CA ASP A 331 47.52 10.42 -12.37
C ASP A 331 46.71 9.18 -12.64
N GLY A 332 45.68 9.29 -13.49
CA GLY A 332 44.83 8.17 -13.82
C GLY A 332 43.71 7.87 -12.85
N TRP A 333 43.33 8.82 -12.00
CA TRP A 333 42.20 8.63 -11.09
C TRP A 333 40.92 9.15 -11.74
N LEU A 334 39.80 8.57 -11.33
CA LEU A 334 38.51 9.07 -11.82
C LEU A 334 38.25 10.48 -11.31
N VAL A 335 37.59 11.29 -12.13
CA VAL A 335 37.24 12.65 -11.77
C VAL A 335 35.73 12.75 -11.60
N LEU A 336 35.31 13.76 -10.84
CA LEU A 336 33.87 14.03 -10.68
C LEU A 336 33.27 14.46 -12.02
N GLY A 337 32.31 13.67 -12.49
CA GLY A 337 31.60 14.00 -13.70
C GLY A 337 30.93 12.75 -14.26
N PHE A 338 30.44 12.90 -15.49
CA PHE A 338 29.75 11.83 -16.22
C PHE A 338 30.58 11.41 -17.43
N ASN A 339 30.70 12.27 -18.44
CA ASN A 339 31.69 12.10 -19.50
C ASN A 339 32.42 13.42 -19.61
N GLY A 340 33.50 13.55 -18.83
CA GLY A 340 34.25 14.78 -18.73
C GLY A 340 34.32 15.24 -17.28
N HIS A 341 35.00 16.37 -17.09
CA HIS A 341 35.09 17.00 -15.78
C HIS A 341 33.85 17.83 -15.54
N GLN A 342 32.85 17.24 -14.86
CA GLN A 342 31.55 17.87 -14.64
C GLN A 342 31.20 17.87 -13.15
N PRO A 343 31.94 18.60 -12.33
CA PRO A 343 31.69 18.56 -10.88
C PRO A 343 30.28 18.99 -10.48
N GLU A 344 29.64 19.82 -11.31
CA GLU A 344 28.30 20.33 -11.01
C GLU A 344 27.24 19.23 -10.92
N CYS A 345 27.52 18.03 -11.42
CA CYS A 345 26.55 16.95 -11.30
C CYS A 345 26.87 16.02 -10.12
N ALA A 346 27.91 16.32 -9.35
CA ALA A 346 28.27 15.47 -8.21
C ALA A 346 27.44 15.83 -6.99
N ASP A 347 26.84 14.81 -6.37
CA ASP A 347 26.15 14.99 -5.09
C ASP A 347 27.13 15.40 -4.00
N GLY A 348 26.61 16.15 -3.02
CA GLY A 348 27.42 16.53 -1.88
C GLY A 348 28.00 15.36 -1.13
N TYR A 349 27.44 14.16 -1.27
CA TYR A 349 28.01 13.04 -0.58
C TYR A 349 29.12 12.34 -1.37
N THR A 350 29.41 12.79 -2.59
CA THR A 350 30.33 12.12 -3.48
C THR A 350 31.74 12.72 -3.42
N SER A 351 32.75 11.86 -3.40
CA SER A 351 34.15 12.24 -3.56
C SER A 351 34.82 11.26 -4.53
N THR A 352 36.12 11.47 -4.76
CA THR A 352 36.90 10.60 -5.63
C THR A 352 36.64 9.12 -5.38
N GLY A 353 36.76 8.70 -4.12
CA GLY A 353 36.59 7.29 -3.81
C GLY A 353 35.23 6.74 -4.18
N SER A 354 34.18 7.58 -4.09
CA SER A 354 32.84 7.16 -4.46
C SER A 354 32.75 6.73 -5.92
N LEU A 355 33.60 7.29 -6.77
CA LEU A 355 33.47 7.13 -8.22
C LEU A 355 33.78 5.72 -8.69
N TYR A 356 34.37 4.90 -7.83
CA TYR A 356 34.83 3.59 -8.25
C TYR A 356 33.71 2.57 -8.34
N MET A 357 32.46 3.04 -8.24
CA MET A 357 31.33 2.28 -8.76
C MET A 357 31.54 1.90 -10.23
N ALA A 358 32.35 2.68 -10.96
CA ALA A 358 32.60 2.47 -12.37
C ALA A 358 33.03 1.05 -12.72
N THR A 359 33.55 0.29 -11.75
CA THR A 359 33.98 -1.09 -12.02
C THR A 359 32.80 -2.03 -12.27
N LEU A 360 31.63 -1.71 -11.73
CA LEU A 360 30.55 -2.68 -11.56
C LEU A 360 29.92 -3.12 -12.88
N SER A 361 30.22 -2.48 -14.01
CA SER A 361 29.75 -3.02 -15.28
C SER A 361 30.70 -4.05 -15.88
N PHE A 362 31.80 -4.40 -15.20
CA PHE A 362 32.84 -5.26 -15.76
C PHE A 362 32.75 -6.72 -15.29
N LEU A 363 31.68 -7.06 -14.57
CA LEU A 363 31.48 -8.41 -14.05
C LEU A 363 31.54 -9.51 -15.12
N PRO A 364 31.10 -9.29 -16.36
CA PRO A 364 31.26 -10.35 -17.38
C PRO A 364 32.71 -10.79 -17.64
N LEU A 365 33.73 -10.04 -17.17
CA LEU A 365 35.08 -10.57 -17.20
C LEU A 365 35.23 -11.78 -16.29
N GLY A 366 34.28 -12.00 -15.38
CA GLY A 366 34.28 -13.21 -14.57
C GLY A 366 33.88 -14.46 -15.33
N LEU A 367 33.43 -14.33 -16.56
CA LEU A 367 33.32 -15.48 -17.46
C LEU A 367 34.67 -15.73 -18.13
N PRO A 368 35.04 -16.98 -18.35
CA PRO A 368 36.34 -17.27 -18.98
C PRO A 368 36.37 -16.82 -20.43
N ALA A 369 37.60 -16.74 -20.97
CA ALA A 369 37.80 -16.23 -22.32
C ALA A 369 37.03 -17.03 -23.37
N ASP A 370 36.80 -18.32 -23.14
CA ASP A 370 36.14 -19.18 -24.10
C ASP A 370 34.65 -19.34 -23.85
N ASP A 371 34.07 -18.53 -22.96
CA ASP A 371 32.62 -18.52 -22.82
C ASP A 371 31.96 -17.90 -24.06
N PRO A 372 30.79 -18.38 -24.47
CA PRO A 372 30.11 -17.76 -25.62
C PRO A 372 29.91 -16.24 -25.52
N PHE A 373 29.78 -15.70 -24.30
CA PHE A 373 29.73 -14.25 -24.16
C PHE A 373 30.92 -13.58 -24.85
N TRP A 374 32.10 -14.20 -24.81
CA TRP A 374 33.31 -13.60 -25.33
C TRP A 374 33.72 -14.15 -26.69
N THR A 375 33.16 -15.27 -27.15
CA THR A 375 33.52 -15.83 -28.45
C THR A 375 32.46 -15.63 -29.53
N ASP A 376 31.16 -15.56 -29.18
CA ASP A 376 30.12 -15.36 -30.18
C ASP A 376 30.38 -14.10 -31.00
N ALA A 377 29.96 -14.16 -32.27
CA ALA A 377 30.23 -13.09 -33.22
C ALA A 377 29.53 -11.79 -32.80
N TYR A 378 30.06 -10.68 -33.30
CA TYR A 378 29.49 -9.37 -33.03
C TYR A 378 27.99 -9.35 -33.32
N ALA A 379 27.26 -8.60 -32.50
CA ALA A 379 25.82 -8.44 -32.69
C ALA A 379 25.40 -7.03 -32.28
N ASP A 380 24.54 -6.42 -33.09
CA ASP A 380 23.95 -5.15 -32.68
C ASP A 380 23.06 -5.36 -31.47
N TRP A 381 23.00 -4.35 -30.62
CA TRP A 381 22.11 -4.36 -29.47
C TRP A 381 20.72 -3.82 -29.86
N THR A 382 19.80 -3.80 -28.90
CA THR A 382 18.38 -3.64 -29.24
C THR A 382 18.10 -2.33 -29.96
N SER A 383 18.53 -1.21 -29.39
CA SER A 383 18.23 0.08 -30.02
C SER A 383 18.98 0.24 -31.33
N LYS A 384 20.22 -0.25 -31.39
CA LYS A 384 20.99 -0.18 -32.63
C LYS A 384 20.26 -0.87 -33.78
N LYS A 385 19.68 -2.05 -33.52
CA LYS A 385 18.85 -2.71 -34.54
C LYS A 385 17.56 -1.93 -34.78
N ALA A 386 16.87 -1.56 -33.70
CA ALA A 386 15.60 -0.88 -33.82
C ALA A 386 15.73 0.36 -34.70
N TRP A 387 16.77 1.18 -34.46
CA TRP A 387 16.84 2.47 -35.12
C TRP A 387 17.28 2.39 -36.58
N LYS A 388 17.78 1.25 -37.06
CA LYS A 388 18.13 1.12 -38.46
C LYS A 388 17.21 0.17 -39.21
N GLY A 389 16.02 -0.08 -38.66
CA GLY A 389 15.04 -0.91 -39.32
C GLY A 389 15.19 -2.39 -39.07
N GLY A 390 16.19 -2.80 -38.29
CA GLY A 390 16.40 -4.21 -38.03
C GLY A 390 15.32 -4.80 -37.16
N HIS A 391 15.51 -6.07 -36.83
CA HIS A 391 14.52 -6.80 -36.04
C HIS A 391 14.41 -6.18 -34.65
N LEU A 392 13.17 -6.05 -34.17
CA LEU A 392 12.90 -5.48 -32.85
C LEU A 392 11.91 -6.37 -32.12
N HIS A 393 12.44 -7.17 -31.20
CA HIS A 393 11.64 -7.97 -30.29
C HIS A 393 10.63 -7.09 -29.56
N LYS A 394 9.40 -7.58 -29.48
CA LYS A 394 8.34 -6.85 -28.80
C LYS A 394 8.52 -6.98 -27.29
N ASP A 395 8.48 -5.84 -26.62
CA ASP A 395 8.60 -5.80 -25.17
C ASP A 395 7.21 -5.70 -24.55
N TYR A 396 7.11 -6.06 -23.28
CA TYR A 396 5.84 -6.01 -22.56
C TYR A 396 6.13 -6.14 -21.06
N LYS A 397 5.53 -5.26 -20.24
CA LYS A 397 5.76 -5.34 -18.81
C LYS A 397 5.34 -6.71 -18.30
N VAL A 398 6.03 -7.18 -17.27
CA VAL A 398 5.74 -8.47 -16.69
C VAL A 398 4.99 -8.24 -15.38
N GLU A 399 4.50 -9.33 -14.78
CA GLU A 399 3.65 -9.28 -13.61
C GLU A 399 4.29 -9.88 -12.37
N TYR A 400 5.47 -10.48 -12.49
CA TYR A 400 6.15 -11.15 -11.38
C TYR A 400 7.16 -10.24 -10.69
N ILE B 15 26.58 21.82 -36.96
CA ILE B 15 25.73 22.73 -37.72
C ILE B 15 24.33 22.75 -37.15
N GLN B 16 23.94 23.91 -36.62
CA GLN B 16 22.67 24.09 -35.96
C GLN B 16 21.63 24.65 -36.93
N THR B 17 20.36 24.51 -36.57
CA THR B 17 19.26 25.21 -37.22
C THR B 17 18.74 26.28 -36.27
N THR B 18 17.99 27.23 -36.82
CA THR B 18 17.34 28.23 -35.99
C THR B 18 15.98 27.70 -35.53
N GLY B 19 15.43 28.36 -34.52
CA GLY B 19 14.11 27.98 -34.04
C GLY B 19 13.05 28.12 -35.11
N THR B 20 13.16 29.16 -35.95
CA THR B 20 12.19 29.33 -37.01
C THR B 20 12.32 28.23 -38.06
N GLN B 21 13.55 27.80 -38.34
CA GLN B 21 13.73 26.65 -39.23
C GLN B 21 13.15 25.38 -38.61
N ASP B 22 13.40 25.17 -37.31
CA ASP B 22 12.84 24.01 -36.62
C ASP B 22 11.34 23.98 -36.71
N ARG B 23 10.70 25.13 -36.49
CA ARG B 23 9.24 25.17 -36.54
C ARG B 23 8.75 24.73 -37.91
N ALA B 24 9.38 25.23 -38.98
CA ALA B 24 8.98 24.83 -40.33
C ALA B 24 9.11 23.32 -40.53
N ILE B 25 10.14 22.71 -39.94
CA ILE B 25 10.33 21.27 -40.02
C ILE B 25 9.17 20.55 -39.33
N TRP B 26 8.85 20.99 -38.11
CA TRP B 26 7.74 20.37 -37.39
C TRP B 26 6.46 20.44 -38.20
N VAL B 27 6.23 21.58 -38.86
CA VAL B 27 5.02 21.76 -39.63
C VAL B 27 4.97 20.78 -40.78
N LYS B 28 6.08 20.65 -41.51
CA LYS B 28 6.14 19.70 -42.60
C LYS B 28 5.91 18.27 -42.12
N LEU B 29 6.54 17.92 -40.99
CA LEU B 29 6.44 16.55 -40.50
C LEU B 29 5.06 16.25 -39.95
N LEU B 30 4.50 17.17 -39.16
CA LEU B 30 3.13 16.96 -38.66
C LEU B 30 2.14 16.86 -39.81
N TRP B 31 2.33 17.67 -40.85
CA TRP B 31 1.47 17.58 -42.03
C TRP B 31 1.61 16.20 -42.66
N LYS B 32 2.85 15.74 -42.81
CA LYS B 32 3.11 14.45 -43.43
C LYS B 32 2.42 13.33 -42.68
N ILE B 33 2.41 13.40 -41.34
CA ILE B 33 1.74 12.37 -40.54
C ILE B 33 0.23 12.47 -40.69
N SER B 34 -0.32 13.66 -40.44
CA SER B 34 -1.75 13.78 -40.16
C SER B 34 -2.59 13.99 -41.41
N TYR B 35 -2.06 14.64 -42.45
CA TYR B 35 -2.91 15.04 -43.57
C TYR B 35 -3.58 13.86 -44.27
N PRO B 36 -2.93 12.71 -44.47
CA PRO B 36 -3.68 11.57 -45.03
C PRO B 36 -4.94 11.24 -44.25
N VAL B 37 -4.87 11.28 -42.92
CA VAL B 37 -6.05 10.99 -42.11
C VAL B 37 -7.08 12.11 -42.25
N ILE B 38 -6.63 13.36 -42.12
CA ILE B 38 -7.58 14.47 -42.07
C ILE B 38 -8.21 14.71 -43.44
N HIS B 39 -7.42 14.59 -44.51
CA HIS B 39 -7.97 14.89 -45.82
C HIS B 39 -8.92 13.79 -46.29
N ASN B 40 -8.58 12.53 -46.01
CA ASN B 40 -9.47 11.45 -46.44
C ASN B 40 -10.79 11.50 -45.67
N LEU B 41 -10.72 11.77 -44.36
CA LEU B 41 -11.92 11.95 -43.57
C LEU B 41 -12.79 13.06 -44.13
N ALA B 42 -12.17 14.16 -44.56
CA ALA B 42 -12.94 15.28 -45.09
C ALA B 42 -13.55 14.92 -46.43
N GLU B 43 -12.84 14.17 -47.25
CA GLU B 43 -13.36 13.72 -48.53
C GLU B 43 -14.28 12.52 -48.41
N GLY B 44 -14.47 12.00 -47.19
CA GLY B 44 -15.30 10.83 -47.02
C GLY B 44 -14.70 9.53 -47.53
N THR B 45 -13.37 9.46 -47.63
CA THR B 45 -12.68 8.30 -48.18
C THR B 45 -11.71 7.67 -47.19
N LEU B 46 -11.85 7.93 -45.89
CA LEU B 46 -10.94 7.33 -44.93
C LEU B 46 -11.16 5.81 -44.82
N HIS B 47 -12.40 5.37 -44.60
CA HIS B 47 -12.67 3.93 -44.60
C HIS B 47 -12.22 3.28 -45.91
N GLN B 48 -12.36 3.99 -47.02
CA GLN B 48 -12.04 3.42 -48.32
C GLN B 48 -10.53 3.28 -48.50
N ASN B 49 -9.74 4.27 -48.04
CA ASN B 49 -8.35 4.34 -48.46
C ASN B 49 -7.32 3.96 -47.39
N MET B 50 -7.65 4.06 -46.12
CA MET B 50 -6.64 3.80 -45.11
C MET B 50 -6.28 2.32 -45.08
N PRO B 51 -5.00 1.99 -45.02
CA PRO B 51 -4.62 0.59 -44.80
C PRO B 51 -5.09 0.12 -43.43
N ILE B 52 -5.24 -1.19 -43.31
CA ILE B 52 -5.53 -1.82 -42.02
C ILE B 52 -4.45 -2.87 -41.79
N GLU B 53 -3.24 -2.40 -41.55
CA GLU B 53 -2.11 -3.29 -41.36
C GLU B 53 -2.07 -3.77 -39.91
N THR B 54 -2.01 -5.09 -39.73
CA THR B 54 -1.86 -5.73 -38.43
C THR B 54 -0.68 -6.71 -38.48
N ARG B 55 -0.14 -7.05 -37.30
CA ARG B 55 0.90 -8.05 -37.26
C ARG B 55 0.42 -9.37 -37.84
N SER B 56 -0.76 -9.83 -37.41
CA SER B 56 -1.31 -11.09 -37.91
C SER B 56 -1.65 -11.03 -39.40
N GLY B 57 -1.96 -9.83 -39.89
CA GLY B 57 -2.50 -9.66 -41.23
C GLY B 57 -4.01 -9.73 -41.29
N GLU B 58 -4.66 -10.25 -40.25
CA GLU B 58 -6.11 -10.21 -40.15
C GLU B 58 -6.62 -8.78 -40.06
N THR B 59 -7.77 -8.55 -40.65
CA THR B 59 -8.43 -7.26 -40.56
C THR B 59 -9.77 -7.31 -39.84
N ALA B 60 -10.29 -8.50 -39.54
CA ALA B 60 -11.56 -8.60 -38.84
C ALA B 60 -11.42 -8.05 -37.43
N GLY B 61 -12.45 -7.35 -36.97
CA GLY B 61 -12.38 -6.70 -35.68
C GLY B 61 -11.66 -5.36 -35.77
N TYR B 62 -10.38 -5.39 -36.16
CA TYR B 62 -9.64 -4.14 -36.42
C TYR B 62 -10.44 -3.19 -37.32
N LYS B 63 -11.12 -3.76 -38.33
CA LYS B 63 -11.95 -3.01 -39.28
C LYS B 63 -12.91 -2.07 -38.57
N ASP B 64 -13.51 -2.50 -37.45
CA ASP B 64 -14.54 -1.72 -36.80
C ASP B 64 -14.01 -0.55 -35.97
N MET B 65 -12.71 -0.52 -35.66
CA MET B 65 -12.19 0.43 -34.68
C MET B 65 -11.02 1.27 -35.16
N THR B 66 -10.30 0.84 -36.19
CA THR B 66 -9.04 1.51 -36.51
C THR B 66 -9.23 2.94 -37.02
N HIS B 67 -10.40 3.26 -37.56
CA HIS B 67 -10.54 4.59 -38.14
C HIS B 67 -10.80 5.65 -37.08
N LEU B 68 -11.62 5.33 -36.08
CA LEU B 68 -11.71 6.20 -34.91
C LEU B 68 -10.35 6.32 -34.23
N GLU B 69 -9.57 5.23 -34.22
CA GLU B 69 -8.20 5.31 -33.71
C GLU B 69 -7.40 6.37 -34.47
N ALA B 70 -7.41 6.30 -35.80
CA ALA B 70 -6.66 7.28 -36.57
C ALA B 70 -7.19 8.69 -36.33
N VAL B 71 -8.51 8.87 -36.34
CA VAL B 71 -9.04 10.23 -36.29
C VAL B 71 -8.78 10.84 -34.92
N GLY B 72 -9.14 10.14 -33.85
CA GLY B 72 -8.96 10.70 -32.51
C GLY B 72 -7.50 10.96 -32.16
N ARG B 73 -6.61 10.03 -32.53
CA ARG B 73 -5.21 10.18 -32.15
C ARG B 73 -4.56 11.29 -32.97
N THR B 74 -4.94 11.41 -34.24
CA THR B 74 -4.41 12.49 -35.05
C THR B 74 -4.84 13.84 -34.51
N LEU B 75 -6.16 14.00 -34.28
CA LEU B 75 -6.67 15.31 -33.86
C LEU B 75 -6.14 15.70 -32.49
N ALA B 76 -5.93 14.72 -31.61
CA ALA B 76 -5.37 15.02 -30.29
C ALA B 76 -4.02 15.71 -30.39
N GLY B 77 -3.24 15.41 -31.42
CA GLY B 77 -1.92 15.97 -31.57
C GLY B 77 -1.86 17.25 -32.39
N VAL B 78 -2.74 17.41 -33.37
CA VAL B 78 -2.71 18.64 -34.15
C VAL B 78 -3.53 19.76 -33.52
N ALA B 79 -4.40 19.44 -32.56
CA ALA B 79 -5.34 20.44 -32.05
C ALA B 79 -4.67 21.70 -31.53
N PRO B 80 -3.62 21.64 -30.68
CA PRO B 80 -3.01 22.91 -30.21
C PRO B 80 -2.55 23.80 -31.35
N TRP B 81 -1.89 23.22 -32.36
CA TRP B 81 -1.53 24.00 -33.54
C TRP B 81 -2.76 24.67 -34.14
N LEU B 82 -3.84 23.93 -34.31
CA LEU B 82 -5.04 24.49 -34.91
C LEU B 82 -5.78 25.46 -34.00
N ALA B 83 -5.41 25.56 -32.72
CA ALA B 83 -6.05 26.53 -31.83
C ALA B 83 -5.49 27.93 -31.99
N LEU B 84 -4.31 28.08 -32.62
CA LEU B 84 -3.73 29.40 -32.82
C LEU B 84 -4.65 30.30 -33.63
N PRO B 85 -4.67 31.59 -33.34
CA PRO B 85 -5.48 32.52 -34.16
C PRO B 85 -4.94 32.60 -35.57
N ASP B 86 -5.87 32.81 -36.51
CA ASP B 86 -5.50 32.81 -37.93
C ASP B 86 -4.65 34.02 -38.27
N ASP B 87 -3.81 33.86 -39.28
CA ASP B 87 -3.10 34.98 -39.88
C ASP B 87 -2.81 34.65 -41.34
N ASP B 88 -2.24 35.62 -42.05
CA ASP B 88 -2.04 35.51 -43.49
C ASP B 88 -0.63 35.06 -43.85
N THR B 89 0.20 34.72 -42.87
CA THR B 89 1.50 34.12 -43.13
C THR B 89 1.33 32.79 -43.87
N GLU B 90 2.43 32.27 -44.41
CA GLU B 90 2.38 30.99 -45.10
C GLU B 90 1.89 29.88 -44.18
N GLU B 91 2.50 29.76 -42.98
CA GLU B 91 2.05 28.73 -42.07
C GLU B 91 0.59 28.94 -41.69
N GLY B 92 0.20 30.20 -41.49
CA GLY B 92 -1.19 30.49 -41.13
C GLY B 92 -2.19 30.03 -42.17
N LYS B 93 -1.81 30.07 -43.45
CA LYS B 93 -2.69 29.53 -44.48
C LYS B 93 -2.83 28.01 -44.35
N LEU B 94 -1.70 27.32 -44.12
CA LEU B 94 -1.76 25.87 -43.88
C LEU B 94 -2.67 25.54 -42.69
N ARG B 95 -2.55 26.29 -41.59
CA ARG B 95 -3.38 26.03 -40.42
C ARG B 95 -4.84 26.17 -40.75
N LYS B 96 -5.20 27.28 -41.42
CA LYS B 96 -6.59 27.51 -41.80
C LYS B 96 -7.14 26.36 -42.63
N GLN B 97 -6.35 25.89 -43.59
CA GLN B 97 -6.80 24.86 -44.51
C GLN B 97 -7.02 23.53 -43.78
N MET B 98 -6.05 23.14 -42.96
CA MET B 98 -6.20 21.89 -42.22
C MET B 98 -7.38 21.95 -41.27
N ARG B 99 -7.59 23.11 -40.62
CA ARG B 99 -8.71 23.25 -39.69
C ARG B 99 -10.04 23.13 -40.40
N GLU B 100 -10.12 23.70 -41.61
CA GLU B 100 -11.35 23.56 -42.38
C GLU B 100 -11.61 22.11 -42.78
N GLU B 101 -10.57 21.39 -43.23
CA GLU B 101 -10.75 19.99 -43.55
C GLU B 101 -11.11 19.18 -42.30
N VAL B 102 -10.49 19.50 -41.16
CA VAL B 102 -10.83 18.81 -39.92
C VAL B 102 -12.29 18.99 -39.57
N LEU B 103 -12.77 20.24 -39.59
CA LEU B 103 -14.18 20.50 -39.32
C LEU B 103 -15.09 19.75 -40.29
N LYS B 104 -14.68 19.66 -41.56
CA LYS B 104 -15.50 18.92 -42.52
C LYS B 104 -15.50 17.43 -42.21
N GLY B 105 -14.34 16.88 -41.84
CA GLY B 105 -14.29 15.48 -41.47
C GLY B 105 -15.04 15.18 -40.17
N LEU B 106 -14.93 16.07 -39.19
CA LEU B 106 -15.65 15.91 -37.94
C LEU B 106 -17.16 15.88 -38.16
N LYS B 107 -17.67 16.63 -39.15
CA LYS B 107 -19.08 16.57 -39.49
C LYS B 107 -19.42 15.24 -40.16
N ASN B 108 -18.56 14.77 -41.05
CA ASN B 108 -18.78 13.47 -41.70
C ASN B 108 -18.76 12.34 -40.69
N ALA B 109 -17.88 12.44 -39.68
CA ALA B 109 -17.60 11.27 -38.86
C ALA B 109 -18.82 10.81 -38.05
N VAL B 110 -19.80 11.69 -37.82
CA VAL B 110 -21.03 11.33 -37.16
C VAL B 110 -22.25 11.49 -38.07
N ASP B 111 -22.01 11.66 -39.37
CA ASP B 111 -23.09 11.78 -40.36
C ASP B 111 -23.56 10.39 -40.80
N PRO B 112 -24.83 10.03 -40.57
CA PRO B 112 -25.26 8.66 -40.92
C PRO B 112 -25.26 8.39 -42.41
N ALA B 113 -25.31 9.41 -43.26
CA ALA B 113 -25.12 9.25 -44.69
C ALA B 113 -23.66 9.25 -45.12
N SER B 114 -22.73 9.54 -44.20
CA SER B 114 -21.36 9.59 -44.70
C SER B 114 -20.74 8.20 -44.70
N PRO B 115 -20.02 7.86 -45.76
CA PRO B 115 -19.23 6.61 -45.75
C PRO B 115 -18.21 6.57 -44.64
N ASP B 116 -17.82 7.70 -44.06
CA ASP B 116 -16.84 7.72 -42.99
C ASP B 116 -17.46 7.82 -41.61
N LEU B 117 -18.75 7.52 -41.48
CA LEU B 117 -19.35 7.39 -40.16
C LEU B 117 -18.49 6.47 -39.31
N LEU B 118 -18.06 6.97 -38.16
CA LEU B 118 -17.15 6.22 -37.31
C LEU B 118 -17.92 5.38 -36.30
N ASN B 119 -17.28 4.33 -35.83
CA ASN B 119 -17.92 3.40 -34.91
C ASN B 119 -17.72 3.84 -33.46
N PHE B 120 -18.82 4.11 -32.76
CA PHE B 120 -18.79 4.30 -31.31
C PHE B 120 -19.52 3.21 -30.54
N THR B 121 -20.41 2.44 -31.20
CA THR B 121 -21.34 1.58 -30.49
C THR B 121 -20.81 0.16 -30.25
N LYS B 122 -19.78 -0.27 -30.97
CA LYS B 122 -19.32 -1.66 -30.93
C LYS B 122 -17.88 -1.74 -30.41
N HIS B 123 -17.62 -2.80 -29.62
CA HIS B 123 -16.34 -3.12 -28.97
C HIS B 123 -15.96 -2.11 -27.87
N ALA B 124 -15.00 -2.48 -27.04
CA ALA B 124 -14.51 -1.58 -26.00
C ALA B 124 -13.56 -0.52 -26.55
N GLN B 125 -12.90 -0.79 -27.67
CA GLN B 125 -11.88 0.12 -28.18
C GLN B 125 -12.33 1.58 -28.34
N PRO B 126 -13.52 1.90 -28.84
CA PRO B 126 -13.84 3.33 -29.04
C PRO B 126 -13.81 4.15 -27.76
N ILE B 127 -13.94 3.51 -26.58
CA ILE B 127 -13.72 4.19 -25.31
C ILE B 127 -12.38 4.90 -25.32
N VAL B 128 -11.35 4.20 -25.79
CA VAL B 128 -10.01 4.77 -25.90
C VAL B 128 -10.04 5.98 -26.81
N ASP B 129 -10.50 5.77 -28.04
CA ASP B 129 -10.27 6.73 -29.09
C ASP B 129 -11.24 7.89 -29.03
N ALA B 130 -12.43 7.67 -28.46
CA ALA B 130 -13.28 8.79 -28.11
C ALA B 130 -12.57 9.72 -27.15
N ALA B 131 -11.77 9.17 -26.23
CA ALA B 131 -11.09 10.00 -25.24
C ALA B 131 -9.99 10.83 -25.88
N TYR B 132 -9.29 10.29 -26.88
CA TYR B 132 -8.36 11.14 -27.61
C TYR B 132 -9.09 12.16 -28.46
N LEU B 133 -10.27 11.82 -28.99
CA LEU B 133 -11.05 12.81 -29.72
C LEU B 133 -11.50 13.92 -28.79
N VAL B 134 -11.94 13.54 -27.59
CA VAL B 134 -12.32 14.50 -26.57
C VAL B 134 -11.14 15.38 -26.23
N HIS B 135 -9.94 14.79 -26.16
CA HIS B 135 -8.77 15.57 -25.81
C HIS B 135 -8.47 16.63 -26.88
N ALA B 136 -8.70 16.29 -28.15
CA ALA B 136 -8.63 17.31 -29.21
C ALA B 136 -9.62 18.43 -28.95
N PHE B 137 -10.84 18.09 -28.56
CA PHE B 137 -11.84 19.13 -28.32
C PHE B 137 -11.43 20.00 -27.14
N LEU B 138 -10.70 19.43 -26.17
CA LEU B 138 -10.24 20.17 -25.01
C LEU B 138 -9.03 21.02 -25.31
N ARG B 139 -8.16 20.57 -26.21
CA ARG B 139 -7.02 21.38 -26.60
C ARG B 139 -7.39 22.45 -27.62
N ALA B 140 -8.55 22.37 -28.23
CA ALA B 140 -8.91 23.42 -29.17
C ALA B 140 -10.42 23.63 -29.22
N PRO B 141 -11.04 24.02 -28.10
CA PRO B 141 -12.52 24.16 -28.10
C PRO B 141 -13.05 25.10 -29.17
N LYS B 142 -12.43 26.27 -29.32
CA LYS B 142 -12.97 27.27 -30.22
C LYS B 142 -12.69 26.95 -31.67
N ALA B 143 -11.61 26.23 -31.96
CA ALA B 143 -11.27 25.89 -33.33
C ALA B 143 -11.95 24.62 -33.83
N LEU B 144 -12.19 23.63 -32.96
CA LEU B 144 -12.63 22.32 -33.40
C LEU B 144 -13.97 21.87 -32.86
N TRP B 145 -14.48 22.49 -31.79
CA TRP B 145 -15.78 22.12 -31.26
C TRP B 145 -16.84 23.17 -31.57
N GLU B 146 -16.66 24.39 -31.06
CA GLU B 146 -17.62 25.47 -31.27
C GLU B 146 -18.08 25.66 -32.72
N PRO B 147 -17.24 25.54 -33.76
CA PRO B 147 -17.74 25.74 -35.13
C PRO B 147 -18.66 24.63 -35.62
N LEU B 148 -18.64 23.46 -35.00
CA LEU B 148 -19.52 22.39 -35.45
C LEU B 148 -20.97 22.84 -35.34
N ASP B 149 -21.78 22.48 -36.32
CA ASP B 149 -23.20 22.77 -36.25
C ASP B 149 -23.82 21.99 -35.09
N GLU B 150 -24.99 22.45 -34.64
CA GLU B 150 -25.59 21.92 -33.42
C GLU B 150 -25.93 20.43 -33.55
N VAL B 151 -26.44 20.02 -34.70
CA VAL B 151 -26.78 18.60 -34.92
C VAL B 151 -25.53 17.74 -34.83
N THR B 152 -24.42 18.19 -35.42
CA THR B 152 -23.17 17.47 -35.27
C THR B 152 -22.73 17.43 -33.82
N LYS B 153 -22.88 18.55 -33.10
CA LYS B 153 -22.52 18.57 -31.69
C LYS B 153 -23.32 17.57 -30.87
N GLU B 154 -24.64 17.53 -31.10
CA GLU B 154 -25.50 16.62 -30.34
C GLU B 154 -25.17 15.17 -30.61
N ARG B 155 -24.78 14.85 -31.84
CA ARG B 155 -24.39 13.50 -32.17
C ARG B 155 -23.12 13.09 -31.42
N TYR B 156 -22.14 14.00 -31.32
CA TYR B 156 -20.94 13.66 -30.56
C TYR B 156 -21.27 13.44 -29.08
N ILE B 157 -22.19 14.25 -28.54
CA ILE B 157 -22.63 14.07 -27.17
C ILE B 157 -23.20 12.67 -26.95
N LYS B 158 -24.18 12.29 -27.77
CA LYS B 158 -24.77 10.95 -27.67
C LYS B 158 -23.72 9.88 -27.93
N SER B 159 -22.81 10.10 -28.88
CA SER B 159 -21.76 9.14 -29.18
C SER B 159 -20.88 8.90 -27.95
N PHE B 160 -20.55 9.97 -27.23
CA PHE B 160 -19.74 9.76 -26.04
C PHE B 160 -20.56 9.10 -24.93
N GLN B 161 -21.86 9.40 -24.86
CA GLN B 161 -22.68 8.82 -23.80
C GLN B 161 -22.95 7.34 -24.04
N SER B 162 -22.92 6.88 -25.29
CA SER B 162 -23.21 5.48 -25.62
C SER B 162 -22.09 4.54 -25.23
N LEU B 163 -20.95 5.06 -24.77
CA LEU B 163 -19.81 4.22 -24.44
C LEU B 163 -20.00 3.49 -23.12
N ARG B 164 -20.96 3.94 -22.29
CA ARG B 164 -21.04 3.53 -20.90
C ARG B 164 -21.49 2.10 -20.70
N ASP B 165 -21.89 1.41 -21.76
CA ASP B 165 -22.24 -0.01 -21.64
C ASP B 165 -21.05 -0.93 -21.86
N ARG B 166 -19.84 -0.39 -21.96
CA ARG B 166 -18.67 -1.22 -22.13
C ARG B 166 -17.57 -0.71 -21.22
N THR B 167 -16.50 -1.48 -21.11
CA THR B 167 -15.35 -1.05 -20.35
C THR B 167 -14.11 -1.80 -20.83
N GLY B 168 -12.96 -1.34 -20.36
CA GLY B 168 -11.69 -1.92 -20.75
C GLY B 168 -10.91 -2.34 -19.52
N ALA B 169 -9.59 -2.33 -19.62
CA ALA B 169 -8.76 -2.91 -18.57
C ALA B 169 -8.84 -2.06 -17.30
N TYR B 170 -8.43 -2.66 -16.20
CA TYR B 170 -8.34 -1.96 -14.92
C TYR B 170 -6.96 -1.32 -14.81
N ASN B 171 -6.81 -0.23 -15.58
CA ASN B 171 -5.52 0.46 -15.66
C ASN B 171 -5.72 1.88 -16.19
N ASN B 172 -4.80 2.38 -17.02
CA ASN B 172 -4.93 3.74 -17.56
C ASN B 172 -6.25 3.96 -18.28
N TRP B 173 -6.95 2.88 -18.67
CA TRP B 173 -8.25 3.01 -19.32
C TRP B 173 -9.25 3.79 -18.48
N LEU B 174 -9.09 3.77 -17.15
CA LEU B 174 -10.01 4.53 -16.31
C LEU B 174 -9.99 6.01 -16.69
N LEU B 175 -8.81 6.52 -17.06
CA LEU B 175 -8.70 7.91 -17.50
C LEU B 175 -9.49 8.17 -18.76
N PHE B 176 -9.54 7.21 -19.68
CA PHE B 176 -10.29 7.43 -20.92
C PHE B 176 -11.74 7.76 -20.60
N THR B 177 -12.39 6.91 -19.81
CA THR B 177 -13.78 7.16 -19.51
C THR B 177 -13.94 8.33 -18.54
N GLY B 178 -12.95 8.55 -17.66
CA GLY B 178 -12.99 9.71 -16.79
C GLY B 178 -12.88 11.02 -17.55
N LEU B 179 -11.93 11.10 -18.48
CA LEU B 179 -11.80 12.31 -19.28
C LEU B 179 -13.07 12.56 -20.08
N THR B 180 -13.64 11.51 -20.67
CA THR B 180 -14.83 11.66 -21.49
C THR B 180 -15.99 12.22 -20.68
N GLU B 181 -16.26 11.64 -19.51
CA GLU B 181 -17.32 12.18 -18.67
C GLU B 181 -17.00 13.60 -18.22
N SER B 182 -15.73 13.90 -17.91
CA SER B 182 -15.40 15.25 -17.50
C SER B 182 -15.65 16.24 -18.63
N PHE B 183 -15.45 15.82 -19.88
CA PHE B 183 -15.83 16.64 -21.03
C PHE B 183 -17.33 16.89 -21.05
N LEU B 184 -18.13 15.83 -20.87
CA LEU B 184 -19.58 15.96 -20.86
C LEU B 184 -20.03 16.89 -19.72
N LEU B 185 -19.43 16.73 -18.56
CA LEU B 185 -19.70 17.64 -17.45
C LEU B 185 -19.41 19.09 -17.85
N GLY B 186 -18.24 19.33 -18.46
CA GLY B 186 -17.89 20.66 -18.93
C GLY B 186 -18.84 21.23 -19.96
N LYS B 187 -19.62 20.37 -20.63
CA LYS B 187 -20.59 20.77 -21.63
C LYS B 187 -21.99 20.95 -21.05
N GLY B 188 -22.17 20.66 -19.77
CA GLY B 188 -23.47 20.78 -19.16
C GLY B 188 -24.47 19.72 -19.57
N VAL B 189 -24.01 18.60 -20.14
CA VAL B 189 -24.91 17.52 -20.50
C VAL B 189 -24.80 16.43 -19.44
N GLN B 190 -25.56 15.35 -19.60
CA GLN B 190 -25.60 14.35 -18.54
C GLN B 190 -24.31 13.54 -18.49
N TYR B 191 -23.68 13.48 -17.31
CA TYR B 191 -22.38 12.83 -17.12
C TYR B 191 -22.49 11.78 -16.00
N ASP B 192 -21.49 10.91 -15.93
CA ASP B 192 -21.45 9.80 -14.96
C ASP B 192 -20.51 10.17 -13.81
N GLN B 193 -21.08 10.52 -12.66
CA GLN B 193 -20.27 10.93 -11.52
C GLN B 193 -19.39 9.80 -11.02
N PHE B 194 -19.88 8.56 -11.07
CA PHE B 194 -19.07 7.43 -10.63
C PHE B 194 -17.77 7.34 -11.40
N ARG B 195 -17.85 7.40 -12.74
CA ARG B 195 -16.66 7.32 -13.57
C ARG B 195 -15.67 8.43 -13.27
N ILE B 196 -16.19 9.63 -12.99
CA ILE B 196 -15.34 10.77 -12.68
C ILE B 196 -14.63 10.56 -11.35
N ARG B 197 -15.35 10.04 -10.36
CA ARG B 197 -14.80 9.93 -9.02
C ARG B 197 -13.77 8.82 -8.91
N VAL B 198 -14.09 7.62 -9.43
CA VAL B 198 -13.21 6.47 -9.20
C VAL B 198 -11.95 6.58 -10.06
N SER B 199 -12.07 7.10 -11.28
CA SER B 199 -10.88 7.23 -12.11
C SER B 199 -9.90 8.22 -11.50
N LYS B 200 -10.40 9.33 -10.93
CA LYS B 200 -9.52 10.26 -10.24
C LYS B 200 -8.82 9.60 -9.07
N ASN B 201 -9.59 9.01 -8.15
CA ASN B 201 -8.98 8.45 -6.94
C ASN B 201 -8.07 7.28 -7.27
N LYS B 202 -8.48 6.42 -8.22
CA LYS B 202 -7.65 5.28 -8.57
C LYS B 202 -6.31 5.73 -9.10
N VAL B 203 -6.33 6.64 -10.08
CA VAL B 203 -5.09 7.12 -10.64
C VAL B 203 -4.21 7.75 -9.57
N LYS B 204 -4.82 8.46 -8.60
CA LYS B 204 -4.01 9.03 -7.52
C LYS B 204 -3.38 7.93 -6.67
N GLU B 205 -4.14 6.87 -6.40
CA GLU B 205 -3.57 5.76 -5.64
C GLU B 205 -2.43 5.07 -6.39
N TRP B 206 -2.47 5.07 -7.72
CA TRP B 206 -1.43 4.43 -8.52
C TRP B 206 -0.14 5.23 -8.63
N TYR B 207 -0.11 6.49 -8.18
CA TYR B 207 1.15 7.23 -8.19
C TYR B 207 2.18 6.51 -7.35
N VAL B 208 3.34 6.21 -7.93
CA VAL B 208 4.36 5.48 -7.17
C VAL B 208 5.52 6.36 -6.75
N GLY B 209 5.79 7.46 -7.44
CA GLY B 209 6.83 8.38 -7.02
C GLY B 209 7.61 8.95 -8.19
N ASP B 210 8.25 10.10 -7.93
CA ASP B 210 9.24 10.70 -8.82
C ASP B 210 8.69 10.93 -10.24
N GLY B 211 7.41 11.30 -10.29
CA GLY B 211 6.74 11.63 -11.54
C GLY B 211 6.14 10.46 -12.27
N TRP B 212 6.03 9.30 -11.64
CA TRP B 212 5.58 8.09 -12.31
C TRP B 212 4.37 7.53 -11.60
N TYR B 213 3.36 7.15 -12.39
CA TYR B 213 2.27 6.29 -11.96
C TYR B 213 2.55 4.84 -12.37
N SER B 214 1.88 3.92 -11.71
CA SER B 214 1.76 2.57 -12.23
C SER B 214 0.58 2.53 -13.19
N ASP B 215 0.77 1.88 -14.34
CA ASP B 215 -0.31 1.67 -15.30
C ASP B 215 -1.18 0.50 -14.82
N GLY B 216 -2.08 0.80 -13.87
CA GLY B 216 -2.81 -0.24 -13.19
C GLY B 216 -2.09 -0.65 -11.92
N PRO B 217 -2.48 -1.79 -11.34
CA PRO B 217 -1.95 -2.13 -9.98
C PRO B 217 -0.46 -2.42 -9.95
N SER B 218 0.16 -2.75 -11.07
CA SER B 218 1.58 -3.10 -11.09
C SER B 218 2.38 -2.07 -11.88
N PHE B 219 3.50 -1.64 -11.32
CA PHE B 219 4.32 -0.67 -12.03
C PHE B 219 4.82 -1.26 -13.35
N SER B 220 4.80 -0.43 -14.38
CA SER B 220 5.11 -0.82 -15.76
C SER B 220 6.13 0.19 -16.30
N MET B 221 7.34 -0.26 -16.59
CA MET B 221 8.35 0.65 -17.14
C MET B 221 8.16 0.71 -18.64
N ASP B 222 7.31 1.64 -19.07
CA ASP B 222 7.02 1.86 -20.47
C ASP B 222 6.63 3.32 -20.67
N ASN B 223 6.16 3.65 -21.86
CA ASN B 223 5.83 5.02 -22.19
C ASN B 223 4.38 5.39 -21.86
N TYR B 224 3.62 4.52 -21.18
CA TYR B 224 2.20 4.80 -20.99
C TYR B 224 1.96 5.99 -20.07
N ASN B 225 2.89 6.29 -19.15
CA ASN B 225 2.79 7.55 -18.41
C ASN B 225 2.70 8.74 -19.35
N ALA B 226 3.44 8.70 -20.48
CA ALA B 226 3.34 9.77 -21.46
C ALA B 226 2.16 9.55 -22.40
N TYR B 227 1.91 8.31 -22.80
CA TYR B 227 0.85 8.03 -23.78
C TYR B 227 -0.52 8.46 -23.26
N VAL B 228 -0.80 8.21 -21.98
CA VAL B 228 -2.14 8.40 -21.44
C VAL B 228 -2.12 9.21 -20.14
N MET B 229 -1.30 8.80 -19.18
CA MET B 229 -1.64 9.07 -17.79
C MET B 229 -1.47 10.54 -17.40
N HIS B 230 -0.30 11.14 -17.68
CA HIS B 230 -0.10 12.52 -17.23
C HIS B 230 -1.01 13.50 -17.97
N SER B 231 -0.95 13.49 -19.30
CA SER B 231 -1.74 14.42 -20.10
C SER B 231 -3.21 14.31 -19.77
N MET B 232 -3.73 13.09 -19.61
CA MET B 232 -5.17 12.98 -19.42
C MET B 232 -5.56 13.19 -17.97
N MET B 233 -4.75 12.74 -17.01
CA MET B 233 -5.05 13.09 -15.62
C MET B 233 -5.14 14.59 -15.46
N VAL B 234 -4.18 15.33 -16.03
CA VAL B 234 -4.18 16.79 -15.92
C VAL B 234 -5.39 17.37 -16.63
N ALA B 235 -5.63 16.94 -17.87
CA ALA B 235 -6.76 17.47 -18.63
C ALA B 235 -8.07 17.19 -17.93
N MET B 236 -8.22 15.98 -17.37
CA MET B 236 -9.46 15.68 -16.67
C MET B 236 -9.62 16.55 -15.44
N LEU B 237 -8.57 16.69 -14.64
CA LEU B 237 -8.68 17.48 -13.42
C LEU B 237 -9.03 18.93 -13.73
N GLU B 238 -8.49 19.47 -14.83
CA GLU B 238 -8.82 20.83 -15.24
C GLU B 238 -10.30 20.98 -15.53
N ASN B 239 -10.91 19.96 -16.15
CA ASN B 239 -12.35 19.98 -16.39
C ASN B 239 -13.13 19.96 -15.10
N LEU B 240 -12.62 19.23 -14.10
CA LEU B 240 -13.36 19.02 -12.87
C LEU B 240 -13.27 20.19 -11.91
N LEU B 241 -12.26 21.03 -12.04
CA LEU B 241 -12.06 22.09 -11.06
C LEU B 241 -13.26 23.04 -10.99
N PRO B 242 -13.74 23.63 -12.09
CA PRO B 242 -14.88 24.57 -11.96
C PRO B 242 -16.12 23.97 -11.32
N LYS B 243 -16.39 22.68 -11.52
CA LYS B 243 -17.52 22.04 -10.87
C LYS B 243 -17.17 21.53 -9.47
N ARG B 244 -15.95 21.82 -9.00
CA ARG B 244 -15.46 21.35 -7.70
C ARG B 244 -15.49 19.83 -7.59
N TRP B 245 -15.42 19.13 -8.72
CA TRP B 245 -15.21 17.69 -8.68
C TRP B 245 -13.74 17.31 -8.50
N ALA B 246 -12.85 18.30 -8.54
CA ALA B 246 -11.45 18.14 -8.16
C ALA B 246 -11.01 19.47 -7.59
N SER B 247 -9.97 19.43 -6.76
CA SER B 247 -9.46 20.63 -6.11
C SER B 247 -8.24 21.19 -6.85
N GLN B 248 -7.97 22.48 -6.62
CA GLN B 248 -6.75 23.07 -7.18
C GLN B 248 -5.51 22.34 -6.67
N LYS B 249 -5.53 21.90 -5.42
CA LYS B 249 -4.43 21.11 -4.89
C LYS B 249 -4.22 19.84 -5.71
N GLU B 250 -5.31 19.14 -6.05
CA GLU B 250 -5.17 17.92 -6.85
C GLU B 250 -4.61 18.25 -8.24
N LEU B 251 -5.03 19.37 -8.83
CA LEU B 251 -4.58 19.73 -10.17
C LEU B 251 -3.11 20.15 -10.18
N ASP B 252 -2.71 20.98 -9.20
CA ASP B 252 -1.30 21.33 -9.05
C ASP B 252 -0.45 20.09 -8.82
N GLU B 253 -0.95 19.15 -8.04
CA GLU B 253 -0.25 17.90 -7.80
C GLU B 253 -0.02 17.14 -9.11
N ALA B 254 -1.10 16.86 -9.85
CA ALA B 254 -0.92 16.15 -11.10
C ALA B 254 -0.05 16.95 -12.05
N MET B 255 -0.19 18.28 -12.04
CA MET B 255 0.58 19.13 -12.94
C MET B 255 2.06 19.01 -12.64
N ASN B 256 2.43 19.05 -11.36
CA ASN B 256 3.84 19.00 -11.00
C ASN B 256 4.43 17.62 -11.25
N ARG B 257 3.63 16.57 -11.10
CA ARG B 257 4.10 15.24 -11.43
C ARG B 257 4.31 15.08 -12.93
N MET B 258 3.51 15.75 -13.77
CA MET B 258 3.78 15.70 -15.21
C MET B 258 5.08 16.45 -15.54
N ILE B 259 5.25 17.65 -14.98
CA ILE B 259 6.49 18.42 -15.13
C ILE B 259 7.71 17.57 -14.79
N ARG B 260 7.67 16.89 -13.63
CA ARG B 260 8.78 16.04 -13.23
C ARG B 260 9.02 14.93 -14.25
N HIS B 261 7.95 14.23 -14.66
CA HIS B 261 8.08 13.17 -15.66
C HIS B 261 8.74 13.66 -16.94
N SER B 262 8.46 14.90 -17.34
CA SER B 262 9.02 15.43 -18.57
C SER B 262 10.53 15.55 -18.51
N GLU B 263 11.11 15.67 -17.31
CA GLU B 263 12.57 15.70 -17.19
C GLU B 263 13.19 14.38 -17.61
N PHE B 264 12.69 13.27 -17.09
CA PHE B 264 13.21 11.99 -17.54
C PHE B 264 13.08 11.84 -19.05
N CYS B 265 11.95 12.25 -19.63
CA CYS B 265 11.73 12.03 -21.06
C CYS B 265 12.64 12.89 -21.90
N GLU B 266 12.93 14.13 -21.46
CA GLU B 266 13.91 14.94 -22.17
C GLU B 266 15.32 14.36 -22.00
N ARG B 267 15.59 13.76 -20.83
CA ARG B 267 16.90 13.17 -20.59
C ARG B 267 17.13 11.88 -21.36
N MET B 268 16.09 11.18 -21.80
CA MET B 268 16.34 9.93 -22.51
C MET B 268 16.58 10.10 -24.00
N ILE B 269 16.52 11.33 -24.51
CA ILE B 269 16.91 11.59 -25.91
C ILE B 269 18.43 11.64 -25.97
N ALA B 270 19.02 10.76 -26.77
CA ALA B 270 20.47 10.56 -26.83
C ALA B 270 21.14 11.70 -27.61
N PRO B 271 22.48 11.77 -27.61
CA PRO B 271 23.13 12.82 -28.40
C PRO B 271 22.85 12.74 -29.90
N ASP B 272 22.69 11.53 -30.45
CA ASP B 272 22.37 11.32 -31.87
C ASP B 272 20.89 11.55 -32.19
N GLY B 273 20.09 12.03 -31.24
CA GLY B 273 18.69 12.25 -31.49
C GLY B 273 17.79 11.04 -31.40
N THR B 274 18.32 9.88 -31.00
CA THR B 274 17.46 8.73 -30.82
C THR B 274 16.94 8.68 -29.37
N TYR B 275 16.12 7.68 -29.09
CA TYR B 275 15.63 7.43 -27.74
C TYR B 275 15.42 5.93 -27.63
N PRO B 276 15.47 5.38 -26.42
CA PRO B 276 15.38 3.91 -26.30
C PRO B 276 13.99 3.40 -26.64
N ALA B 277 13.96 2.23 -27.29
CA ALA B 277 12.72 1.50 -27.51
C ALA B 277 12.53 0.56 -26.34
N PHE B 278 11.44 0.73 -25.59
CA PHE B 278 11.20 -0.13 -24.46
C PHE B 278 9.71 -0.11 -24.13
N GLY B 279 9.23 -1.19 -23.50
CA GLY B 279 7.86 -1.30 -23.08
C GLY B 279 6.89 -1.58 -24.22
N ARG B 280 5.63 -1.79 -23.85
CA ARG B 280 4.64 -2.13 -24.85
C ARG B 280 4.26 -0.91 -25.68
N SER B 281 3.56 -1.18 -26.79
CA SER B 281 3.11 -0.12 -27.70
C SER B 281 4.26 0.77 -28.14
N VAL B 282 5.41 0.15 -28.41
CA VAL B 282 6.54 0.93 -28.88
C VAL B 282 6.25 1.52 -30.25
N THR B 283 5.27 0.97 -30.95
CA THR B 283 4.82 1.46 -32.25
C THR B 283 4.20 2.85 -32.19
N TYR B 284 3.97 3.41 -31.00
CA TYR B 284 3.43 4.77 -30.90
C TYR B 284 4.49 5.83 -31.17
N ARG B 285 5.76 5.42 -31.30
CA ARG B 285 6.87 6.30 -31.69
C ARG B 285 6.91 7.52 -30.75
N THR B 286 6.96 8.73 -31.28
CA THR B 286 7.28 9.88 -30.45
C THR B 286 6.16 10.30 -29.53
N ALA B 287 5.03 9.58 -29.50
CA ALA B 287 4.07 9.78 -28.42
C ALA B 287 4.70 9.54 -27.04
N ALA B 288 5.81 8.82 -26.98
CA ALA B 288 6.57 8.69 -25.73
C ALA B 288 6.97 10.04 -25.16
N PHE B 289 6.87 11.11 -25.94
CA PHE B 289 7.22 12.45 -25.51
C PHE B 289 6.01 13.34 -25.25
N GLN B 290 4.80 12.76 -25.15
CA GLN B 290 3.63 13.61 -25.00
C GLN B 290 3.69 14.43 -23.70
N SER B 291 4.34 13.90 -22.65
CA SER B 291 4.35 14.65 -21.41
C SER B 291 5.33 15.82 -21.49
N LEU B 292 6.48 15.59 -22.12
CA LEU B 292 7.42 16.68 -22.40
C LEU B 292 6.80 17.70 -23.36
N ALA B 293 6.04 17.21 -24.35
CA ALA B 293 5.40 18.08 -25.32
C ALA B 293 4.31 18.92 -24.68
N ASP B 294 3.55 18.30 -23.75
CA ASP B 294 2.50 19.00 -23.02
C ASP B 294 3.08 20.04 -22.08
N VAL B 295 4.14 19.68 -21.34
CA VAL B 295 4.78 20.62 -20.43
C VAL B 295 5.35 21.80 -21.21
N ALA B 296 5.97 21.52 -22.36
CA ALA B 296 6.49 22.60 -23.19
C ALA B 296 5.35 23.50 -23.67
N LEU B 297 4.28 22.90 -24.19
CA LEU B 297 3.14 23.69 -24.64
C LEU B 297 2.60 24.56 -23.53
N ARG B 298 2.55 24.04 -22.31
CA ARG B 298 2.00 24.80 -21.20
C ARG B 298 2.99 25.80 -20.62
N LYS B 299 4.19 25.92 -21.19
CA LYS B 299 5.19 26.89 -20.71
C LYS B 299 5.59 26.60 -19.27
N LYS B 300 5.71 25.31 -18.93
CA LYS B 300 5.96 24.89 -17.55
C LYS B 300 7.21 24.03 -17.43
N LEU B 301 8.15 24.20 -18.34
CA LEU B 301 9.39 23.46 -18.25
C LEU B 301 10.15 23.87 -17.00
N PRO B 302 10.83 22.94 -16.32
CA PRO B 302 11.58 23.28 -15.12
C PRO B 302 12.75 24.20 -15.44
N SER B 303 13.30 24.79 -14.38
CA SER B 303 14.19 25.95 -14.53
C SER B 303 15.41 25.63 -15.38
N HIS B 304 16.00 24.45 -15.16
CA HIS B 304 17.24 24.01 -15.76
C HIS B 304 17.06 23.43 -17.16
N VAL B 305 15.82 23.33 -17.65
CA VAL B 305 15.53 22.72 -18.93
C VAL B 305 14.96 23.82 -19.82
N SER B 306 15.78 24.33 -20.74
CA SER B 306 15.36 25.48 -21.54
C SER B 306 14.36 25.06 -22.61
N PRO B 307 13.44 25.97 -23.00
CA PRO B 307 12.58 25.68 -24.16
C PRO B 307 13.36 25.36 -25.41
N ALA B 308 14.46 26.06 -25.67
CA ALA B 308 15.25 25.79 -26.85
C ALA B 308 15.78 24.35 -26.86
N GLN B 309 16.29 23.88 -25.73
CA GLN B 309 16.85 22.54 -25.74
C GLN B 309 15.78 21.47 -25.95
N VAL B 310 14.55 21.71 -25.50
CA VAL B 310 13.46 20.77 -25.77
C VAL B 310 13.09 20.81 -27.24
N ARG B 311 12.88 22.02 -27.78
CA ARG B 311 12.67 22.19 -29.21
C ARG B 311 13.75 21.45 -30.01
N CYS B 312 15.02 21.68 -29.68
CA CYS B 312 16.08 21.08 -30.48
C CYS B 312 16.11 19.57 -30.30
N ALA B 313 15.90 19.08 -29.07
CA ALA B 313 15.92 17.64 -28.84
C ALA B 313 14.80 16.96 -29.62
N LEU B 314 13.56 17.43 -29.44
CA LEU B 314 12.44 16.90 -30.19
C LEU B 314 12.57 17.15 -31.69
N THR B 315 13.31 18.19 -32.10
CA THR B 315 13.53 18.37 -33.54
C THR B 315 14.32 17.20 -34.09
N ALA B 316 15.42 16.85 -33.41
CA ALA B 316 16.24 15.73 -33.86
C ALA B 316 15.44 14.43 -33.87
N VAL B 317 14.59 14.22 -32.86
CA VAL B 317 13.81 12.99 -32.84
C VAL B 317 12.80 12.97 -33.98
N HIS B 318 12.13 14.10 -34.21
CA HIS B 318 11.14 14.20 -35.28
C HIS B 318 11.76 13.93 -36.64
N ARG B 319 12.92 14.53 -36.92
CA ARG B 319 13.60 14.27 -38.18
C ARG B 319 14.07 12.82 -38.24
N ASN B 320 14.59 12.29 -37.13
CA ASN B 320 15.08 10.91 -37.12
C ASN B 320 13.98 9.91 -37.43
N MET B 321 12.73 10.24 -37.12
CA MET B 321 11.66 9.27 -37.31
C MET B 321 10.70 9.56 -38.44
N TYR B 322 10.56 10.82 -38.88
CA TYR B 322 9.54 11.14 -39.87
C TYR B 322 10.05 11.80 -41.14
N GLU B 323 11.32 12.22 -41.18
CA GLU B 323 11.80 12.94 -42.35
C GLU B 323 11.99 12.00 -43.53
N GLY B 324 12.70 10.90 -43.32
CA GLY B 324 12.75 9.82 -44.30
C GLY B 324 11.41 9.11 -44.35
N ASN B 325 11.37 8.05 -45.17
CA ASN B 325 10.12 7.33 -45.40
C ASN B 325 10.12 5.94 -44.77
N GLN B 326 11.11 5.63 -43.91
CA GLN B 326 11.18 4.31 -43.30
C GLN B 326 9.93 3.96 -42.50
N ASN B 327 9.20 4.94 -41.99
CA ASN B 327 8.02 4.66 -41.18
C ASN B 327 6.70 4.82 -41.96
N PHE B 328 6.78 4.96 -43.28
CA PHE B 328 5.62 5.24 -44.11
C PHE B 328 5.51 4.21 -45.25
N ASP B 329 4.29 3.95 -45.68
CA ASP B 329 4.09 3.05 -46.81
C ASP B 329 4.09 3.88 -48.10
N LYS B 330 3.79 3.22 -49.22
CA LYS B 330 3.88 3.87 -50.52
C LYS B 330 2.92 5.05 -50.65
N ASP B 331 1.84 5.06 -49.88
CA ASP B 331 0.82 6.10 -49.99
C ASP B 331 0.85 7.07 -48.82
N GLY B 332 1.93 7.09 -48.05
CA GLY B 332 2.07 8.09 -47.01
C GLY B 332 1.43 7.78 -45.68
N TRP B 333 0.96 6.56 -45.47
CA TRP B 333 0.42 6.16 -44.19
C TRP B 333 1.54 5.59 -43.33
N LEU B 334 1.39 5.76 -42.03
CA LEU B 334 2.34 5.15 -41.11
C LEU B 334 2.25 3.64 -41.18
N VAL B 335 3.39 2.98 -40.97
CA VAL B 335 3.42 1.52 -40.96
C VAL B 335 3.72 1.04 -39.55
N LEU B 336 3.39 -0.23 -39.31
CA LEU B 336 3.74 -0.86 -38.05
C LEU B 336 5.25 -0.93 -37.92
N GLY B 337 5.77 -0.43 -36.81
CA GLY B 337 7.19 -0.48 -36.57
C GLY B 337 7.61 0.61 -35.61
N PHE B 338 8.93 0.77 -35.51
CA PHE B 338 9.52 1.78 -34.61
C PHE B 338 10.27 2.82 -35.43
N ASN B 339 11.43 2.45 -36.00
CA ASN B 339 12.07 3.27 -37.03
C ASN B 339 12.36 2.33 -38.20
N GLY B 340 11.36 2.17 -39.05
CA GLY B 340 11.38 1.17 -40.08
C GLY B 340 10.08 0.40 -40.06
N HIS B 341 9.95 -0.50 -41.03
CA HIS B 341 8.78 -1.36 -41.11
C HIS B 341 9.10 -2.60 -40.27
N GLN B 342 8.62 -2.61 -39.02
CA GLN B 342 8.98 -3.64 -38.06
C GLN B 342 7.71 -4.18 -37.41
N PRO B 343 6.89 -4.92 -38.16
CA PRO B 343 5.62 -5.39 -37.60
C PRO B 343 5.81 -6.32 -36.42
N GLU B 344 7.01 -6.90 -36.28
CA GLU B 344 7.25 -7.84 -35.19
C GLU B 344 7.19 -7.18 -33.81
N CYS B 345 7.25 -5.85 -33.73
CA CYS B 345 7.11 -5.18 -32.44
C CYS B 345 5.70 -4.66 -32.18
N ALA B 346 4.79 -4.84 -33.13
CA ALA B 346 3.41 -4.39 -32.91
C ALA B 346 2.69 -5.36 -32.00
N ASP B 347 1.96 -4.81 -31.02
CA ASP B 347 1.05 -5.57 -30.19
C ASP B 347 -0.14 -6.06 -31.01
N GLY B 348 -0.72 -7.17 -30.56
CA GLY B 348 -1.87 -7.73 -31.24
C GLY B 348 -3.06 -6.79 -31.31
N TYR B 349 -3.12 -5.79 -30.43
CA TYR B 349 -4.21 -4.83 -30.44
C TYR B 349 -3.95 -3.63 -31.35
N THR B 350 -2.82 -3.62 -32.04
CA THR B 350 -2.43 -2.46 -32.84
C THR B 350 -2.75 -2.68 -34.31
N SER B 351 -3.20 -1.62 -34.97
CA SER B 351 -3.38 -1.58 -36.40
C SER B 351 -2.94 -0.20 -36.89
N THR B 352 -3.15 0.07 -38.19
CA THR B 352 -2.64 1.29 -38.81
C THR B 352 -3.13 2.54 -38.08
N GLY B 353 -4.43 2.60 -37.78
CA GLY B 353 -4.99 3.80 -37.17
C GLY B 353 -4.45 4.06 -35.78
N SER B 354 -4.06 2.99 -35.06
CA SER B 354 -3.43 3.14 -33.75
C SER B 354 -2.14 3.94 -33.83
N LEU B 355 -1.48 3.93 -34.98
CA LEU B 355 -0.13 4.49 -35.04
C LEU B 355 -0.14 6.01 -34.94
N TYR B 356 -1.32 6.63 -35.04
CA TYR B 356 -1.39 8.09 -35.15
C TYR B 356 -1.23 8.80 -33.81
N MET B 357 -0.96 8.04 -32.74
CA MET B 357 -0.33 8.61 -31.54
C MET B 357 0.89 9.45 -31.88
N ALA B 358 1.48 9.22 -33.06
CA ALA B 358 2.71 9.88 -33.47
C ALA B 358 2.58 11.40 -33.46
N THR B 359 1.35 11.93 -33.50
CA THR B 359 1.16 13.36 -33.50
C THR B 359 1.39 14.00 -32.14
N LEU B 360 1.40 13.21 -31.06
CA LEU B 360 1.29 13.76 -29.71
C LEU B 360 2.56 14.39 -29.19
N SER B 361 3.64 14.36 -29.94
CA SER B 361 4.83 15.11 -29.57
C SER B 361 4.87 16.48 -30.23
N PHE B 362 3.85 16.84 -31.01
CA PHE B 362 3.84 18.09 -31.76
C PHE B 362 3.01 19.16 -31.07
N LEU B 363 2.60 18.90 -29.83
CA LEU B 363 1.83 19.88 -29.08
C LEU B 363 2.44 21.27 -29.05
N PRO B 364 3.75 21.46 -28.88
CA PRO B 364 4.29 22.83 -28.78
C PRO B 364 4.12 23.67 -30.05
N LEU B 365 3.67 23.10 -31.18
CA LEU B 365 3.25 23.94 -32.30
C LEU B 365 2.02 24.77 -31.96
N GLY B 366 1.33 24.46 -30.87
CA GLY B 366 0.32 25.33 -30.29
C GLY B 366 0.86 26.57 -29.61
N LEU B 367 2.19 26.66 -29.39
CA LEU B 367 2.79 27.94 -29.02
C LEU B 367 2.99 28.78 -30.29
N PRO B 368 2.76 30.08 -30.21
CA PRO B 368 2.88 30.91 -31.41
C PRO B 368 4.30 30.92 -31.94
N ALA B 369 4.45 31.33 -33.19
CA ALA B 369 5.77 31.36 -33.83
C ALA B 369 6.72 32.34 -33.15
N ASP B 370 6.21 33.30 -32.37
CA ASP B 370 7.06 34.27 -31.67
C ASP B 370 7.22 33.93 -30.19
N ASP B 371 6.85 32.74 -29.76
CA ASP B 371 7.11 32.30 -28.41
C ASP B 371 8.60 31.97 -28.25
N PRO B 372 9.17 32.18 -27.06
CA PRO B 372 10.59 31.80 -26.85
C PRO B 372 10.92 30.36 -27.25
N PHE B 373 9.97 29.41 -27.12
CA PHE B 373 10.24 28.02 -27.51
C PHE B 373 10.68 27.94 -28.97
N TRP B 374 10.19 28.84 -29.80
CA TRP B 374 10.48 28.85 -31.23
C TRP B 374 11.44 29.95 -31.65
N THR B 375 11.79 30.88 -30.77
CA THR B 375 12.68 31.98 -31.13
C THR B 375 14.01 32.01 -30.38
N ASP B 376 14.11 31.39 -29.20
CA ASP B 376 15.41 31.28 -28.55
C ASP B 376 16.40 30.51 -29.43
N ALA B 377 17.69 30.82 -29.26
CA ALA B 377 18.71 30.18 -30.09
C ALA B 377 18.87 28.70 -29.75
N TYR B 378 19.35 27.94 -30.74
CA TYR B 378 19.66 26.52 -30.57
C TYR B 378 20.36 26.26 -29.25
N ALA B 379 20.05 25.11 -28.66
CA ALA B 379 20.69 24.71 -27.42
C ALA B 379 20.77 23.18 -27.34
N ASP B 380 21.93 22.67 -26.95
CA ASP B 380 22.07 21.24 -26.68
C ASP B 380 21.13 20.80 -25.57
N TRP B 381 20.63 19.57 -25.70
CA TRP B 381 19.82 18.96 -24.67
C TRP B 381 20.69 18.19 -23.69
N THR B 382 20.07 17.66 -22.63
CA THR B 382 20.80 17.23 -21.44
C THR B 382 21.87 16.21 -21.79
N SER B 383 21.48 15.10 -22.43
CA SER B 383 22.43 14.02 -22.71
C SER B 383 23.53 14.49 -23.63
N LYS B 384 23.19 15.36 -24.59
CA LYS B 384 24.17 15.88 -25.52
C LYS B 384 25.23 16.69 -24.80
N LYS B 385 24.82 17.51 -23.83
CA LYS B 385 25.78 18.21 -22.97
C LYS B 385 26.57 17.22 -22.13
N ALA B 386 25.87 16.29 -21.48
CA ALA B 386 26.53 15.34 -20.59
C ALA B 386 27.68 14.62 -21.29
N TRP B 387 27.45 14.17 -22.52
CA TRP B 387 28.38 13.26 -23.18
C TRP B 387 29.57 13.94 -23.84
N LYS B 388 29.53 15.26 -24.04
CA LYS B 388 30.67 16.01 -24.56
C LYS B 388 31.34 16.86 -23.48
N GLY B 389 31.04 16.63 -22.21
CA GLY B 389 31.68 17.35 -21.14
C GLY B 389 31.09 18.70 -20.84
N GLY B 390 29.99 19.05 -21.50
CA GLY B 390 29.31 20.29 -21.20
C GLY B 390 28.73 20.27 -19.80
N HIS B 391 28.10 21.40 -19.46
CA HIS B 391 27.42 21.51 -18.18
C HIS B 391 26.30 20.48 -18.07
N LEU B 392 26.30 19.73 -16.97
CA LEU B 392 25.33 18.67 -16.72
C LEU B 392 24.69 18.96 -15.37
N HIS B 393 23.45 19.45 -15.42
CA HIS B 393 22.72 19.77 -14.20
C HIS B 393 22.49 18.51 -13.36
N LYS B 394 22.58 18.66 -12.04
CA LYS B 394 22.36 17.56 -11.12
C LYS B 394 20.88 17.19 -11.08
N ASP B 395 20.58 15.91 -11.25
CA ASP B 395 19.23 15.39 -11.14
C ASP B 395 19.06 14.75 -9.76
N TYR B 396 17.80 14.59 -9.34
CA TYR B 396 17.51 14.05 -8.02
C TYR B 396 16.02 13.75 -7.95
N LYS B 397 15.68 12.59 -7.38
CA LYS B 397 14.27 12.22 -7.31
C LYS B 397 13.52 13.15 -6.36
N VAL B 398 12.26 13.41 -6.65
CA VAL B 398 11.45 14.31 -5.86
C VAL B 398 10.48 13.50 -5.00
N GLU B 399 9.87 14.16 -4.00
CA GLU B 399 8.98 13.45 -3.10
C GLU B 399 7.50 13.79 -3.30
N TYR B 400 7.16 14.75 -4.15
CA TYR B 400 5.76 15.13 -4.39
C TYR B 400 5.08 14.32 -5.50
N THR C 17 -20.39 3.58 44.87
CA THR C 17 -19.18 3.67 45.67
C THR C 17 -18.41 4.96 45.33
N THR C 18 -17.42 5.29 46.13
CA THR C 18 -16.57 6.44 45.85
C THR C 18 -15.30 6.00 45.15
N GLY C 19 -14.67 6.97 44.48
CA GLY C 19 -13.37 6.71 43.86
C GLY C 19 -12.34 6.26 44.87
N THR C 20 -12.47 6.70 46.12
CA THR C 20 -11.54 6.28 47.16
C THR C 20 -11.72 4.82 47.50
N GLN C 21 -12.97 4.35 47.56
CA GLN C 21 -13.21 2.93 47.73
C GLN C 21 -12.74 2.13 46.51
N ASP C 22 -13.02 2.64 45.30
CA ASP C 22 -12.52 1.99 44.08
C ASP C 22 -11.01 1.85 44.13
N ARG C 23 -10.32 2.94 44.48
CA ARG C 23 -8.86 2.91 44.50
C ARG C 23 -8.35 1.86 45.46
N ALA C 24 -9.00 1.71 46.62
CA ALA C 24 -8.60 0.67 47.56
C ALA C 24 -8.81 -0.71 46.97
N ILE C 25 -9.86 -0.88 46.17
CA ILE C 25 -10.08 -2.16 45.49
C ILE C 25 -8.97 -2.42 44.48
N TRP C 26 -8.52 -1.38 43.76
CA TRP C 26 -7.46 -1.59 42.77
C TRP C 26 -6.13 -1.93 43.45
N VAL C 27 -5.79 -1.21 44.52
CA VAL C 27 -4.56 -1.53 45.27
C VAL C 27 -4.58 -2.98 45.71
N LYS C 28 -5.69 -3.42 46.32
CA LYS C 28 -5.78 -4.80 46.81
C LYS C 28 -5.64 -5.82 45.67
N LEU C 29 -6.27 -5.57 44.52
CA LEU C 29 -6.19 -6.54 43.44
C LEU C 29 -4.82 -6.52 42.75
N LEU C 30 -4.26 -5.32 42.53
CA LEU C 30 -2.91 -5.24 41.95
C LEU C 30 -1.89 -5.96 42.83
N TRP C 31 -2.05 -5.84 44.15
CA TRP C 31 -1.17 -6.54 45.08
C TRP C 31 -1.39 -8.05 45.01
N LYS C 32 -2.65 -8.47 44.94
CA LYS C 32 -2.99 -9.88 44.79
C LYS C 32 -2.29 -10.49 43.57
N ILE C 33 -2.23 -9.73 42.47
CA ILE C 33 -1.58 -10.25 41.27
C ILE C 33 -0.05 -10.24 41.43
N SER C 34 0.50 -9.10 41.81
CA SER C 34 1.93 -8.91 41.58
C SER C 34 2.79 -9.33 42.75
N TYR C 35 2.25 -9.32 43.98
CA TYR C 35 3.10 -9.57 45.15
C TYR C 35 3.74 -10.95 45.15
N PRO C 36 3.09 -12.02 44.68
CA PRO C 36 3.82 -13.29 44.51
C PRO C 36 5.08 -13.16 43.65
N VAL C 37 5.00 -12.51 42.49
CA VAL C 37 6.19 -12.34 41.67
C VAL C 37 7.23 -11.51 42.43
N ILE C 38 6.83 -10.32 42.89
CA ILE C 38 7.77 -9.38 43.50
C ILE C 38 8.38 -9.96 44.77
N HIS C 39 7.55 -10.50 45.66
CA HIS C 39 8.06 -10.99 46.94
C HIS C 39 9.02 -12.15 46.75
N ASN C 40 8.69 -13.09 45.85
CA ASN C 40 9.59 -14.23 45.65
C ASN C 40 10.90 -13.78 45.03
N LEU C 41 10.84 -12.83 44.09
CA LEU C 41 12.06 -12.34 43.46
C LEU C 41 12.97 -11.68 44.49
N ALA C 42 12.40 -10.89 45.39
CA ALA C 42 13.22 -10.26 46.43
C ALA C 42 13.83 -11.31 47.35
N GLU C 43 13.13 -12.43 47.57
CA GLU C 43 13.66 -13.52 48.37
C GLU C 43 14.62 -14.41 47.60
N GLY C 44 14.72 -14.25 46.29
CA GLY C 44 15.49 -15.21 45.50
C GLY C 44 14.83 -16.56 45.35
N THR C 45 13.52 -16.67 45.56
CA THR C 45 12.81 -17.94 45.46
C THR C 45 11.80 -17.96 44.30
N LEU C 46 11.92 -17.04 43.34
CA LEU C 46 10.99 -17.05 42.22
C LEU C 46 11.14 -18.31 41.38
N HIS C 47 12.39 -18.66 41.03
CA HIS C 47 12.63 -19.89 40.27
C HIS C 47 12.12 -21.10 41.05
N GLN C 48 12.31 -21.10 42.36
CA GLN C 48 11.87 -22.23 43.17
C GLN C 48 10.35 -22.32 43.25
N ASN C 49 9.67 -21.19 43.44
CA ASN C 49 8.27 -21.24 43.86
C ASN C 49 7.27 -20.98 42.76
N MET C 50 7.63 -20.29 41.68
CA MET C 50 6.61 -19.95 40.69
C MET C 50 6.28 -21.18 39.84
N PRO C 51 5.01 -21.51 39.67
CA PRO C 51 4.67 -22.61 38.76
C PRO C 51 5.08 -22.29 37.34
N ILE C 52 5.17 -23.33 36.53
CA ILE C 52 5.38 -23.15 35.09
C ILE C 52 4.29 -23.92 34.36
N GLU C 53 3.06 -23.44 34.47
CA GLU C 53 1.92 -24.08 33.83
C GLU C 53 1.94 -23.79 32.33
N THR C 54 1.70 -24.84 31.52
CA THR C 54 1.56 -24.69 30.08
C THR C 54 0.39 -25.55 29.61
N ARG C 55 -0.12 -25.27 28.42
CA ARG C 55 -1.25 -26.04 27.92
C ARG C 55 -0.86 -27.49 27.66
N SER C 56 0.38 -27.72 27.20
CA SER C 56 0.84 -29.06 26.88
C SER C 56 1.38 -29.81 28.10
N GLY C 57 1.69 -29.11 29.19
CA GLY C 57 2.31 -29.73 30.33
C GLY C 57 3.82 -29.77 30.28
N GLU C 58 4.43 -29.50 29.14
CA GLU C 58 5.89 -29.43 29.07
C GLU C 58 6.40 -28.20 29.80
N THR C 59 7.59 -28.32 30.37
CA THR C 59 8.28 -27.18 30.95
C THR C 59 9.59 -26.81 30.26
N ALA C 60 10.16 -27.70 29.45
CA ALA C 60 11.40 -27.39 28.74
C ALA C 60 11.19 -26.20 27.83
N GLY C 61 12.26 -25.40 27.68
CA GLY C 61 12.16 -24.16 26.91
C GLY C 61 11.50 -23.07 27.74
N TYR C 62 10.23 -23.30 28.09
CA TYR C 62 9.51 -22.39 28.97
C TYR C 62 10.32 -22.07 30.22
N LYS C 63 11.00 -23.06 30.80
CA LYS C 63 11.69 -22.81 32.07
C LYS C 63 12.80 -21.79 31.92
N ASP C 64 13.34 -21.63 30.71
CA ASP C 64 14.40 -20.65 30.48
C ASP C 64 13.90 -19.22 30.33
N MET C 65 12.59 -19.03 30.09
CA MET C 65 12.09 -17.71 29.72
C MET C 65 10.97 -17.19 30.63
N THR C 66 10.22 -18.07 31.29
CA THR C 66 8.97 -17.66 31.93
C THR C 66 9.16 -16.73 33.11
N HIS C 67 10.33 -16.78 33.76
CA HIS C 67 10.51 -15.97 34.96
C HIS C 67 10.68 -14.50 34.61
N LEU C 68 11.53 -14.22 33.61
CA LEU C 68 11.68 -12.84 33.14
C LEU C 68 10.36 -12.32 32.60
N GLU C 69 9.55 -13.20 31.98
CA GLU C 69 8.19 -12.83 31.59
C GLU C 69 7.39 -12.32 32.79
N ALA C 70 7.43 -13.05 33.90
CA ALA C 70 6.67 -12.61 35.06
C ALA C 70 7.23 -11.32 35.62
N VAL C 71 8.55 -11.16 35.67
CA VAL C 71 9.12 -9.97 36.28
C VAL C 71 8.90 -8.75 35.40
N GLY C 72 9.24 -8.84 34.12
CA GLY C 72 9.05 -7.71 33.22
C GLY C 72 7.60 -7.30 33.09
N ARG C 73 6.70 -8.27 32.92
CA ARG C 73 5.28 -7.97 32.76
C ARG C 73 4.67 -7.43 34.05
N THR C 74 5.07 -7.97 35.20
CA THR C 74 4.57 -7.43 36.46
C THR C 74 5.00 -5.98 36.67
N LEU C 75 6.30 -5.72 36.53
CA LEU C 75 6.81 -4.41 36.88
C LEU C 75 6.31 -3.35 35.92
N ALA C 76 6.03 -3.71 34.68
CA ALA C 76 5.50 -2.73 33.73
C ALA C 76 4.14 -2.19 34.17
N GLY C 77 3.33 -3.01 34.83
CA GLY C 77 2.02 -2.56 35.29
C GLY C 77 2.02 -1.87 36.65
N VAL C 78 2.91 -2.30 37.55
CA VAL C 78 2.96 -1.70 38.88
C VAL C 78 3.80 -0.43 38.90
N ALA C 79 4.65 -0.24 37.88
CA ALA C 79 5.58 0.90 37.86
C ALA C 79 4.93 2.26 38.08
N PRO C 80 3.83 2.63 37.42
CA PRO C 80 3.26 3.97 37.68
C PRO C 80 2.87 4.19 39.13
N TRP C 81 2.21 3.20 39.74
CA TRP C 81 1.84 3.28 41.16
C TRP C 81 3.06 3.55 42.05
N LEU C 82 4.15 2.80 41.82
CA LEU C 82 5.36 2.97 42.63
C LEU C 82 6.15 4.22 42.29
N ALA C 83 5.78 4.95 41.23
CA ALA C 83 6.39 6.25 40.99
C ALA C 83 5.85 7.33 41.91
N LEU C 84 4.75 7.08 42.62
CA LEU C 84 4.16 8.11 43.45
C LEU C 84 5.09 8.48 44.60
N PRO C 85 5.08 9.74 45.01
CA PRO C 85 5.89 10.12 46.18
C PRO C 85 5.43 9.34 47.41
N ASP C 86 6.40 9.03 48.27
CA ASP C 86 6.09 8.43 49.57
C ASP C 86 5.30 9.40 50.43
N ASP C 87 4.37 8.87 51.22
CA ASP C 87 3.70 9.66 52.23
C ASP C 87 3.34 8.75 53.40
N ASP C 88 2.80 9.36 54.45
CA ASP C 88 2.51 8.66 55.70
C ASP C 88 1.15 7.94 55.70
N THR C 89 0.42 7.91 54.58
CA THR C 89 -0.86 7.20 54.59
C THR C 89 -0.62 5.69 54.64
N GLU C 90 -1.70 4.96 54.90
CA GLU C 90 -1.64 3.50 54.84
C GLU C 90 -1.23 3.03 53.46
N GLU C 91 -1.85 3.59 52.41
CA GLU C 91 -1.47 3.19 51.05
C GLU C 91 -0.01 3.54 50.78
N GLY C 92 0.45 4.69 51.29
CA GLY C 92 1.85 5.03 51.14
C GLY C 92 2.77 3.98 51.72
N LYS C 93 2.41 3.41 52.86
CA LYS C 93 3.22 2.35 53.47
C LYS C 93 3.32 1.14 52.55
N LEU C 94 2.21 0.79 51.89
CA LEU C 94 2.24 -0.33 50.94
C LEU C 94 3.16 -0.03 49.77
N ARG C 95 3.10 1.18 49.23
CA ARG C 95 3.95 1.52 48.08
C ARG C 95 5.44 1.41 48.44
N LYS C 96 5.85 2.00 49.57
CA LYS C 96 7.27 1.93 49.94
C LYS C 96 7.68 0.49 50.23
N GLN C 97 6.80 -0.30 50.84
CA GLN C 97 7.10 -1.71 51.06
C GLN C 97 7.32 -2.44 49.74
N MET C 98 6.39 -2.27 48.79
CA MET C 98 6.50 -2.95 47.50
C MET C 98 7.69 -2.43 46.70
N ARG C 99 7.91 -1.12 46.69
CA ARG C 99 9.03 -0.56 45.93
C ARG C 99 10.35 -1.14 46.41
N GLU C 100 10.57 -1.16 47.73
CA GLU C 100 11.82 -1.68 48.26
C GLU C 100 12.01 -3.17 47.93
N GLU C 101 10.93 -3.94 47.90
CA GLU C 101 11.05 -5.34 47.49
C GLU C 101 11.34 -5.45 45.99
N VAL C 102 10.82 -4.53 45.18
CA VAL C 102 11.17 -4.53 43.76
C VAL C 102 12.65 -4.21 43.56
N LEU C 103 13.15 -3.18 44.25
CA LEU C 103 14.56 -2.84 44.13
C LEU C 103 15.46 -4.00 44.54
N LYS C 104 15.06 -4.72 45.60
CA LYS C 104 15.82 -5.88 46.05
C LYS C 104 15.80 -6.99 44.98
N GLY C 105 14.61 -7.31 44.47
CA GLY C 105 14.51 -8.30 43.42
C GLY C 105 15.23 -7.89 42.14
N LEU C 106 15.28 -6.59 41.86
CA LEU C 106 15.98 -6.13 40.65
C LEU C 106 17.48 -6.35 40.76
N LYS C 107 18.06 -6.04 41.91
CA LYS C 107 19.46 -6.37 42.16
C LYS C 107 19.67 -7.88 42.03
N ASN C 108 18.77 -8.67 42.61
CA ASN C 108 18.85 -10.12 42.54
C ASN C 108 18.85 -10.61 41.09
N ALA C 109 17.99 -10.01 40.26
CA ALA C 109 17.67 -10.57 38.93
C ALA C 109 18.87 -10.56 38.00
N VAL C 110 19.86 -9.71 38.24
CA VAL C 110 21.08 -9.67 37.48
C VAL C 110 22.31 -9.94 38.34
N ASP C 111 22.09 -10.40 39.57
CA ASP C 111 23.19 -10.86 40.44
C ASP C 111 23.69 -12.20 39.93
N PRO C 112 24.91 -12.29 39.41
CA PRO C 112 25.41 -13.58 38.91
C PRO C 112 25.45 -14.67 39.96
N ALA C 113 25.37 -14.32 41.25
CA ALA C 113 25.37 -15.32 42.31
C ALA C 113 23.96 -15.65 42.80
N SER C 114 22.94 -14.92 42.33
CA SER C 114 21.62 -15.11 42.92
C SER C 114 20.93 -16.29 42.28
N PRO C 115 20.19 -17.09 43.06
CA PRO C 115 19.36 -18.15 42.45
C PRO C 115 18.27 -17.61 41.55
N ASP C 116 17.98 -16.31 41.58
CA ASP C 116 16.96 -15.76 40.70
C ASP C 116 17.56 -14.98 39.53
N LEU C 117 18.83 -15.23 39.22
CA LEU C 117 19.43 -14.68 38.01
C LEU C 117 18.57 -15.01 36.80
N LEU C 118 18.14 -13.99 36.08
CA LEU C 118 17.21 -14.20 34.99
C LEU C 118 17.97 -14.39 33.69
N ASN C 119 17.39 -15.17 32.80
CA ASN C 119 18.01 -15.42 31.49
C ASN C 119 17.71 -14.27 30.53
N PHE C 120 18.78 -13.73 29.94
CA PHE C 120 18.65 -12.80 28.82
C PHE C 120 19.27 -13.31 27.53
N THR C 121 20.01 -14.42 27.58
CA THR C 121 20.90 -14.79 26.48
C THR C 121 20.36 -15.95 25.65
N LYS C 122 19.49 -16.77 26.21
CA LYS C 122 18.95 -17.96 25.54
C LYS C 122 17.54 -17.65 25.02
N HIS C 123 17.27 -18.07 23.79
CA HIS C 123 15.97 -17.96 23.13
C HIS C 123 15.67 -16.54 22.66
N ALA C 124 14.69 -16.40 21.77
CA ALA C 124 14.25 -15.09 21.33
C ALA C 124 13.37 -14.38 22.36
N GLN C 125 12.69 -15.15 23.21
CA GLN C 125 11.69 -14.61 24.11
C GLN C 125 12.18 -13.47 25.01
N PRO C 126 13.41 -13.47 25.54
CA PRO C 126 13.81 -12.35 26.41
C PRO C 126 13.69 -10.97 25.76
N ILE C 127 13.68 -10.91 24.42
CA ILE C 127 13.51 -9.64 23.73
C ILE C 127 12.19 -8.98 24.10
N VAL C 128 11.15 -9.79 24.23
CA VAL C 128 9.84 -9.29 24.63
C VAL C 128 9.89 -8.72 26.03
N ASP C 129 10.31 -9.54 26.97
CA ASP C 129 10.11 -9.22 28.37
C ASP C 129 11.16 -8.25 28.91
N ALA C 130 12.33 -8.21 28.28
CA ALA C 130 13.23 -7.09 28.55
C ALA C 130 12.57 -5.77 28.17
N ALA C 131 11.79 -5.77 27.08
CA ALA C 131 11.09 -4.53 26.73
C ALA C 131 10.09 -4.13 27.81
N TYR C 132 9.36 -5.11 28.37
CA TYR C 132 8.43 -4.80 29.45
C TYR C 132 9.17 -4.32 30.70
N LEU C 133 10.31 -4.93 31.01
CA LEU C 133 11.15 -4.43 32.09
C LEU C 133 11.63 -3.01 31.80
N VAL C 134 12.08 -2.76 30.57
CA VAL C 134 12.41 -1.40 30.18
C VAL C 134 11.22 -0.47 30.39
N HIS C 135 10.01 -0.95 30.06
CA HIS C 135 8.85 -0.08 30.21
C HIS C 135 8.59 0.24 31.68
N ALA C 136 8.86 -0.70 32.58
CA ALA C 136 8.81 -0.39 34.00
C ALA C 136 9.81 0.70 34.36
N PHE C 137 11.03 0.60 33.85
CA PHE C 137 12.04 1.63 34.14
C PHE C 137 11.60 2.98 33.57
N LEU C 138 11.02 2.99 32.37
CA LEU C 138 10.57 4.25 31.77
C LEU C 138 9.40 4.85 32.53
N ARG C 139 8.52 3.99 33.06
CA ARG C 139 7.34 4.45 33.77
C ARG C 139 7.63 4.93 35.18
N ALA C 140 8.74 4.51 35.79
CA ALA C 140 9.10 4.91 37.15
C ALA C 140 10.62 5.02 37.28
N PRO C 141 11.24 5.93 36.51
CA PRO C 141 12.71 5.99 36.50
C PRO C 141 13.33 6.32 37.85
N LYS C 142 12.77 7.30 38.58
CA LYS C 142 13.37 7.69 39.87
C LYS C 142 13.18 6.61 40.92
N ALA C 143 12.15 5.79 40.81
CA ALA C 143 11.82 4.84 41.87
C ALA C 143 12.45 3.47 41.65
N LEU C 144 12.55 3.02 40.39
CA LEU C 144 12.97 1.66 40.10
C LEU C 144 14.29 1.57 39.35
N TRP C 145 14.78 2.65 38.75
CA TRP C 145 16.06 2.63 38.06
C TRP C 145 17.15 3.36 38.83
N GLU C 146 16.94 4.65 39.11
CA GLU C 146 17.93 5.44 39.84
C GLU C 146 18.39 4.81 41.15
N PRO C 147 17.53 4.25 42.00
CA PRO C 147 18.02 3.68 43.26
C PRO C 147 18.93 2.47 43.08
N LEU C 148 18.92 1.85 41.90
CA LEU C 148 19.78 0.68 41.70
C LEU C 148 21.24 1.06 41.83
N ASP C 149 22.04 0.21 42.46
CA ASP C 149 23.46 0.49 42.54
C ASP C 149 24.08 0.43 41.14
N GLU C 150 25.24 1.08 41.00
CA GLU C 150 25.82 1.26 39.69
C GLU C 150 26.14 -0.07 39.02
N VAL C 151 26.57 -1.05 39.79
CA VAL C 151 26.94 -2.35 39.19
C VAL C 151 25.69 -3.05 38.66
N THR C 152 24.58 -2.93 39.36
CA THR C 152 23.33 -3.50 38.88
C THR C 152 22.84 -2.78 37.62
N LYS C 153 22.92 -1.44 37.63
CA LYS C 153 22.65 -0.66 36.44
C LYS C 153 23.48 -1.16 35.26
N GLU C 154 24.79 -1.25 35.46
CA GLU C 154 25.68 -1.77 34.40
C GLU C 154 25.20 -3.11 33.88
N ARG C 155 24.78 -4.00 34.79
CA ARG C 155 24.37 -5.35 34.38
C ARG C 155 23.13 -5.31 33.50
N TYR C 156 22.21 -4.39 33.78
CA TYR C 156 21.01 -4.29 32.95
C TYR C 156 21.34 -3.75 31.57
N ILE C 157 22.18 -2.71 31.50
CA ILE C 157 22.62 -2.19 30.20
C ILE C 157 23.20 -3.31 29.36
N LYS C 158 24.09 -4.10 29.96
CA LYS C 158 24.70 -5.24 29.25
C LYS C 158 23.65 -6.27 28.87
N SER C 159 22.71 -6.54 29.77
CA SER C 159 21.70 -7.54 29.46
C SER C 159 20.85 -7.09 28.28
N PHE C 160 20.43 -5.83 28.26
CA PHE C 160 19.67 -5.33 27.13
C PHE C 160 20.50 -5.33 25.86
N GLN C 161 21.79 -4.98 25.95
CA GLN C 161 22.65 -4.97 24.77
C GLN C 161 22.89 -6.37 24.22
N SER C 162 22.81 -7.40 25.07
CA SER C 162 23.07 -8.77 24.63
C SER C 162 21.93 -9.36 23.81
N LEU C 163 20.81 -8.65 23.67
CA LEU C 163 19.66 -9.17 22.94
C LEU C 163 19.81 -9.05 21.42
N ARG C 164 20.82 -8.34 20.93
CA ARG C 164 20.92 -7.98 19.51
C ARG C 164 21.33 -9.14 18.60
N ASP C 165 21.61 -10.31 19.12
CA ASP C 165 21.95 -11.44 18.26
C ASP C 165 20.72 -12.25 17.87
N ARG C 166 19.56 -11.90 18.42
CA ARG C 166 18.34 -12.66 18.21
C ARG C 166 17.24 -11.72 17.74
N THR C 167 16.21 -12.29 17.12
CA THR C 167 15.06 -11.50 16.74
C THR C 167 13.83 -12.38 16.81
N GLY C 168 12.66 -11.76 16.74
CA GLY C 168 11.42 -12.49 16.69
C GLY C 168 10.61 -12.17 15.44
N ALA C 169 9.31 -12.08 15.59
CA ALA C 169 8.42 -12.01 14.45
C ALA C 169 8.52 -10.64 13.77
N TYR C 170 8.13 -10.61 12.50
CA TYR C 170 8.04 -9.37 11.72
C TYR C 170 6.68 -8.73 11.98
N ASN C 171 6.53 -8.21 13.20
CA ASN C 171 5.25 -7.65 13.63
C ASN C 171 5.52 -6.72 14.84
N ASN C 172 4.56 -6.66 15.76
CA ASN C 172 4.68 -5.84 16.97
C ASN C 172 6.01 -6.05 17.71
N TRP C 173 6.65 -7.22 17.54
CA TRP C 173 7.99 -7.46 18.12
C TRP C 173 8.99 -6.36 17.80
N LEU C 174 8.87 -5.74 16.63
CA LEU C 174 9.79 -4.65 16.30
C LEU C 174 9.83 -3.59 17.39
N LEU C 175 8.67 -3.30 17.98
CA LEU C 175 8.61 -2.30 19.07
C LEU C 175 9.41 -2.73 20.28
N PHE C 176 9.50 -4.04 20.58
CA PHE C 176 10.25 -4.47 21.75
C PHE C 176 11.71 -4.05 21.64
N THR C 177 12.36 -4.40 20.54
CA THR C 177 13.75 -4.00 20.38
C THR C 177 13.89 -2.51 20.15
N GLY C 178 12.91 -1.87 19.52
CA GLY C 178 12.97 -0.42 19.35
C GLY C 178 12.88 0.33 20.67
N LEU C 179 11.94 -0.07 21.52
CA LEU C 179 11.80 0.58 22.82
C LEU C 179 13.02 0.35 23.68
N THR C 180 13.56 -0.87 23.66
CA THR C 180 14.75 -1.17 24.43
C THR C 180 15.92 -0.28 24.01
N GLU C 181 16.16 -0.19 22.70
CA GLU C 181 17.28 0.62 22.23
C GLU C 181 17.06 2.10 22.54
N SER C 182 15.81 2.56 22.45
CA SER C 182 15.52 3.94 22.83
C SER C 182 15.80 4.16 24.31
N PHE C 183 15.66 3.11 25.12
CA PHE C 183 16.03 3.20 26.52
C PHE C 183 17.54 3.41 26.66
N LEU C 184 18.33 2.61 25.94
CA LEU C 184 19.78 2.74 25.98
C LEU C 184 20.21 4.10 25.47
N LEU C 185 19.60 4.55 24.37
CA LEU C 185 19.83 5.91 23.90
C LEU C 185 19.61 6.91 25.03
N GLY C 186 18.46 6.82 25.70
CA GLY C 186 18.16 7.74 26.78
C GLY C 186 19.13 7.67 27.94
N LYS C 187 19.78 6.52 28.12
CA LYS C 187 20.76 6.39 29.19
C LYS C 187 22.16 6.78 28.74
N GLY C 188 22.32 7.21 27.50
CA GLY C 188 23.62 7.68 27.06
C GLY C 188 24.65 6.61 26.86
N VAL C 189 24.23 5.36 26.68
CA VAL C 189 25.15 4.25 26.40
C VAL C 189 25.04 3.86 24.93
N GLN C 190 25.76 2.83 24.51
CA GLN C 190 25.80 2.50 23.09
C GLN C 190 24.47 1.86 22.66
N TYR C 191 23.87 2.39 21.60
CA TYR C 191 22.57 1.97 21.15
C TYR C 191 22.61 1.65 19.66
N ASP C 192 21.57 0.96 19.20
CA ASP C 192 21.44 0.51 17.81
C ASP C 192 20.53 1.48 17.04
N GLN C 193 21.14 2.36 16.24
CA GLN C 193 20.37 3.34 15.47
C GLN C 193 19.46 2.65 14.45
N PHE C 194 19.94 1.55 13.85
CA PHE C 194 19.14 0.82 12.87
C PHE C 194 17.84 0.30 13.47
N ARG C 195 17.92 -0.30 14.66
CA ARG C 195 16.72 -0.81 15.31
C ARG C 195 15.72 0.30 15.59
N ILE C 196 16.20 1.47 15.96
CA ILE C 196 15.29 2.58 16.26
C ILE C 196 14.66 3.13 14.99
N ARG C 197 15.45 3.27 13.93
CA ARG C 197 14.94 3.83 12.68
C ARG C 197 13.91 2.91 12.04
N VAL C 198 14.22 1.61 11.92
CA VAL C 198 13.32 0.73 11.18
C VAL C 198 12.06 0.45 11.98
N SER C 199 12.17 0.30 13.30
CA SER C 199 10.98 0.02 14.12
C SER C 199 10.00 1.19 14.06
N LYS C 200 10.52 2.41 14.14
CA LYS C 200 9.67 3.59 14.05
C LYS C 200 8.95 3.63 12.71
N ASN C 201 9.68 3.41 11.62
CA ASN C 201 9.10 3.57 10.30
C ASN C 201 8.13 2.43 9.96
N LYS C 202 8.47 1.20 10.35
CA LYS C 202 7.61 0.05 10.07
C LYS C 202 6.26 0.18 10.77
N VAL C 203 6.26 0.58 12.04
CA VAL C 203 5.01 0.64 12.78
C VAL C 203 4.13 1.73 12.23
N LYS C 204 4.72 2.89 11.89
CA LYS C 204 3.95 3.91 11.17
C LYS C 204 3.33 3.34 9.91
N GLU C 205 4.09 2.56 9.13
CA GLU C 205 3.54 2.00 7.89
C GLU C 205 2.40 1.02 8.16
N TRP C 206 2.42 0.32 9.30
CA TRP C 206 1.35 -0.62 9.64
C TRP C 206 0.08 0.05 10.18
N TYR C 207 0.03 1.36 10.30
CA TYR C 207 -1.19 2.01 10.77
C TYR C 207 -2.27 1.88 9.69
N VAL C 208 -3.41 1.27 10.04
CA VAL C 208 -4.43 1.05 9.02
C VAL C 208 -5.51 2.13 9.09
N GLY C 209 -5.78 2.67 10.27
CA GLY C 209 -6.74 3.76 10.41
C GLY C 209 -7.57 3.65 11.69
N ASP C 210 -8.20 4.77 12.04
CA ASP C 210 -9.18 4.83 13.13
C ASP C 210 -8.60 4.37 14.47
N GLY C 211 -7.30 4.56 14.66
CA GLY C 211 -6.66 4.18 15.90
C GLY C 211 -6.14 2.77 15.96
N TRP C 212 -6.06 2.07 14.84
CA TRP C 212 -5.60 0.69 14.84
C TRP C 212 -4.41 0.55 13.92
N TYR C 213 -3.44 -0.24 14.36
CA TYR C 213 -2.33 -0.74 13.54
C TYR C 213 -2.62 -2.19 13.19
N SER C 214 -2.06 -2.63 12.06
CA SER C 214 -1.92 -4.04 11.80
C SER C 214 -0.74 -4.58 12.61
N ASP C 215 -0.93 -5.76 13.19
CA ASP C 215 0.11 -6.43 13.96
C ASP C 215 0.98 -7.20 12.96
N GLY C 216 1.91 -6.48 12.32
CA GLY C 216 2.62 -7.04 11.20
C GLY C 216 1.91 -6.71 9.91
N PRO C 217 2.26 -7.41 8.82
CA PRO C 217 1.73 -7.02 7.50
C PRO C 217 0.22 -7.17 7.36
N SER C 218 -0.42 -8.02 8.14
CA SER C 218 -1.83 -8.34 7.98
C SER C 218 -2.61 -7.88 9.21
N PHE C 219 -3.74 -7.21 8.98
CA PHE C 219 -4.51 -6.70 10.10
C PHE C 219 -5.04 -7.84 10.95
N SER C 220 -4.94 -7.67 12.27
CA SER C 220 -5.35 -8.68 13.22
C SER C 220 -6.33 -8.04 14.21
N MET C 221 -7.57 -8.53 14.24
CA MET C 221 -8.57 -8.01 15.17
C MET C 221 -8.36 -8.72 16.50
N ASP C 222 -7.51 -8.14 17.34
CA ASP C 222 -7.22 -8.72 18.64
C ASP C 222 -6.75 -7.60 19.57
N ASN C 223 -6.24 -7.98 20.73
CA ASN C 223 -5.86 -6.98 21.73
C ASN C 223 -4.41 -6.54 21.63
N TYR C 224 -3.71 -6.86 20.53
CA TYR C 224 -2.29 -6.54 20.49
C TYR C 224 -2.02 -5.05 20.27
N ASN C 225 -2.99 -4.30 19.70
CA ASN C 225 -2.87 -2.85 19.72
C ASN C 225 -2.75 -2.33 21.15
N ALA C 226 -3.46 -2.95 22.09
CA ALA C 226 -3.36 -2.55 23.50
C ALA C 226 -2.20 -3.24 24.21
N TYR C 227 -1.94 -4.51 23.88
CA TYR C 227 -0.88 -5.27 24.54
C TYR C 227 0.48 -4.61 24.37
N VAL C 228 0.78 -4.14 23.16
CA VAL C 228 2.13 -3.74 22.80
C VAL C 228 2.14 -2.40 22.08
N MET C 229 1.33 -2.30 21.02
CA MET C 229 1.67 -1.35 19.96
C MET C 229 1.51 0.11 20.39
N HIS C 230 0.37 0.47 20.98
CA HIS C 230 0.16 1.89 21.31
C HIS C 230 1.10 2.36 22.42
N SER C 231 1.06 1.70 23.57
CA SER C 231 1.86 2.15 24.71
C SER C 231 3.35 2.15 24.38
N MET C 232 3.81 1.15 23.64
CA MET C 232 5.24 1.09 23.36
C MET C 232 5.64 2.04 22.24
N MET C 233 4.80 2.19 21.20
CA MET C 233 5.10 3.21 20.21
C MET C 233 5.24 4.57 20.87
N VAL C 234 4.28 4.92 21.73
CA VAL C 234 4.28 6.25 22.35
C VAL C 234 5.50 6.41 23.25
N ALA C 235 5.74 5.44 24.14
CA ALA C 235 6.90 5.48 25.02
C ALA C 235 8.19 5.59 24.23
N MET C 236 8.35 4.79 23.17
CA MET C 236 9.57 4.84 22.39
C MET C 236 9.76 6.22 21.79
N LEU C 237 8.70 6.75 21.16
CA LEU C 237 8.80 8.07 20.54
C LEU C 237 9.15 9.15 21.54
N GLU C 238 8.71 9.01 22.78
CA GLU C 238 9.08 9.99 23.80
C GLU C 238 10.58 9.97 24.06
N ASN C 239 11.19 8.78 24.02
CA ASN C 239 12.64 8.69 24.20
C ASN C 239 13.39 9.26 23.02
N LEU C 240 12.84 9.09 21.81
CA LEU C 240 13.55 9.52 20.61
C LEU C 240 13.47 11.03 20.39
N LEU C 241 12.36 11.65 20.83
CA LEU C 241 12.06 13.06 20.62
C LEU C 241 13.25 13.96 20.95
N PRO C 242 13.74 14.01 22.20
CA PRO C 242 14.82 14.95 22.51
C PRO C 242 16.13 14.67 21.79
N LYS C 243 16.36 13.43 21.35
CA LYS C 243 17.59 13.10 20.65
C LYS C 243 17.45 13.24 19.14
N ARG C 244 16.33 13.76 18.68
CA ARG C 244 16.07 14.00 17.25
C ARG C 244 16.04 12.70 16.45
N TRP C 245 15.58 11.61 17.08
CA TRP C 245 15.22 10.40 16.34
C TRP C 245 13.71 10.32 16.07
N ALA C 246 12.92 11.26 16.59
CA ALA C 246 11.53 11.43 16.19
C ALA C 246 11.18 12.90 16.37
N SER C 247 10.14 13.36 15.68
CA SER C 247 9.67 14.73 15.80
C SER C 247 8.50 14.83 16.78
N GLN C 248 8.16 16.07 17.15
CA GLN C 248 7.00 16.26 18.01
C GLN C 248 5.70 15.86 17.30
N LYS C 249 5.59 16.14 15.99
CA LYS C 249 4.42 15.72 15.26
C LYS C 249 4.28 14.19 15.27
N GLU C 250 5.40 13.48 15.11
CA GLU C 250 5.35 12.02 15.14
C GLU C 250 4.82 11.51 16.47
N LEU C 251 5.26 12.12 17.57
CA LEU C 251 4.79 11.72 18.90
C LEU C 251 3.32 12.06 19.07
N ASP C 252 2.94 13.27 18.65
CA ASP C 252 1.54 13.70 18.73
C ASP C 252 0.64 12.74 17.96
N GLU C 253 1.12 12.30 16.79
CA GLU C 253 0.37 11.37 15.96
C GLU C 253 0.14 10.06 16.69
N ALA C 254 1.21 9.48 17.22
CA ALA C 254 1.05 8.20 17.91
C ALA C 254 0.20 8.35 19.16
N MET C 255 0.37 9.47 19.88
CA MET C 255 -0.44 9.73 21.06
C MET C 255 -1.93 9.82 20.70
N ASN C 256 -2.26 10.60 19.66
CA ASN C 256 -3.66 10.73 19.28
C ASN C 256 -4.22 9.41 18.79
N ARG C 257 -3.39 8.56 18.16
CA ARG C 257 -3.87 7.24 17.74
C ARG C 257 -4.13 6.34 18.94
N MET C 258 -3.27 6.39 19.96
CA MET C 258 -3.57 5.68 21.20
C MET C 258 -4.86 6.20 21.83
N ILE C 259 -5.03 7.53 21.88
CA ILE C 259 -6.23 8.08 22.50
C ILE C 259 -7.47 7.60 21.78
N ARG C 260 -7.45 7.67 20.44
CA ARG C 260 -8.58 7.16 19.66
C ARG C 260 -8.85 5.70 19.98
N HIS C 261 -7.78 4.89 20.05
CA HIS C 261 -7.93 3.47 20.32
C HIS C 261 -8.55 3.21 21.70
N SER C 262 -8.24 4.05 22.69
CA SER C 262 -8.81 3.81 24.01
C SER C 262 -10.33 3.98 24.03
N GLU C 263 -10.89 4.80 23.12
CA GLU C 263 -12.33 4.95 23.03
C GLU C 263 -13.01 3.61 22.75
N PHE C 264 -12.52 2.86 21.76
CA PHE C 264 -13.09 1.55 21.48
C PHE C 264 -12.97 0.62 22.68
N CYS C 265 -11.80 0.61 23.33
CA CYS C 265 -11.60 -0.27 24.47
C CYS C 265 -12.56 0.10 25.61
N GLU C 266 -12.75 1.39 25.86
CA GLU C 266 -13.73 1.81 26.86
C GLU C 266 -15.15 1.43 26.42
N ARG C 267 -15.43 1.41 25.13
CA ARG C 267 -16.77 1.09 24.69
C ARG C 267 -17.06 -0.41 24.71
N MET C 268 -16.05 -1.26 24.72
CA MET C 268 -16.32 -2.68 24.71
C MET C 268 -16.55 -3.26 26.10
N ILE C 269 -16.44 -2.47 27.16
CA ILE C 269 -16.83 -2.94 28.48
C ILE C 269 -18.36 -2.94 28.54
N ALA C 270 -18.94 -4.11 28.73
CA ALA C 270 -20.39 -4.30 28.72
C ALA C 270 -21.05 -3.70 29.96
N PRO C 271 -22.38 -3.55 29.97
CA PRO C 271 -23.05 -3.06 31.18
C PRO C 271 -22.80 -3.92 32.43
N ASP C 272 -22.53 -5.22 32.26
CA ASP C 272 -22.22 -6.10 33.38
C ASP C 272 -20.74 -6.11 33.76
N GLY C 273 -19.96 -5.13 33.28
CA GLY C 273 -18.55 -5.12 33.62
C GLY C 273 -17.70 -6.20 32.99
N THR C 274 -18.21 -6.90 31.97
CA THR C 274 -17.40 -7.84 31.20
C THR C 274 -16.90 -7.17 29.92
N TYR C 275 -16.14 -7.91 29.14
CA TYR C 275 -15.70 -7.45 27.83
C TYR C 275 -15.46 -8.67 26.97
N PRO C 276 -15.48 -8.53 25.64
CA PRO C 276 -15.48 -9.73 24.79
C PRO C 276 -14.13 -10.41 24.79
N ALA C 277 -14.15 -11.74 24.79
CA ALA C 277 -12.95 -12.55 24.59
C ALA C 277 -12.77 -12.81 23.10
N PHE C 278 -11.69 -12.29 22.52
CA PHE C 278 -11.48 -12.44 21.10
C PHE C 278 -9.99 -12.28 20.80
N GLY C 279 -9.55 -12.90 19.70
CA GLY C 279 -8.18 -12.76 19.26
C GLY C 279 -7.23 -13.63 20.04
N ARG C 280 -5.96 -13.62 19.62
CA ARG C 280 -4.96 -14.47 20.24
C ARG C 280 -4.49 -13.88 21.57
N SER C 281 -3.77 -14.69 22.36
CA SER C 281 -3.27 -14.27 23.68
C SER C 281 -4.36 -13.68 24.56
N VAL C 282 -5.54 -14.30 24.54
CA VAL C 282 -6.64 -13.80 25.36
C VAL C 282 -6.38 -13.98 26.85
N THR C 283 -5.46 -14.89 27.21
CA THR C 283 -5.03 -15.14 28.58
C THR C 283 -4.33 -13.96 29.23
N TYR C 284 -4.05 -12.89 28.47
CA TYR C 284 -3.49 -11.68 29.07
C TYR C 284 -4.53 -10.88 29.82
N ARG C 285 -5.81 -11.21 29.63
CA ARG C 285 -6.91 -10.69 30.43
C ARG C 285 -7.00 -9.17 30.32
N THR C 286 -6.98 -8.46 31.43
CA THR C 286 -7.24 -7.02 31.39
C THR C 286 -6.13 -6.21 30.72
N ALA C 287 -5.02 -6.85 30.30
CA ALA C 287 -4.05 -6.11 29.50
C ALA C 287 -4.65 -5.62 28.19
N ALA C 288 -5.81 -6.14 27.79
CA ALA C 288 -6.56 -5.54 26.70
C ALA C 288 -6.89 -4.08 26.94
N PHE C 289 -6.80 -3.60 28.18
CA PHE C 289 -7.10 -2.21 28.49
C PHE C 289 -5.87 -1.38 28.76
N GLN C 290 -4.69 -1.82 28.31
CA GLN C 290 -3.50 -1.02 28.58
C GLN C 290 -3.59 0.34 27.89
N SER C 291 -4.09 0.40 26.64
CA SER C 291 -4.15 1.70 25.97
C SER C 291 -5.14 2.62 26.67
N LEU C 292 -6.24 2.07 27.19
CA LEU C 292 -7.18 2.87 27.98
C LEU C 292 -6.56 3.32 29.29
N ALA C 293 -5.89 2.40 29.99
CA ALA C 293 -5.23 2.72 31.25
C ALA C 293 -4.07 3.68 31.05
N ASP C 294 -3.40 3.60 29.91
CA ASP C 294 -2.28 4.49 29.61
C ASP C 294 -2.79 5.90 29.35
N VAL C 295 -3.82 6.02 28.52
CA VAL C 295 -4.40 7.33 28.25
C VAL C 295 -4.97 7.95 29.53
N ALA C 296 -5.63 7.13 30.36
CA ALA C 296 -6.11 7.63 31.66
C ALA C 296 -4.97 8.11 32.54
N LEU C 297 -3.92 7.29 32.68
CA LEU C 297 -2.78 7.72 33.48
C LEU C 297 -2.21 9.03 32.97
N ARG C 298 -2.08 9.16 31.65
CA ARG C 298 -1.59 10.37 31.01
C ARG C 298 -2.59 11.51 31.07
N LYS C 299 -3.80 11.27 31.59
CA LYS C 299 -4.82 12.32 31.71
C LYS C 299 -5.14 12.92 30.34
N LYS C 300 -5.20 12.08 29.32
CA LYS C 300 -5.48 12.49 27.95
C LYS C 300 -6.79 11.91 27.43
N LEU C 301 -7.72 11.54 28.31
CA LEU C 301 -8.99 11.01 27.86
C LEU C 301 -9.75 12.06 27.06
N PRO C 302 -10.44 11.67 26.00
CA PRO C 302 -11.23 12.64 25.23
C PRO C 302 -12.38 13.20 26.07
N SER C 303 -12.77 14.44 25.76
CA SER C 303 -13.56 15.25 26.69
C SER C 303 -14.91 14.61 27.03
N HIS C 304 -15.47 13.80 26.13
CA HIS C 304 -16.76 13.14 26.37
C HIS C 304 -16.63 11.84 27.17
N VAL C 305 -15.42 11.45 27.57
CA VAL C 305 -15.18 10.21 28.30
C VAL C 305 -14.60 10.62 29.65
N SER C 306 -15.44 10.61 30.70
CA SER C 306 -15.00 11.15 31.98
C SER C 306 -13.95 10.22 32.62
N PRO C 307 -13.00 10.79 33.35
CA PRO C 307 -12.11 9.93 34.16
C PRO C 307 -12.88 8.99 35.05
N ALA C 308 -14.01 9.44 35.59
CA ALA C 308 -14.75 8.63 36.54
C ALA C 308 -15.35 7.39 35.87
N GLN C 309 -15.91 7.55 34.66
CA GLN C 309 -16.54 6.40 34.00
C GLN C 309 -15.50 5.37 33.59
N VAL C 310 -14.27 5.81 33.31
CA VAL C 310 -13.16 4.89 33.09
C VAL C 310 -12.79 4.19 34.38
N ARG C 311 -12.59 4.97 35.46
CA ARG C 311 -12.34 4.38 36.76
C ARG C 311 -13.38 3.29 37.07
N CYS C 312 -14.65 3.60 36.82
CA CYS C 312 -15.74 2.73 37.25
C CYS C 312 -15.86 1.51 36.34
N ALA C 313 -15.73 1.69 35.03
CA ALA C 313 -15.74 0.56 34.12
C ALA C 313 -14.63 -0.43 34.46
N LEU C 314 -13.41 0.07 34.61
CA LEU C 314 -12.30 -0.81 34.93
C LEU C 314 -12.40 -1.39 36.35
N THR C 315 -13.09 -0.72 37.27
CA THR C 315 -13.30 -1.36 38.57
C THR C 315 -14.20 -2.58 38.41
N ALA C 316 -15.25 -2.47 37.60
CA ALA C 316 -16.11 -3.62 37.35
C ALA C 316 -15.34 -4.75 36.66
N VAL C 317 -14.51 -4.42 35.66
CA VAL C 317 -13.69 -5.44 35.02
C VAL C 317 -12.74 -6.07 36.03
N HIS C 318 -11.96 -5.23 36.74
CA HIS C 318 -10.98 -5.74 37.69
C HIS C 318 -11.62 -6.65 38.73
N ARG C 319 -12.82 -6.30 39.20
CA ARG C 319 -13.47 -7.17 40.18
C ARG C 319 -13.95 -8.46 39.54
N ASN C 320 -14.57 -8.36 38.36
CA ASN C 320 -15.07 -9.55 37.68
C ASN C 320 -13.95 -10.54 37.40
N MET C 321 -12.72 -10.05 37.27
CA MET C 321 -11.62 -10.93 36.92
C MET C 321 -10.74 -11.30 38.10
N TYR C 322 -10.62 -10.46 39.11
CA TYR C 322 -9.60 -10.65 40.13
C TYR C 322 -10.13 -10.75 41.55
N GLU C 323 -11.38 -10.36 41.83
CA GLU C 323 -11.88 -10.42 43.20
C GLU C 323 -12.01 -11.86 43.68
N GLY C 324 -12.71 -12.69 42.92
CA GLY C 324 -12.72 -14.12 43.21
C GLY C 324 -11.39 -14.76 42.87
N ASN C 325 -11.35 -16.09 43.02
CA ASN C 325 -10.12 -16.84 42.81
C ASN C 325 -10.19 -17.72 41.55
N GLN C 326 -11.17 -17.47 40.68
CA GLN C 326 -11.33 -18.30 39.51
C GLN C 326 -10.10 -18.26 38.60
N ASN C 327 -9.28 -17.20 38.67
CA ASN C 327 -8.11 -17.03 37.81
C ASN C 327 -6.79 -17.29 38.54
N PHE C 328 -6.81 -17.89 39.72
CA PHE C 328 -5.61 -18.11 40.52
C PHE C 328 -5.51 -19.57 40.92
N ASP C 329 -4.31 -19.99 41.29
CA ASP C 329 -4.12 -21.34 41.81
C ASP C 329 -4.14 -21.30 43.34
N LYS C 330 -3.93 -22.47 43.96
CA LYS C 330 -4.02 -22.60 45.41
C LYS C 330 -3.00 -21.75 46.14
N ASP C 331 -1.94 -21.31 45.47
CA ASP C 331 -0.87 -20.52 46.08
C ASP C 331 -0.87 -19.07 45.61
N GLY C 332 -1.92 -18.60 44.96
CA GLY C 332 -2.01 -17.20 44.60
C GLY C 332 -1.33 -16.81 43.30
N TRP C 333 -0.94 -17.76 42.46
CA TRP C 333 -0.40 -17.45 41.14
C TRP C 333 -1.52 -17.47 40.11
N LEU C 334 -1.38 -16.66 39.06
CA LEU C 334 -2.36 -16.70 37.99
C LEU C 334 -2.28 -18.03 37.25
N VAL C 335 -3.44 -18.52 36.79
CA VAL C 335 -3.52 -19.76 36.03
C VAL C 335 -3.91 -19.45 34.60
N LEU C 336 -3.64 -20.40 33.70
CA LEU C 336 -3.96 -20.24 32.29
C LEU C 336 -5.46 -20.16 32.11
N GLY C 337 -5.93 -19.12 31.43
CA GLY C 337 -7.32 -18.99 31.09
C GLY C 337 -7.74 -17.54 30.95
N PHE C 338 -9.05 -17.34 30.99
CA PHE C 338 -9.67 -16.03 30.79
C PHE C 338 -10.42 -15.61 32.05
N ASN C 339 -11.54 -16.26 32.35
CA ASN C 339 -12.20 -16.09 33.64
C ASN C 339 -12.50 -17.50 34.17
N GLY C 340 -11.57 -18.06 34.90
CA GLY C 340 -11.59 -19.45 35.29
C GLY C 340 -10.31 -20.14 34.87
N HIS C 341 -10.22 -21.41 35.21
CA HIS C 341 -9.08 -22.21 34.76
C HIS C 341 -9.44 -22.80 33.41
N GLN C 342 -8.97 -22.15 32.34
CA GLN C 342 -9.32 -22.50 30.97
C GLN C 342 -8.04 -22.63 30.16
N PRO C 343 -7.21 -23.64 30.45
CA PRO C 343 -5.94 -23.78 29.70
C PRO C 343 -6.16 -24.02 28.22
N GLU C 344 -7.38 -24.36 27.79
CA GLU C 344 -7.65 -24.63 26.40
C GLU C 344 -7.57 -23.36 25.52
N CYS C 345 -7.58 -22.17 26.11
CA CYS C 345 -7.45 -20.96 25.31
C CYS C 345 -6.04 -20.36 25.34
N ALA C 346 -5.08 -21.01 26.02
CA ALA C 346 -3.70 -20.52 26.03
C ALA C 346 -2.96 -20.93 24.77
N ASP C 347 -2.22 -19.99 24.20
CA ASP C 347 -1.38 -20.29 23.04
C ASP C 347 -0.20 -21.14 23.48
N GLY C 348 0.39 -21.84 22.49
CA GLY C 348 1.55 -22.66 22.76
C GLY C 348 2.75 -21.89 23.28
N TYR C 349 2.79 -20.58 23.09
CA TYR C 349 3.89 -19.78 23.61
C TYR C 349 3.66 -19.29 25.03
N THR C 350 2.51 -19.58 25.63
CA THR C 350 2.12 -18.99 26.89
C THR C 350 2.42 -19.93 28.06
N SER C 351 2.99 -19.37 29.12
CA SER C 351 3.15 -20.10 30.39
C SER C 351 2.71 -19.24 31.56
N THR C 352 2.97 -19.71 32.78
CA THR C 352 2.53 -18.98 33.98
C THR C 352 3.08 -17.56 33.99
N GLY C 353 4.39 -17.42 33.78
CA GLY C 353 5.00 -16.10 33.79
C GLY C 353 4.38 -15.15 32.78
N SER C 354 3.94 -15.68 31.63
CA SER C 354 3.32 -14.86 30.59
C SER C 354 2.10 -14.12 31.11
N LEU C 355 1.40 -14.70 32.08
CA LEU C 355 0.09 -14.17 32.47
C LEU C 355 0.17 -12.80 33.15
N TYR C 356 1.34 -12.36 33.58
CA TYR C 356 1.38 -11.17 34.42
C TYR C 356 1.24 -9.87 33.63
N MET C 357 0.96 -9.97 32.31
CA MET C 357 0.36 -8.88 31.55
C MET C 357 -0.82 -8.28 32.32
N ALA C 358 -1.45 -9.10 33.16
CA ALA C 358 -2.66 -8.70 33.86
C ALA C 358 -2.49 -7.40 34.65
N THR C 359 -1.26 -7.02 34.99
CA THR C 359 -1.02 -5.77 35.72
C THR C 359 -1.26 -4.53 34.87
N LEU C 360 -1.22 -4.68 33.55
CA LEU C 360 -1.13 -3.52 32.66
C LEU C 360 -2.40 -2.67 32.63
N SER C 361 -3.51 -3.16 33.14
CA SER C 361 -4.69 -2.30 33.24
C SER C 361 -4.69 -1.42 34.47
N PHE C 362 -3.70 -1.55 35.36
CA PHE C 362 -3.65 -0.85 36.62
C PHE C 362 -2.85 0.45 36.58
N LEU C 363 -2.50 0.93 35.39
CA LEU C 363 -1.64 2.11 35.30
C LEU C 363 -2.21 3.33 36.03
N PRO C 364 -3.52 3.62 36.00
CA PRO C 364 -4.03 4.84 36.66
C PRO C 364 -3.80 4.91 38.18
N LEU C 365 -3.39 3.83 38.84
CA LEU C 365 -2.92 3.98 40.20
C LEU C 365 -1.71 4.88 40.28
N GLY C 366 -0.99 5.06 39.16
CA GLY C 366 0.07 6.06 39.06
C GLY C 366 -0.40 7.50 39.21
N LEU C 367 -1.74 7.76 39.16
CA LEU C 367 -2.30 9.05 39.57
C LEU C 367 -2.41 9.10 41.10
N PRO C 368 -2.11 10.24 41.73
CA PRO C 368 -2.26 10.33 43.19
C PRO C 368 -3.72 10.10 43.60
N ALA C 369 -3.90 9.81 44.90
CA ALA C 369 -5.22 9.53 45.42
C ALA C 369 -6.17 10.72 45.32
N ASP C 370 -5.64 11.93 45.24
CA ASP C 370 -6.48 13.13 45.14
C ASP C 370 -6.69 13.60 43.71
N ASP C 371 -6.23 12.83 42.72
CA ASP C 371 -6.52 13.17 41.33
C ASP C 371 -8.02 13.03 41.04
N PRO C 372 -8.59 13.90 40.21
CA PRO C 372 -10.01 13.75 39.83
C PRO C 372 -10.38 12.36 39.32
N PHE C 373 -9.44 11.64 38.68
CA PHE C 373 -9.73 10.27 38.28
C PHE C 373 -10.16 9.40 39.46
N TRP C 374 -9.67 9.69 40.66
CA TRP C 374 -9.96 8.89 41.83
C TRP C 374 -10.91 9.55 42.82
N THR C 375 -11.32 10.79 42.56
CA THR C 375 -12.23 11.49 43.46
C THR C 375 -13.52 11.98 42.79
N ASP C 376 -13.55 12.07 41.46
CA ASP C 376 -14.79 12.41 40.78
C ASP C 376 -15.87 11.38 41.09
N ALA C 377 -17.11 11.83 41.13
CA ALA C 377 -18.21 10.95 41.50
C ALA C 377 -18.35 9.82 40.51
N TYR C 378 -18.82 8.68 41.00
CA TYR C 378 -19.16 7.53 40.16
C TYR C 378 -19.89 7.99 38.89
N ALA C 379 -19.54 7.36 37.76
CA ALA C 379 -20.20 7.62 36.49
C ALA C 379 -20.33 6.33 35.69
N ASP C 380 -21.47 6.14 35.02
CA ASP C 380 -21.66 4.99 34.14
C ASP C 380 -20.75 5.10 32.92
N TRP C 381 -20.22 3.96 32.50
CA TRP C 381 -19.41 3.93 31.29
C TRP C 381 -20.33 3.86 30.06
N THR C 382 -19.73 3.83 28.87
CA THR C 382 -20.47 4.16 27.67
C THR C 382 -21.60 3.17 27.40
N SER C 383 -21.30 1.87 27.44
CA SER C 383 -22.33 0.89 27.11
C SER C 383 -23.37 0.77 28.23
N LYS C 384 -22.96 0.96 29.49
CA LYS C 384 -23.92 0.97 30.58
C LYS C 384 -24.94 2.10 30.39
N LYS C 385 -24.48 3.26 29.90
CA LYS C 385 -25.39 4.35 29.59
C LYS C 385 -26.25 4.00 28.39
N ALA C 386 -25.61 3.57 27.29
CA ALA C 386 -26.34 3.32 26.05
C ALA C 386 -27.47 2.33 26.23
N TRP C 387 -27.26 1.28 27.03
CA TRP C 387 -28.21 0.18 27.08
C TRP C 387 -29.39 0.44 28.01
N LYS C 388 -29.32 1.43 28.88
CA LYS C 388 -30.46 1.80 29.72
C LYS C 388 -31.17 3.05 29.21
N GLY C 389 -30.85 3.51 27.99
CA GLY C 389 -31.47 4.69 27.44
C GLY C 389 -30.81 5.99 27.84
N GLY C 390 -29.66 5.94 28.49
CA GLY C 390 -28.95 7.15 28.84
C GLY C 390 -28.37 7.81 27.62
N HIS C 391 -27.69 8.93 27.87
CA HIS C 391 -27.04 9.67 26.79
C HIS C 391 -26.00 8.79 26.09
N LEU C 392 -25.92 8.91 24.76
CA LEU C 392 -24.97 8.14 23.96
C LEU C 392 -24.25 9.09 22.99
N HIS C 393 -23.00 9.41 23.32
CA HIS C 393 -22.17 10.24 22.45
C HIS C 393 -22.05 9.62 21.06
N LYS C 394 -22.26 10.43 20.02
CA LYS C 394 -22.11 9.93 18.66
C LYS C 394 -20.64 9.64 18.39
N ASP C 395 -20.35 8.40 18.01
CA ASP C 395 -19.01 7.98 17.62
C ASP C 395 -18.85 8.08 16.11
N TYR C 396 -17.60 8.24 15.67
CA TYR C 396 -17.31 8.38 14.24
C TYR C 396 -15.83 8.09 13.99
N LYS C 397 -15.51 7.28 12.99
CA LYS C 397 -14.11 6.97 12.72
C LYS C 397 -13.35 8.25 12.37
N VAL C 398 -12.10 8.31 12.80
CA VAL C 398 -11.29 9.49 12.58
C VAL C 398 -10.35 9.22 11.40
N GLU C 399 -9.80 10.30 10.85
CA GLU C 399 -8.92 10.19 9.69
C GLU C 399 -7.45 10.35 10.03
N TYR C 400 -7.12 10.65 11.28
CA TYR C 400 -5.73 10.76 11.64
C TYR C 400 -5.21 9.43 12.17
N GLN D 16 -35.04 -20.95 30.83
CA GLN D 16 -34.46 -20.76 29.51
C GLN D 16 -35.38 -21.34 28.45
N THR D 17 -35.34 -20.77 27.24
CA THR D 17 -36.26 -21.11 26.18
C THR D 17 -35.71 -22.22 25.29
N THR D 18 -36.60 -22.83 24.51
CA THR D 18 -36.25 -23.80 23.50
C THR D 18 -36.06 -23.10 22.16
N GLY D 19 -35.53 -23.84 21.19
CA GLY D 19 -35.42 -23.30 19.85
C GLY D 19 -36.75 -22.83 19.31
N THR D 20 -37.81 -23.61 19.52
CA THR D 20 -39.12 -23.26 18.99
C THR D 20 -39.64 -21.97 19.60
N GLN D 21 -39.45 -21.80 20.92
CA GLN D 21 -39.84 -20.55 21.55
C GLN D 21 -38.98 -19.39 21.04
N ASP D 22 -37.71 -19.65 20.71
CA ASP D 22 -36.87 -18.60 20.14
C ASP D 22 -37.36 -18.18 18.76
N ARG D 23 -37.76 -19.15 17.93
CA ARG D 23 -38.26 -18.82 16.59
C ARG D 23 -39.52 -17.98 16.67
N ALA D 24 -40.44 -18.34 17.57
CA ALA D 24 -41.65 -17.55 17.74
C ALA D 24 -41.33 -16.14 18.23
N ILE D 25 -40.31 -16.02 19.08
CA ILE D 25 -39.85 -14.70 19.51
C ILE D 25 -39.35 -13.89 18.31
N TRP D 26 -38.47 -14.48 17.48
CA TRP D 26 -37.95 -13.75 16.33
C TRP D 26 -39.07 -13.33 15.39
N VAL D 27 -40.04 -14.23 15.17
CA VAL D 27 -41.14 -13.89 14.27
C VAL D 27 -41.92 -12.71 14.82
N LYS D 28 -42.27 -12.78 16.12
CA LYS D 28 -42.97 -11.66 16.74
C LYS D 28 -42.19 -10.35 16.58
N LEU D 29 -40.88 -10.40 16.84
CA LEU D 29 -40.09 -9.16 16.86
C LEU D 29 -39.84 -8.63 15.44
N LEU D 30 -39.52 -9.52 14.50
CA LEU D 30 -39.40 -9.11 13.10
C LEU D 30 -40.69 -8.52 12.58
N TRP D 31 -41.83 -9.15 12.91
CA TRP D 31 -43.11 -8.58 12.51
C TRP D 31 -43.30 -7.21 13.13
N LYS D 32 -43.00 -7.09 14.43
CA LYS D 32 -43.08 -5.82 15.13
C LYS D 32 -42.30 -4.73 14.39
N ILE D 33 -41.07 -5.04 13.99
CA ILE D 33 -40.25 -4.07 13.26
C ILE D 33 -40.84 -3.78 11.89
N SER D 34 -41.11 -4.83 11.11
CA SER D 34 -41.27 -4.67 9.68
C SER D 34 -42.69 -4.39 9.24
N TYR D 35 -43.69 -4.92 9.95
CA TYR D 35 -45.07 -4.86 9.45
C TYR D 35 -45.54 -3.43 9.20
N PRO D 36 -45.33 -2.46 10.11
CA PRO D 36 -45.72 -1.09 9.78
C PRO D 36 -45.23 -0.62 8.42
N VAL D 37 -43.99 -0.94 8.06
CA VAL D 37 -43.48 -0.50 6.76
C VAL D 37 -44.21 -1.23 5.64
N ILE D 38 -44.31 -2.56 5.77
CA ILE D 38 -44.86 -3.36 4.68
C ILE D 38 -46.36 -3.11 4.54
N HIS D 39 -47.07 -3.03 5.66
CA HIS D 39 -48.51 -2.85 5.62
C HIS D 39 -48.88 -1.46 5.12
N ASN D 40 -48.13 -0.44 5.55
CA ASN D 40 -48.39 0.89 5.01
C ASN D 40 -48.06 0.99 3.53
N LEU D 41 -46.96 0.36 3.09
CA LEU D 41 -46.64 0.38 1.67
C LEU D 41 -47.74 -0.31 0.87
N ALA D 42 -48.24 -1.45 1.36
CA ALA D 42 -49.30 -2.13 0.65
C ALA D 42 -50.56 -1.26 0.54
N GLU D 43 -50.82 -0.44 1.56
CA GLU D 43 -52.03 0.38 1.63
C GLU D 43 -51.87 1.73 0.96
N GLY D 44 -50.69 2.03 0.42
CA GLY D 44 -50.49 3.35 -0.13
C GLY D 44 -50.33 4.44 0.89
N THR D 45 -50.12 4.10 2.15
CA THR D 45 -50.09 5.10 3.22
C THR D 45 -48.71 5.22 3.88
N LEU D 46 -47.65 4.72 3.25
CA LEU D 46 -46.33 4.79 3.85
C LEU D 46 -45.84 6.24 3.96
N HIS D 47 -45.90 6.99 2.84
CA HIS D 47 -45.53 8.40 2.91
C HIS D 47 -46.43 9.16 3.86
N GLN D 48 -47.70 8.78 3.95
CA GLN D 48 -48.63 9.50 4.82
C GLN D 48 -48.35 9.24 6.29
N ASN D 49 -48.03 8.00 6.65
CA ASN D 49 -47.98 7.66 8.08
C ASN D 49 -46.58 7.55 8.68
N MET D 50 -45.56 7.29 7.88
CA MET D 50 -44.25 7.05 8.48
C MET D 50 -43.67 8.35 9.02
N PRO D 51 -43.26 8.38 10.28
CA PRO D 51 -42.54 9.55 10.80
C PRO D 51 -41.28 9.79 9.99
N ILE D 52 -40.82 11.04 10.00
CA ILE D 52 -39.54 11.41 9.41
C ILE D 52 -38.74 12.12 10.50
N GLU D 53 -38.25 11.34 11.47
CA GLU D 53 -37.55 11.88 12.62
C GLU D 53 -36.08 12.05 12.29
N THR D 54 -35.54 13.22 12.59
CA THR D 54 -34.13 13.50 12.38
C THR D 54 -33.57 14.14 13.64
N ARG D 55 -32.25 14.06 13.80
CA ARG D 55 -31.62 14.74 14.92
C ARG D 55 -31.89 16.24 14.88
N SER D 56 -31.74 16.85 13.70
CA SER D 56 -31.98 18.29 13.54
C SER D 56 -33.45 18.67 13.63
N GLY D 57 -34.36 17.72 13.42
CA GLY D 57 -35.76 18.05 13.33
C GLY D 57 -36.21 18.51 11.97
N GLU D 58 -35.29 18.68 11.02
CA GLU D 58 -35.66 19.03 9.65
C GLU D 58 -36.12 17.79 8.89
N THR D 59 -37.10 17.98 8.01
CA THR D 59 -37.52 16.91 7.11
C THR D 59 -37.15 17.18 5.66
N ALA D 60 -36.77 18.41 5.31
CA ALA D 60 -36.39 18.71 3.95
C ALA D 60 -35.24 17.82 3.50
N GLY D 61 -35.32 17.33 2.26
CA GLY D 61 -34.32 16.40 1.76
C GLY D 61 -34.55 14.98 2.24
N TYR D 62 -34.58 14.80 3.55
CA TYR D 62 -34.86 13.47 4.11
C TYR D 62 -36.16 12.89 3.57
N LYS D 63 -37.18 13.73 3.40
CA LYS D 63 -38.47 13.22 2.93
C LYS D 63 -38.43 12.72 1.49
N ASP D 64 -37.42 13.14 0.70
CA ASP D 64 -37.23 12.63 -0.66
C ASP D 64 -36.62 11.23 -0.67
N MET D 65 -35.98 10.82 0.41
CA MET D 65 -35.24 9.56 0.38
C MET D 65 -35.65 8.57 1.44
N THR D 66 -36.28 9.01 2.54
CA THR D 66 -36.37 8.18 3.74
C THR D 66 -37.31 6.98 3.57
N HIS D 67 -38.17 6.96 2.55
CA HIS D 67 -39.14 5.88 2.36
C HIS D 67 -38.56 4.72 1.58
N LEU D 68 -37.78 4.99 0.55
CA LEU D 68 -37.01 3.90 -0.06
C LEU D 68 -36.08 3.26 0.97
N GLU D 69 -35.43 4.07 1.81
CA GLU D 69 -34.62 3.53 2.90
C GLU D 69 -35.43 2.55 3.75
N ALA D 70 -36.61 2.98 4.21
CA ALA D 70 -37.49 2.10 4.98
C ALA D 70 -37.78 0.79 4.24
N VAL D 71 -38.14 0.89 2.96
CA VAL D 71 -38.60 -0.28 2.20
C VAL D 71 -37.44 -1.22 1.90
N GLY D 72 -36.40 -0.69 1.26
CA GLY D 72 -35.24 -1.52 0.93
C GLY D 72 -34.62 -2.17 2.14
N ARG D 73 -34.44 -1.42 3.23
CA ARG D 73 -33.81 -2.01 4.40
C ARG D 73 -34.73 -3.05 5.07
N THR D 74 -36.02 -2.78 5.13
CA THR D 74 -36.92 -3.78 5.70
C THR D 74 -36.94 -5.04 4.84
N LEU D 75 -37.02 -4.88 3.52
CA LEU D 75 -37.14 -6.04 2.66
C LEU D 75 -35.86 -6.88 2.66
N ALA D 76 -34.69 -6.24 2.60
CA ALA D 76 -33.44 -6.99 2.62
C ALA D 76 -33.35 -7.93 3.83
N GLY D 77 -34.03 -7.60 4.93
CA GLY D 77 -33.92 -8.42 6.12
C GLY D 77 -35.04 -9.43 6.31
N VAL D 78 -36.23 -9.15 5.80
CA VAL D 78 -37.30 -10.13 5.84
C VAL D 78 -37.27 -11.09 4.66
N ALA D 79 -36.56 -10.76 3.58
CA ALA D 79 -36.58 -11.61 2.38
C ALA D 79 -36.34 -13.09 2.69
N PRO D 80 -35.28 -13.49 3.40
CA PRO D 80 -35.08 -14.93 3.62
C PRO D 80 -36.28 -15.63 4.23
N TRP D 81 -36.88 -15.03 5.26
CA TRP D 81 -38.07 -15.62 5.88
C TRP D 81 -39.20 -15.80 4.86
N LEU D 82 -39.45 -14.80 4.02
CA LEU D 82 -40.53 -14.90 3.04
C LEU D 82 -40.20 -15.88 1.93
N ALA D 83 -38.92 -16.25 1.78
CA ALA D 83 -38.51 -17.21 0.77
C ALA D 83 -38.87 -18.65 1.13
N LEU D 84 -39.23 -18.91 2.38
CA LEU D 84 -39.52 -20.27 2.81
C LEU D 84 -40.71 -20.86 2.06
N PRO D 85 -40.77 -22.19 1.89
CA PRO D 85 -41.95 -22.80 1.26
C PRO D 85 -43.19 -22.49 2.10
N ASP D 86 -44.34 -22.48 1.44
CA ASP D 86 -45.58 -22.21 2.17
C ASP D 86 -46.04 -23.44 2.95
N ASP D 87 -46.69 -23.18 4.08
CA ASP D 87 -47.38 -24.22 4.82
C ASP D 87 -48.50 -23.56 5.62
N ASP D 88 -49.37 -24.36 6.23
CA ASP D 88 -50.54 -23.81 6.91
C ASP D 88 -50.38 -23.71 8.43
N THR D 89 -49.18 -23.92 8.97
CA THR D 89 -48.95 -23.63 10.38
C THR D 89 -49.24 -22.16 10.67
N GLU D 90 -49.40 -21.85 11.97
CA GLU D 90 -49.59 -20.47 12.39
C GLU D 90 -48.53 -19.54 11.81
N GLU D 91 -47.26 -19.98 11.79
CA GLU D 91 -46.22 -19.15 11.17
C GLU D 91 -46.36 -19.12 9.65
N GLY D 92 -46.70 -20.23 9.03
CA GLY D 92 -46.94 -20.23 7.60
C GLY D 92 -47.98 -19.20 7.18
N LYS D 93 -49.05 -19.05 7.97
CA LYS D 93 -50.07 -18.06 7.67
C LYS D 93 -49.48 -16.66 7.68
N LEU D 94 -48.67 -16.35 8.70
CA LEU D 94 -48.03 -15.04 8.78
C LEU D 94 -47.11 -14.78 7.59
N ARG D 95 -46.33 -15.79 7.18
CA ARG D 95 -45.42 -15.61 6.05
C ARG D 95 -46.16 -15.27 4.78
N LYS D 96 -47.29 -15.94 4.52
CA LYS D 96 -48.03 -15.70 3.30
C LYS D 96 -48.75 -14.35 3.35
N GLN D 97 -49.25 -13.97 4.53
CA GLN D 97 -49.86 -12.66 4.67
C GLN D 97 -48.87 -11.55 4.35
N MET D 98 -47.67 -11.62 4.95
CA MET D 98 -46.68 -10.59 4.72
C MET D 98 -46.22 -10.58 3.27
N ARG D 99 -45.95 -11.76 2.70
CA ARG D 99 -45.45 -11.82 1.32
C ARG D 99 -46.44 -11.17 0.36
N GLU D 100 -47.73 -11.46 0.52
CA GLU D 100 -48.74 -10.85 -0.33
C GLU D 100 -48.76 -9.33 -0.19
N GLU D 101 -48.52 -8.83 1.02
CA GLU D 101 -48.50 -7.38 1.18
C GLU D 101 -47.20 -6.75 0.66
N VAL D 102 -46.07 -7.46 0.73
CA VAL D 102 -44.85 -6.96 0.08
C VAL D 102 -45.05 -6.89 -1.43
N LEU D 103 -45.58 -7.96 -2.02
CA LEU D 103 -45.84 -7.96 -3.46
C LEU D 103 -46.73 -6.81 -3.86
N LYS D 104 -47.74 -6.51 -3.04
CA LYS D 104 -48.63 -5.39 -3.32
C LYS D 104 -47.91 -4.05 -3.21
N GLY D 105 -47.19 -3.84 -2.10
CA GLY D 105 -46.43 -2.61 -1.95
C GLY D 105 -45.39 -2.41 -3.04
N LEU D 106 -44.73 -3.50 -3.46
CA LEU D 106 -43.70 -3.37 -4.50
C LEU D 106 -44.30 -2.86 -5.80
N LYS D 107 -45.50 -3.34 -6.15
CA LYS D 107 -46.22 -2.79 -7.29
C LYS D 107 -46.52 -1.30 -7.09
N ASN D 108 -47.01 -0.94 -5.89
CA ASN D 108 -47.27 0.47 -5.60
C ASN D 108 -46.00 1.30 -5.78
N ALA D 109 -44.87 0.78 -5.32
CA ALA D 109 -43.68 1.60 -5.19
C ALA D 109 -43.17 2.13 -6.52
N VAL D 110 -43.55 1.51 -7.64
CA VAL D 110 -43.15 1.98 -8.96
C VAL D 110 -44.34 2.38 -9.82
N ASP D 111 -45.55 2.31 -9.30
CA ASP D 111 -46.73 2.80 -10.00
C ASP D 111 -46.71 4.33 -10.04
N PRO D 112 -46.64 4.96 -11.21
CA PRO D 112 -46.53 6.44 -11.23
C PRO D 112 -47.76 7.16 -10.70
N ALA D 113 -48.89 6.48 -10.56
CA ALA D 113 -50.08 7.10 -9.97
C ALA D 113 -50.26 6.75 -8.50
N SER D 114 -49.37 5.94 -7.93
CA SER D 114 -49.61 5.55 -6.55
C SER D 114 -49.09 6.62 -5.60
N PRO D 115 -49.79 6.84 -4.48
CA PRO D 115 -49.29 7.79 -3.48
C PRO D 115 -48.00 7.34 -2.83
N ASP D 116 -47.63 6.06 -2.93
CA ASP D 116 -46.42 5.54 -2.32
C ASP D 116 -45.31 5.29 -3.33
N LEU D 117 -45.42 5.89 -4.51
CA LEU D 117 -44.33 5.87 -5.46
C LEU D 117 -43.05 6.34 -4.79
N LEU D 118 -41.99 5.56 -4.96
CA LEU D 118 -40.71 5.82 -4.31
C LEU D 118 -39.78 6.61 -5.23
N ASN D 119 -38.85 7.33 -4.61
CA ASN D 119 -37.90 8.16 -5.34
C ASN D 119 -36.67 7.36 -5.71
N PHE D 120 -36.34 7.33 -7.00
CA PHE D 120 -35.07 6.79 -7.48
C PHE D 120 -34.19 7.82 -8.18
N THR D 121 -34.73 9.00 -8.53
CA THR D 121 -34.05 9.91 -9.44
C THR D 121 -33.39 11.10 -8.75
N LYS D 122 -33.80 11.44 -7.53
CA LYS D 122 -33.31 12.62 -6.82
C LYS D 122 -32.36 12.20 -5.71
N HIS D 123 -31.23 12.91 -5.59
CA HIS D 123 -30.19 12.68 -4.60
C HIS D 123 -29.38 11.42 -4.89
N ALA D 124 -28.20 11.31 -4.27
CA ALA D 124 -27.41 10.10 -4.42
C ALA D 124 -27.94 8.96 -3.54
N GLN D 125 -28.65 9.29 -2.47
CA GLN D 125 -29.09 8.28 -1.50
C GLN D 125 -29.81 7.08 -2.09
N PRO D 126 -30.70 7.23 -3.10
CA PRO D 126 -31.33 6.04 -3.70
C PRO D 126 -30.36 4.95 -4.11
N ILE D 127 -29.11 5.29 -4.42
CA ILE D 127 -28.12 4.27 -4.77
C ILE D 127 -27.97 3.26 -3.65
N VAL D 128 -28.00 3.73 -2.39
CA VAL D 128 -27.87 2.86 -1.23
C VAL D 128 -29.07 1.94 -1.10
N ASP D 129 -30.27 2.51 -1.14
CA ASP D 129 -31.44 1.76 -0.73
C ASP D 129 -32.01 0.92 -1.84
N ALA D 130 -31.79 1.33 -3.09
CA ALA D 130 -32.02 0.41 -4.21
C ALA D 130 -31.17 -0.84 -4.06
N ALA D 131 -29.92 -0.69 -3.60
CA ALA D 131 -29.07 -1.85 -3.38
C ALA D 131 -29.66 -2.80 -2.34
N TYR D 132 -30.17 -2.27 -1.22
CA TYR D 132 -30.80 -3.15 -0.25
C TYR D 132 -32.07 -3.78 -0.79
N LEU D 133 -32.79 -3.06 -1.66
CA LEU D 133 -33.95 -3.65 -2.33
C LEU D 133 -33.51 -4.74 -3.31
N VAL D 134 -32.42 -4.49 -4.04
CA VAL D 134 -31.87 -5.54 -4.89
C VAL D 134 -31.49 -6.75 -4.05
N HIS D 135 -30.93 -6.51 -2.86
CA HIS D 135 -30.51 -7.61 -2.01
C HIS D 135 -31.71 -8.44 -1.55
N ALA D 136 -32.84 -7.79 -1.29
CA ALA D 136 -34.06 -8.53 -0.99
C ALA D 136 -34.48 -9.40 -2.17
N PHE D 137 -34.45 -8.83 -3.38
CA PHE D 137 -34.76 -9.60 -4.58
C PHE D 137 -33.79 -10.77 -4.74
N LEU D 138 -32.53 -10.60 -4.34
CA LEU D 138 -31.53 -11.67 -4.46
C LEU D 138 -31.73 -12.76 -3.41
N ARG D 139 -32.19 -12.38 -2.22
CA ARG D 139 -32.41 -13.32 -1.13
C ARG D 139 -33.71 -14.09 -1.24
N ALA D 140 -34.68 -13.55 -2.00
CA ALA D 140 -35.98 -14.21 -2.20
C ALA D 140 -36.44 -14.01 -3.64
N PRO D 141 -35.67 -14.53 -4.61
CA PRO D 141 -36.04 -14.28 -6.02
C PRO D 141 -37.38 -14.86 -6.41
N LYS D 142 -37.70 -16.08 -5.99
CA LYS D 142 -38.96 -16.69 -6.42
C LYS D 142 -40.14 -16.12 -5.67
N ALA D 143 -39.93 -15.54 -4.48
CA ALA D 143 -41.02 -15.04 -3.67
C ALA D 143 -41.33 -13.57 -3.91
N LEU D 144 -40.29 -12.76 -4.17
CA LEU D 144 -40.47 -11.31 -4.22
C LEU D 144 -40.21 -10.68 -5.58
N TRP D 145 -39.50 -11.35 -6.50
CA TRP D 145 -39.28 -10.80 -7.84
C TRP D 145 -40.16 -11.47 -8.89
N GLU D 146 -40.07 -12.80 -9.02
CA GLU D 146 -40.84 -13.52 -10.02
C GLU D 146 -42.34 -13.20 -10.05
N PRO D 147 -43.06 -13.08 -8.92
CA PRO D 147 -44.50 -12.82 -9.00
C PRO D 147 -44.87 -11.43 -9.47
N LEU D 148 -43.92 -10.51 -9.62
CA LEU D 148 -44.25 -9.17 -10.07
C LEU D 148 -44.71 -9.19 -11.53
N ASP D 149 -45.70 -8.35 -11.85
CA ASP D 149 -46.10 -8.20 -13.24
C ASP D 149 -44.95 -7.62 -14.07
N GLU D 150 -45.03 -7.81 -15.39
CA GLU D 150 -43.90 -7.45 -16.25
C GLU D 150 -43.67 -5.95 -16.28
N VAL D 151 -44.75 -5.16 -16.29
CA VAL D 151 -44.61 -3.71 -16.22
C VAL D 151 -43.85 -3.31 -14.95
N THR D 152 -44.22 -3.90 -13.82
CA THR D 152 -43.54 -3.57 -12.57
C THR D 152 -42.09 -4.00 -12.60
N LYS D 153 -41.82 -5.20 -13.15
CA LYS D 153 -40.44 -5.67 -13.28
C LYS D 153 -39.60 -4.70 -14.09
N GLU D 154 -40.11 -4.30 -15.27
CA GLU D 154 -39.36 -3.41 -16.13
C GLU D 154 -39.12 -2.06 -15.44
N ARG D 155 -40.11 -1.58 -14.67
CA ARG D 155 -39.96 -0.34 -13.94
C ARG D 155 -38.80 -0.43 -12.94
N TYR D 156 -38.72 -1.52 -12.18
CA TYR D 156 -37.59 -1.67 -11.27
C TYR D 156 -36.26 -1.71 -12.04
N ILE D 157 -36.24 -2.32 -13.23
CA ILE D 157 -35.03 -2.37 -14.05
C ILE D 157 -34.62 -0.96 -14.47
N LYS D 158 -35.59 -0.19 -14.97
CA LYS D 158 -35.31 1.18 -15.38
C LYS D 158 -34.89 2.05 -14.18
N SER D 159 -35.57 1.87 -13.05
CA SER D 159 -35.20 2.60 -11.84
C SER D 159 -33.74 2.36 -11.47
N PHE D 160 -33.32 1.09 -11.51
CA PHE D 160 -31.95 0.77 -11.12
C PHE D 160 -30.94 1.35 -12.11
N GLN D 161 -31.29 1.41 -13.39
CA GLN D 161 -30.38 1.95 -14.39
C GLN D 161 -30.30 3.48 -14.33
N SER D 162 -31.36 4.15 -13.88
CA SER D 162 -31.35 5.60 -13.75
C SER D 162 -30.45 6.10 -12.63
N LEU D 163 -29.89 5.20 -11.82
CA LEU D 163 -28.98 5.61 -10.77
C LEU D 163 -27.60 5.99 -11.32
N ARG D 164 -27.29 5.61 -12.56
CA ARG D 164 -25.92 5.74 -13.07
C ARG D 164 -25.45 7.18 -13.28
N ASP D 165 -26.32 8.17 -13.10
CA ASP D 165 -25.90 9.54 -13.25
C ASP D 165 -25.37 10.13 -11.94
N ARG D 166 -25.49 9.40 -10.83
CA ARG D 166 -25.08 9.91 -9.53
C ARG D 166 -24.05 8.98 -8.90
N THR D 167 -23.42 9.46 -7.84
CA THR D 167 -22.57 8.60 -7.04
C THR D 167 -22.48 9.15 -5.63
N GLY D 168 -21.90 8.37 -4.76
CA GLY D 168 -21.73 8.80 -3.38
C GLY D 168 -20.29 8.65 -2.96
N ALA D 169 -20.11 8.22 -1.73
CA ALA D 169 -18.80 8.25 -1.11
C ALA D 169 -17.89 7.19 -1.71
N TYR D 170 -16.59 7.45 -1.65
CA TYR D 170 -15.56 6.53 -2.12
C TYR D 170 -15.27 5.55 -0.99
N ASN D 171 -16.22 4.63 -0.78
CA ASN D 171 -16.09 3.65 0.29
C ASN D 171 -16.99 2.43 0.03
N ASN D 172 -17.63 1.90 1.08
CA ASN D 172 -18.51 0.75 0.90
C ASN D 172 -19.60 0.99 -0.15
N TRP D 173 -19.93 2.26 -0.41
CA TRP D 173 -20.91 2.61 -1.45
C TRP D 173 -20.63 1.95 -2.80
N LEU D 174 -19.34 1.70 -3.11
CA LEU D 174 -19.04 1.04 -4.38
C LEU D 174 -19.77 -0.29 -4.48
N LEU D 175 -20.01 -0.95 -3.35
CA LEU D 175 -20.73 -2.22 -3.37
C LEU D 175 -22.20 -2.03 -3.70
N PHE D 176 -22.80 -0.90 -3.30
CA PHE D 176 -24.20 -0.67 -3.67
C PHE D 176 -24.36 -0.67 -5.18
N THR D 177 -23.58 0.15 -5.88
CA THR D 177 -23.75 0.21 -7.32
C THR D 177 -23.22 -1.06 -7.98
N GLY D 178 -22.15 -1.65 -7.44
CA GLY D 178 -21.67 -2.92 -7.94
C GLY D 178 -22.72 -4.02 -7.84
N LEU D 179 -23.39 -4.11 -6.69
CA LEU D 179 -24.39 -5.16 -6.49
C LEU D 179 -25.62 -4.92 -7.35
N THR D 180 -26.06 -3.67 -7.46
CA THR D 180 -27.20 -3.35 -8.31
C THR D 180 -26.94 -3.74 -9.76
N GLU D 181 -25.76 -3.39 -10.27
CA GLU D 181 -25.45 -3.73 -11.65
C GLU D 181 -25.28 -5.24 -11.83
N SER D 182 -24.80 -5.95 -10.80
CA SER D 182 -24.71 -7.40 -10.88
C SER D 182 -26.11 -8.04 -10.89
N PHE D 183 -27.09 -7.40 -10.25
CA PHE D 183 -28.46 -7.87 -10.37
C PHE D 183 -28.99 -7.70 -11.80
N LEU D 184 -28.81 -6.50 -12.37
CA LEU D 184 -29.20 -6.25 -13.76
C LEU D 184 -28.54 -7.23 -14.71
N LEU D 185 -27.26 -7.52 -14.48
CA LEU D 185 -26.57 -8.51 -15.30
C LEU D 185 -27.23 -9.88 -15.18
N GLY D 186 -27.53 -10.30 -13.95
CA GLY D 186 -28.24 -11.56 -13.76
C GLY D 186 -29.63 -11.59 -14.38
N LYS D 187 -30.27 -10.43 -14.54
CA LYS D 187 -31.59 -10.41 -15.17
C LYS D 187 -31.50 -10.38 -16.69
N GLY D 188 -30.29 -10.38 -17.24
CA GLY D 188 -30.13 -10.39 -18.67
C GLY D 188 -30.41 -9.06 -19.35
N VAL D 189 -30.41 -7.96 -18.62
CA VAL D 189 -30.62 -6.64 -19.21
C VAL D 189 -29.27 -5.91 -19.27
N GLN D 190 -29.29 -4.74 -19.91
CA GLN D 190 -28.07 -3.94 -20.08
C GLN D 190 -27.52 -3.48 -18.73
N TYR D 191 -26.24 -3.74 -18.51
CA TYR D 191 -25.60 -3.47 -17.23
C TYR D 191 -24.30 -2.70 -17.45
N ASP D 192 -23.85 -2.02 -16.40
CA ASP D 192 -22.66 -1.16 -16.45
C ASP D 192 -21.44 -1.98 -16.03
N GLN D 193 -20.64 -2.39 -17.02
CA GLN D 193 -19.48 -3.23 -16.78
C GLN D 193 -18.42 -2.50 -15.99
N PHE D 194 -18.23 -1.21 -16.26
CA PHE D 194 -17.23 -0.43 -15.55
C PHE D 194 -17.52 -0.41 -14.06
N ARG D 195 -18.79 -0.23 -13.69
CA ARG D 195 -19.17 -0.25 -12.28
C ARG D 195 -18.81 -1.58 -11.64
N ILE D 196 -19.07 -2.69 -12.32
CA ILE D 196 -18.78 -3.98 -11.70
C ILE D 196 -17.28 -4.19 -11.56
N ARG D 197 -16.51 -3.80 -12.59
CA ARG D 197 -15.08 -4.06 -12.56
C ARG D 197 -14.39 -3.29 -11.44
N VAL D 198 -14.70 -1.99 -11.31
CA VAL D 198 -13.94 -1.22 -10.35
C VAL D 198 -14.44 -1.48 -8.92
N SER D 199 -15.74 -1.73 -8.74
CA SER D 199 -16.23 -2.02 -7.39
C SER D 199 -15.65 -3.34 -6.86
N LYS D 200 -15.62 -4.37 -7.69
CA LYS D 200 -15.03 -5.64 -7.26
C LYS D 200 -13.55 -5.47 -6.90
N ASN D 201 -12.78 -4.81 -7.77
CA ASN D 201 -11.35 -4.70 -7.54
C ASN D 201 -11.03 -3.76 -6.39
N LYS D 202 -11.73 -2.63 -6.31
CA LYS D 202 -11.47 -1.69 -5.22
C LYS D 202 -11.77 -2.32 -3.87
N VAL D 203 -12.90 -3.01 -3.76
CA VAL D 203 -13.25 -3.59 -2.46
C VAL D 203 -12.23 -4.66 -2.07
N LYS D 204 -11.82 -5.49 -3.02
CA LYS D 204 -10.76 -6.46 -2.76
C LYS D 204 -9.49 -5.76 -2.28
N GLU D 205 -9.16 -4.61 -2.88
CA GLU D 205 -7.99 -3.85 -2.46
C GLU D 205 -8.14 -3.31 -1.02
N TRP D 206 -9.37 -3.10 -0.54
CA TRP D 206 -9.54 -2.58 0.81
C TRP D 206 -9.49 -3.66 1.90
N TYR D 207 -9.39 -4.94 1.56
CA TYR D 207 -9.19 -5.96 2.59
C TYR D 207 -7.89 -5.73 3.35
N VAL D 208 -7.96 -5.67 4.68
CA VAL D 208 -6.77 -5.43 5.49
C VAL D 208 -6.34 -6.65 6.28
N GLY D 209 -7.21 -7.60 6.55
CA GLY D 209 -6.82 -8.84 7.19
C GLY D 209 -7.81 -9.31 8.24
N ASP D 210 -7.73 -10.61 8.57
CA ASP D 210 -8.46 -11.20 9.67
C ASP D 210 -9.98 -10.98 9.58
N GLY D 211 -10.51 -10.96 8.35
CA GLY D 211 -11.93 -10.82 8.13
C GLY D 211 -12.45 -9.40 8.06
N TRP D 212 -11.57 -8.41 7.92
CA TRP D 212 -11.98 -7.02 7.93
C TRP D 212 -11.52 -6.30 6.67
N TYR D 213 -12.42 -5.49 6.11
CA TYR D 213 -12.10 -4.50 5.09
C TYR D 213 -12.06 -3.11 5.72
N SER D 214 -11.28 -2.22 5.11
CA SER D 214 -11.40 -0.81 5.41
C SER D 214 -12.61 -0.25 4.67
N ASP D 215 -13.44 0.51 5.39
CA ASP D 215 -14.55 1.19 4.74
C ASP D 215 -14.04 2.38 3.92
N GLY D 216 -13.63 2.13 2.68
CA GLY D 216 -12.88 3.12 1.94
C GLY D 216 -11.40 3.08 2.28
N PRO D 217 -10.66 4.14 1.90
CA PRO D 217 -9.19 4.09 2.02
C PRO D 217 -8.64 3.94 3.45
N SER D 218 -9.36 4.39 4.47
CA SER D 218 -8.83 4.31 5.84
C SER D 218 -9.65 3.35 6.69
N PHE D 219 -8.97 2.46 7.41
CA PHE D 219 -9.66 1.48 8.24
C PHE D 219 -10.57 2.17 9.25
N SER D 220 -11.79 1.66 9.37
CA SER D 220 -12.82 2.23 10.23
C SER D 220 -13.28 1.12 11.17
N MET D 221 -13.08 1.31 12.47
CA MET D 221 -13.47 0.30 13.45
C MET D 221 -14.93 0.58 13.81
N ASP D 222 -15.82 0.04 12.99
CA ASP D 222 -17.26 0.21 13.17
C ASP D 222 -17.95 -1.02 12.60
N ASN D 223 -19.27 -0.95 12.48
CA ASN D 223 -20.08 -2.08 12.07
C ASN D 223 -20.28 -2.17 10.56
N TYR D 224 -19.66 -1.28 9.77
CA TYR D 224 -19.96 -1.24 8.35
C TYR D 224 -19.49 -2.50 7.60
N ASN D 225 -18.51 -3.23 8.14
CA ASN D 225 -18.22 -4.54 7.58
C ASN D 225 -19.45 -5.45 7.62
N ALA D 226 -20.25 -5.34 8.67
CA ALA D 226 -21.49 -6.11 8.73
C ALA D 226 -22.64 -5.43 7.98
N TYR D 227 -22.74 -4.10 8.09
CA TYR D 227 -23.83 -3.38 7.45
C TYR D 227 -23.89 -3.61 5.95
N VAL D 228 -22.73 -3.66 5.30
CA VAL D 228 -22.65 -3.59 3.85
C VAL D 228 -21.72 -4.66 3.31
N MET D 229 -20.48 -4.65 3.77
CA MET D 229 -19.37 -5.07 2.93
C MET D 229 -19.36 -6.57 2.70
N HIS D 230 -19.42 -7.37 3.77
CA HIS D 230 -19.36 -8.82 3.59
C HIS D 230 -20.57 -9.34 2.83
N SER D 231 -21.77 -9.13 3.38
CA SER D 231 -22.98 -9.64 2.75
C SER D 231 -23.07 -9.25 1.28
N MET D 232 -22.77 -7.98 0.96
CA MET D 232 -22.95 -7.52 -0.42
C MET D 232 -21.78 -7.87 -1.34
N MET D 233 -20.56 -7.95 -0.81
CA MET D 233 -19.46 -8.50 -1.62
C MET D 233 -19.79 -9.93 -2.06
N VAL D 234 -20.20 -10.77 -1.10
CA VAL D 234 -20.50 -12.17 -1.38
C VAL D 234 -21.65 -12.29 -2.37
N ALA D 235 -22.75 -11.59 -2.09
CA ALA D 235 -23.89 -11.63 -2.98
C ALA D 235 -23.53 -11.09 -4.37
N MET D 236 -22.67 -10.08 -4.45
CA MET D 236 -22.28 -9.58 -5.76
C MET D 236 -21.45 -10.61 -6.52
N LEU D 237 -20.46 -11.20 -5.86
CA LEU D 237 -19.66 -12.23 -6.50
C LEU D 237 -20.50 -13.44 -6.89
N GLU D 238 -21.52 -13.75 -6.09
CA GLU D 238 -22.42 -14.84 -6.46
C GLU D 238 -23.12 -14.55 -7.78
N ASN D 239 -23.52 -13.30 -8.01
CA ASN D 239 -24.16 -12.96 -9.28
C ASN D 239 -23.17 -12.94 -10.43
N LEU D 240 -21.92 -12.56 -10.16
CA LEU D 240 -20.95 -12.43 -11.24
C LEU D 240 -20.41 -13.78 -11.69
N LEU D 241 -20.30 -14.74 -10.77
CA LEU D 241 -19.76 -16.07 -11.01
C LEU D 241 -20.34 -16.73 -12.26
N PRO D 242 -21.66 -16.94 -12.37
CA PRO D 242 -22.18 -17.67 -13.54
C PRO D 242 -21.92 -16.96 -14.85
N LYS D 243 -21.65 -15.66 -14.84
CA LYS D 243 -21.29 -14.94 -16.06
C LYS D 243 -19.80 -14.80 -16.23
N ARG D 244 -19.01 -15.47 -15.40
CA ARG D 244 -17.55 -15.39 -15.43
C ARG D 244 -17.02 -13.96 -15.24
N TRP D 245 -17.76 -13.15 -14.48
CA TRP D 245 -17.27 -11.85 -14.04
C TRP D 245 -16.57 -11.92 -12.70
N ALA D 246 -16.58 -13.09 -12.07
CA ALA D 246 -15.78 -13.36 -10.88
C ALA D 246 -15.43 -14.85 -10.89
N SER D 247 -14.38 -15.21 -10.18
CA SER D 247 -13.98 -16.61 -10.13
C SER D 247 -14.59 -17.28 -8.91
N GLN D 248 -14.63 -18.61 -8.96
CA GLN D 248 -15.02 -19.35 -7.77
C GLN D 248 -14.03 -19.11 -6.64
N LYS D 249 -12.77 -18.85 -6.98
CA LYS D 249 -11.78 -18.52 -5.97
C LYS D 249 -12.10 -17.17 -5.32
N GLU D 250 -12.48 -16.18 -6.12
CA GLU D 250 -12.85 -14.88 -5.57
C GLU D 250 -14.06 -14.99 -4.65
N LEU D 251 -15.07 -15.78 -5.05
CA LEU D 251 -16.25 -15.93 -4.20
C LEU D 251 -15.90 -16.66 -2.91
N ASP D 252 -15.08 -17.72 -3.00
CA ASP D 252 -14.69 -18.48 -1.82
C ASP D 252 -13.93 -17.60 -0.83
N GLU D 253 -12.99 -16.81 -1.33
CA GLU D 253 -12.27 -15.83 -0.52
C GLU D 253 -13.24 -14.93 0.25
N ALA D 254 -14.17 -14.30 -0.46
CA ALA D 254 -15.12 -13.40 0.19
C ALA D 254 -15.96 -14.14 1.21
N MET D 255 -16.43 -15.34 0.85
CA MET D 255 -17.22 -16.16 1.76
C MET D 255 -16.47 -16.49 3.03
N ASN D 256 -15.19 -16.89 2.90
CA ASN D 256 -14.41 -17.21 4.09
C ASN D 256 -14.10 -15.98 4.93
N ARG D 257 -13.90 -14.83 4.27
CA ARG D 257 -13.68 -13.61 5.01
C ARG D 257 -14.91 -13.22 5.82
N MET D 258 -16.10 -13.40 5.24
CA MET D 258 -17.33 -13.14 5.99
C MET D 258 -17.50 -14.12 7.14
N ILE D 259 -17.31 -15.41 6.88
CA ILE D 259 -17.30 -16.41 7.95
C ILE D 259 -16.35 -15.98 9.07
N ARG D 260 -15.12 -15.61 8.72
CA ARG D 260 -14.19 -15.12 9.75
C ARG D 260 -14.79 -13.94 10.49
N HIS D 261 -15.28 -12.95 9.74
CA HIS D 261 -15.83 -11.76 10.40
C HIS D 261 -16.93 -12.10 11.39
N SER D 262 -17.75 -13.12 11.09
CA SER D 262 -18.85 -13.44 11.96
C SER D 262 -18.37 -13.97 13.31
N GLU D 263 -17.16 -14.53 13.35
CA GLU D 263 -16.65 -15.02 14.63
C GLU D 263 -16.50 -13.89 15.61
N PHE D 264 -15.92 -12.78 15.18
CA PHE D 264 -15.79 -11.63 16.06
C PHE D 264 -17.16 -11.13 16.49
N CYS D 265 -18.12 -11.05 15.56
CA CYS D 265 -19.42 -10.50 15.90
C CYS D 265 -20.15 -11.38 16.91
N GLU D 266 -19.98 -12.70 16.81
CA GLU D 266 -20.59 -13.57 17.81
C GLU D 266 -19.88 -13.45 19.16
N ARG D 267 -18.55 -13.28 19.13
CA ARG D 267 -17.80 -13.08 20.36
C ARG D 267 -18.08 -11.74 21.04
N MET D 268 -18.64 -10.75 20.33
CA MET D 268 -18.85 -9.48 21.01
C MET D 268 -20.17 -9.39 21.76
N ILE D 269 -21.05 -10.39 21.60
CA ILE D 269 -22.26 -10.44 22.42
C ILE D 269 -21.88 -10.84 23.83
N ALA D 270 -22.23 -10.00 24.81
CA ALA D 270 -21.82 -10.15 26.21
C ALA D 270 -22.69 -11.17 26.95
N PRO D 271 -22.23 -11.65 28.11
CA PRO D 271 -23.03 -12.63 28.87
C PRO D 271 -24.43 -12.14 29.22
N ASP D 272 -24.64 -10.83 29.33
CA ASP D 272 -25.98 -10.27 29.57
C ASP D 272 -26.77 -10.04 28.28
N GLY D 273 -26.32 -10.57 27.14
CA GLY D 273 -27.06 -10.38 25.90
C GLY D 273 -27.02 -8.98 25.31
N THR D 274 -26.01 -8.18 25.66
CA THR D 274 -25.75 -6.88 25.06
C THR D 274 -24.55 -6.99 24.10
N TYR D 275 -24.20 -5.87 23.48
CA TYR D 275 -23.04 -5.78 22.61
C TYR D 275 -22.59 -4.33 22.58
N PRO D 276 -21.33 -4.07 22.21
CA PRO D 276 -20.82 -2.70 22.36
C PRO D 276 -21.48 -1.75 21.39
N ALA D 277 -21.69 -0.52 21.84
CA ALA D 277 -22.04 0.57 20.94
C ALA D 277 -20.75 1.26 20.54
N PHE D 278 -20.39 1.17 19.25
CA PHE D 278 -19.17 1.78 18.76
C PHE D 278 -19.30 2.06 17.26
N GLY D 279 -18.56 3.07 16.78
CA GLY D 279 -18.54 3.39 15.38
C GLY D 279 -19.76 4.17 14.93
N ARG D 280 -19.75 4.56 13.65
CA ARG D 280 -20.82 5.41 13.15
C ARG D 280 -22.05 4.58 12.81
N SER D 281 -23.16 5.28 12.57
CA SER D 281 -24.44 4.65 12.30
C SER D 281 -24.78 3.62 13.37
N VAL D 282 -24.51 3.96 14.64
CA VAL D 282 -24.82 3.03 15.70
C VAL D 282 -26.31 2.77 15.77
N THR D 283 -27.13 3.67 15.20
CA THR D 283 -28.58 3.60 15.20
C THR D 283 -29.13 2.46 14.38
N TYR D 284 -28.26 1.76 13.65
CA TYR D 284 -28.67 0.59 12.88
C TYR D 284 -28.91 -0.63 13.76
N ARG D 285 -28.58 -0.55 15.04
CA ARG D 285 -28.90 -1.55 16.05
C ARG D 285 -28.38 -2.91 15.57
N THR D 286 -29.22 -3.95 15.52
CA THR D 286 -28.71 -5.32 15.38
C THR D 286 -28.25 -5.64 13.97
N ALA D 287 -28.39 -4.70 13.02
CA ALA D 287 -27.74 -4.87 11.72
C ALA D 287 -26.24 -5.07 11.88
N ALA D 288 -25.69 -4.69 13.03
CA ALA D 288 -24.31 -5.04 13.38
C ALA D 288 -24.05 -6.52 13.28
N PHE D 289 -25.09 -7.36 13.32
CA PHE D 289 -24.90 -8.79 13.28
C PHE D 289 -25.24 -9.40 11.92
N GLN D 290 -25.27 -8.59 10.85
CA GLN D 290 -25.70 -9.12 9.56
C GLN D 290 -24.76 -10.21 9.05
N SER D 291 -23.45 -10.02 9.22
CA SER D 291 -22.54 -11.07 8.74
C SER D 291 -22.76 -12.36 9.51
N LEU D 292 -22.96 -12.26 10.83
CA LEU D 292 -23.30 -13.43 11.63
C LEU D 292 -24.61 -14.05 11.14
N ALA D 293 -25.65 -13.23 10.96
CA ALA D 293 -26.94 -13.71 10.47
C ALA D 293 -26.80 -14.37 9.11
N ASP D 294 -26.00 -13.78 8.22
CA ASP D 294 -25.85 -14.29 6.85
C ASP D 294 -25.13 -15.64 6.87
N VAL D 295 -23.99 -15.70 7.56
CA VAL D 295 -23.26 -16.95 7.69
C VAL D 295 -24.16 -18.04 8.29
N ALA D 296 -24.93 -17.69 9.33
CA ALA D 296 -25.87 -18.64 9.91
C ALA D 296 -26.90 -19.12 8.88
N LEU D 297 -27.51 -18.19 8.14
CA LEU D 297 -28.50 -18.60 7.14
C LEU D 297 -27.88 -19.50 6.09
N ARG D 298 -26.65 -19.19 5.68
CA ARG D 298 -25.94 -20.02 4.73
C ARG D 298 -25.44 -21.34 5.34
N LYS D 299 -25.69 -21.58 6.62
CA LYS D 299 -25.27 -22.80 7.32
C LYS D 299 -23.76 -23.00 7.16
N LYS D 300 -23.01 -21.95 7.48
CA LYS D 300 -21.56 -21.94 7.29
C LYS D 300 -20.82 -21.47 8.54
N LEU D 301 -21.45 -21.60 9.71
CA LEU D 301 -20.74 -21.27 10.94
C LEU D 301 -19.52 -22.16 11.10
N PRO D 302 -18.39 -21.64 11.59
CA PRO D 302 -17.23 -22.50 11.82
C PRO D 302 -17.53 -23.53 12.90
N SER D 303 -16.76 -24.62 12.87
CA SER D 303 -17.19 -25.85 13.55
C SER D 303 -17.34 -25.64 15.06
N HIS D 304 -16.49 -24.80 15.66
CA HIS D 304 -16.54 -24.53 17.09
C HIS D 304 -17.62 -23.51 17.48
N VAL D 305 -18.35 -22.95 16.52
CA VAL D 305 -19.49 -22.08 16.80
C VAL D 305 -20.75 -22.83 16.39
N SER D 306 -21.56 -23.27 17.38
CA SER D 306 -22.73 -24.08 17.03
C SER D 306 -23.89 -23.19 16.58
N PRO D 307 -24.76 -23.70 15.71
CA PRO D 307 -25.98 -22.95 15.36
C PRO D 307 -26.81 -22.54 16.57
N ALA D 308 -26.95 -23.41 17.57
CA ALA D 308 -27.78 -23.07 18.71
C ALA D 308 -27.21 -21.90 19.50
N GLN D 309 -25.88 -21.83 19.63
CA GLN D 309 -25.31 -20.71 20.37
C GLN D 309 -25.51 -19.39 19.64
N VAL D 310 -25.55 -19.44 18.31
CA VAL D 310 -25.89 -18.23 17.54
C VAL D 310 -27.35 -17.88 17.72
N ARG D 311 -28.24 -18.88 17.61
CA ARG D 311 -29.66 -18.63 17.86
C ARG D 311 -29.85 -17.94 19.19
N CYS D 312 -29.22 -18.49 20.24
CA CYS D 312 -29.47 -18.04 21.59
C CYS D 312 -28.85 -16.69 21.88
N ALA D 313 -27.63 -16.44 21.41
CA ALA D 313 -27.03 -15.12 21.58
C ALA D 313 -27.85 -14.05 20.89
N LEU D 314 -28.26 -14.31 19.65
CA LEU D 314 -29.08 -13.34 18.92
C LEU D 314 -30.49 -13.24 19.49
N THR D 315 -31.01 -14.30 20.12
CA THR D 315 -32.31 -14.18 20.77
C THR D 315 -32.22 -13.19 21.93
N ALA D 316 -31.14 -13.26 22.70
CA ALA D 316 -30.96 -12.34 23.81
C ALA D 316 -30.85 -10.91 23.33
N VAL D 317 -30.01 -10.67 22.32
CA VAL D 317 -29.91 -9.33 21.74
C VAL D 317 -31.27 -8.88 21.23
N HIS D 318 -31.96 -9.75 20.49
CA HIS D 318 -33.24 -9.39 19.90
C HIS D 318 -34.26 -9.00 20.96
N ARG D 319 -34.28 -9.71 22.08
CA ARG D 319 -35.24 -9.37 23.13
C ARG D 319 -34.82 -8.10 23.86
N ASN D 320 -33.51 -7.92 24.10
CA ASN D 320 -33.02 -6.72 24.77
C ASN D 320 -33.27 -5.47 23.93
N MET D 321 -33.25 -5.58 22.61
CA MET D 321 -33.45 -4.42 21.75
C MET D 321 -34.91 -4.22 21.35
N TYR D 322 -35.67 -5.29 21.12
CA TYR D 322 -36.96 -5.16 20.44
C TYR D 322 -38.18 -5.60 21.24
N GLU D 323 -38.02 -6.41 22.27
CA GLU D 323 -39.20 -6.92 22.97
C GLU D 323 -39.93 -5.80 23.72
N GLY D 324 -39.22 -5.03 24.53
CA GLY D 324 -39.79 -3.81 25.08
C GLY D 324 -40.07 -2.78 24.01
N ASN D 325 -40.48 -1.56 24.40
CA ASN D 325 -40.83 -0.53 23.42
C ASN D 325 -39.88 0.66 23.46
N GLN D 326 -38.74 0.54 24.15
CA GLN D 326 -37.81 1.65 24.30
C GLN D 326 -37.32 2.19 22.96
N ASN D 327 -37.29 1.36 21.92
CA ASN D 327 -36.80 1.78 20.60
C ASN D 327 -37.94 2.10 19.64
N PHE D 328 -39.18 2.23 20.15
CA PHE D 328 -40.37 2.38 19.33
C PHE D 328 -41.18 3.58 19.81
N ASP D 329 -41.79 4.29 18.86
CA ASP D 329 -42.69 5.38 19.21
C ASP D 329 -44.11 4.84 19.44
N LYS D 330 -45.04 5.75 19.78
CA LYS D 330 -46.38 5.32 20.18
C LYS D 330 -47.11 4.57 19.07
N ASP D 331 -46.70 4.75 17.81
CA ASP D 331 -47.35 4.12 16.67
C ASP D 331 -46.62 2.88 16.17
N GLY D 332 -45.57 2.44 16.86
CA GLY D 332 -44.86 1.24 16.46
C GLY D 332 -43.76 1.46 15.43
N TRP D 333 -43.30 2.69 15.23
CA TRP D 333 -42.16 2.93 14.37
C TRP D 333 -40.89 2.97 15.21
N LEU D 334 -39.77 2.68 14.56
CA LEU D 334 -38.49 2.77 15.23
C LEU D 334 -38.11 4.23 15.45
N VAL D 335 -37.35 4.49 16.51
CA VAL D 335 -36.92 5.84 16.83
C VAL D 335 -35.41 5.93 16.73
N LEU D 336 -34.92 7.14 16.53
CA LEU D 336 -33.50 7.42 16.57
C LEU D 336 -32.91 7.02 17.92
N GLY D 337 -31.93 6.14 17.90
CA GLY D 337 -31.26 5.77 19.13
C GLY D 337 -30.62 4.40 19.01
N PHE D 338 -30.22 3.88 20.17
CA PHE D 338 -29.54 2.60 20.25
C PHE D 338 -30.38 1.62 21.06
N ASN D 339 -30.46 1.78 22.39
CA ASN D 339 -31.47 1.11 23.20
C ASN D 339 -32.20 2.20 23.98
N GLY D 340 -33.20 2.79 23.34
CA GLY D 340 -33.87 3.94 23.88
C GLY D 340 -34.04 5.01 22.83
N HIS D 341 -34.62 6.12 23.26
CA HIS D 341 -34.76 7.30 22.40
C HIS D 341 -33.52 8.15 22.60
N GLN D 342 -32.58 8.06 21.67
CA GLN D 342 -31.27 8.67 21.82
C GLN D 342 -30.88 9.38 20.53
N PRO D 343 -31.60 10.44 20.17
CA PRO D 343 -31.29 11.15 18.92
C PRO D 343 -29.91 11.77 18.90
N GLU D 344 -29.26 11.91 20.06
CA GLU D 344 -27.93 12.50 20.09
C GLU D 344 -26.88 11.60 19.43
N CYS D 345 -27.15 10.31 19.28
CA CYS D 345 -26.22 9.41 18.62
C CYS D 345 -26.51 9.21 17.13
N ALA D 346 -27.56 9.84 16.60
CA ALA D 346 -27.92 9.65 15.21
C ALA D 346 -27.08 10.55 14.32
N ASP D 347 -26.60 9.99 13.22
CA ASP D 347 -25.84 10.77 12.25
C ASP D 347 -26.76 11.75 11.53
N GLY D 348 -26.15 12.82 11.00
CA GLY D 348 -26.91 13.79 10.24
C GLY D 348 -27.63 13.18 9.05
N TYR D 349 -27.10 12.08 8.51
CA TYR D 349 -27.72 11.48 7.33
C TYR D 349 -28.84 10.51 7.67
N THR D 350 -29.14 10.32 8.97
CA THR D 350 -30.07 9.29 9.41
C THR D 350 -31.45 9.88 9.63
N SER D 351 -32.48 9.12 9.25
CA SER D 351 -33.86 9.43 9.59
C SER D 351 -34.58 8.12 9.93
N THR D 352 -35.88 8.22 10.22
CA THR D 352 -36.67 7.05 10.62
C THR D 352 -36.48 5.88 9.66
N GLY D 353 -36.64 6.14 8.36
CA GLY D 353 -36.51 5.08 7.37
C GLY D 353 -35.18 4.36 7.46
N SER D 354 -34.09 5.10 7.75
CA SER D 354 -32.77 4.48 7.84
C SER D 354 -32.72 3.38 8.89
N LEU D 355 -33.56 3.49 9.92
CA LEU D 355 -33.47 2.62 11.08
C LEU D 355 -33.83 1.19 10.76
N TYR D 356 -34.47 0.93 9.62
CA TYR D 356 -34.96 -0.41 9.38
C TYR D 356 -33.86 -1.37 8.93
N MET D 357 -32.60 -0.93 8.95
CA MET D 357 -31.48 -1.87 9.00
C MET D 357 -31.66 -2.91 10.09
N ALA D 358 -32.46 -2.60 11.12
CA ALA D 358 -32.68 -3.50 12.26
C ALA D 358 -33.20 -4.87 11.86
N THR D 359 -33.81 -5.00 10.68
CA THR D 359 -34.24 -6.31 10.21
C THR D 359 -33.08 -7.24 9.89
N LEU D 360 -31.88 -6.72 9.62
CA LEU D 360 -30.84 -7.51 8.96
C LEU D 360 -30.21 -8.57 9.84
N SER D 361 -30.60 -8.69 11.10
CA SER D 361 -30.11 -9.78 11.94
C SER D 361 -31.08 -10.94 11.98
N PHE D 362 -32.24 -10.83 11.32
CA PHE D 362 -33.26 -11.88 11.32
C PHE D 362 -33.14 -12.80 10.10
N LEU D 363 -32.03 -12.73 9.37
CA LEU D 363 -31.82 -13.63 8.25
C LEU D 363 -31.99 -15.11 8.59
N PRO D 364 -31.51 -15.63 9.77
CA PRO D 364 -31.73 -17.06 10.08
C PRO D 364 -33.17 -17.56 9.99
N LEU D 365 -34.16 -16.67 10.11
CA LEU D 365 -35.55 -17.07 9.91
C LEU D 365 -35.77 -17.68 8.53
N GLY D 366 -34.90 -17.38 7.57
CA GLY D 366 -34.93 -18.05 6.27
C GLY D 366 -34.56 -19.53 6.33
N LEU D 367 -33.99 -19.99 7.42
CA LEU D 367 -33.86 -21.41 7.65
C LEU D 367 -35.19 -21.98 8.14
N PRO D 368 -35.62 -23.11 7.61
CA PRO D 368 -36.92 -23.67 8.00
C PRO D 368 -36.97 -23.99 9.48
N ALA D 369 -38.20 -24.20 9.96
CA ALA D 369 -38.44 -24.38 11.39
C ALA D 369 -37.92 -25.72 11.92
N ASP D 370 -37.62 -26.70 11.06
CA ASP D 370 -36.98 -27.92 11.52
C ASP D 370 -35.48 -27.93 11.27
N ASP D 371 -34.90 -26.82 10.79
CA ASP D 371 -33.46 -26.74 10.68
C ASP D 371 -32.83 -26.82 12.08
N PRO D 372 -31.64 -27.42 12.21
CA PRO D 372 -31.02 -27.55 13.53
C PRO D 372 -30.72 -26.21 14.22
N PHE D 373 -30.52 -25.14 13.45
CA PHE D 373 -30.42 -23.82 14.06
C PHE D 373 -31.61 -23.56 14.98
N TRP D 374 -32.79 -24.11 14.65
CA TRP D 374 -34.01 -23.84 15.40
C TRP D 374 -34.47 -24.99 16.27
N THR D 375 -33.86 -26.17 16.15
CA THR D 375 -34.27 -27.34 16.92
C THR D 375 -33.24 -27.78 17.94
N ASP D 376 -31.95 -27.52 17.71
CA ASP D 376 -30.92 -27.90 18.66
C ASP D 376 -31.16 -27.26 20.02
N ALA D 377 -30.72 -27.97 21.07
CA ALA D 377 -30.90 -27.54 22.44
C ALA D 377 -30.21 -26.20 22.69
N TYR D 378 -30.72 -25.47 23.68
CA TYR D 378 -30.10 -24.21 24.10
C TYR D 378 -28.60 -24.38 24.30
N ALA D 379 -27.85 -23.32 24.00
CA ALA D 379 -26.40 -23.35 24.19
C ALA D 379 -25.89 -21.95 24.50
N ASP D 380 -25.03 -21.85 25.50
CA ASP D 380 -24.40 -20.59 25.82
C ASP D 380 -23.45 -20.17 24.70
N TRP D 381 -23.40 -18.86 24.43
CA TRP D 381 -22.49 -18.35 23.42
C TRP D 381 -21.11 -18.11 24.03
N THR D 382 -20.18 -17.67 23.18
CA THR D 382 -18.76 -17.72 23.51
C THR D 382 -18.44 -16.94 24.79
N SER D 383 -18.81 -15.66 24.84
CA SER D 383 -18.45 -14.88 26.02
C SER D 383 -19.21 -15.35 27.25
N LYS D 384 -20.44 -15.84 27.07
CA LYS D 384 -21.20 -16.36 28.21
C LYS D 384 -20.52 -17.58 28.82
N LYS D 385 -19.97 -18.47 27.98
CA LYS D 385 -19.16 -19.57 28.46
C LYS D 385 -17.85 -19.08 29.09
N ALA D 386 -17.16 -18.17 28.39
CA ALA D 386 -15.85 -17.72 28.85
C ALA D 386 -15.93 -17.12 30.24
N TRP D 387 -16.94 -16.28 30.49
CA TRP D 387 -17.00 -15.55 31.75
C TRP D 387 -17.50 -16.39 32.92
N LYS D 388 -18.05 -17.58 32.67
CA LYS D 388 -18.46 -18.55 33.68
C LYS D 388 -17.37 -19.53 34.05
N GLY D 389 -16.28 -19.57 33.29
CA GLY D 389 -15.26 -20.59 33.45
C GLY D 389 -15.47 -21.81 32.61
N GLY D 390 -16.39 -21.76 31.64
CA GLY D 390 -16.62 -22.86 30.75
C GLY D 390 -15.57 -22.92 29.66
N HIS D 391 -15.79 -23.86 28.74
CA HIS D 391 -14.85 -24.07 27.65
C HIS D 391 -14.74 -22.83 26.79
N LEU D 392 -13.51 -22.37 26.56
CA LEU D 392 -13.23 -21.24 25.68
C LEU D 392 -12.31 -21.71 24.55
N HIS D 393 -12.86 -21.77 23.34
CA HIS D 393 -12.06 -22.12 22.17
C HIS D 393 -11.02 -21.04 21.85
N LYS D 394 -9.82 -21.47 21.48
CA LYS D 394 -8.71 -20.56 21.22
C LYS D 394 -8.92 -19.82 19.91
N ASP D 395 -8.81 -18.50 19.97
CA ASP D 395 -8.89 -17.68 18.78
C ASP D 395 -7.50 -17.27 18.30
N TYR D 396 -7.40 -16.98 17.01
CA TYR D 396 -6.14 -16.60 16.39
C TYR D 396 -6.44 -15.93 15.05
N LYS D 397 -5.78 -14.80 14.78
CA LYS D 397 -6.04 -14.10 13.54
C LYS D 397 -5.63 -14.97 12.34
N VAL D 398 -6.38 -14.84 11.25
CA VAL D 398 -6.18 -15.65 10.07
C VAL D 398 -5.37 -14.87 9.04
N GLU D 399 -4.74 -15.60 8.12
CA GLU D 399 -3.91 -14.99 7.09
C GLU D 399 -4.62 -14.87 5.75
N TYR D 400 -5.81 -15.43 5.61
CA TYR D 400 -6.59 -15.23 4.40
C TYR D 400 -7.54 -14.05 4.59
#